data_2BN8
# 
_entry.id   2BN8 
# 
_audit_conform.dict_name       mmcif_pdbx.dic 
_audit_conform.dict_version    5.392 
_audit_conform.dict_location   http://mmcif.pdb.org/dictionaries/ascii/mmcif_pdbx.dic 
# 
loop_
_database_2.database_id 
_database_2.database_code 
_database_2.pdbx_database_accession 
_database_2.pdbx_DOI 
PDB   2BN8         pdb_00002bn8 10.2210/pdb2bn8/pdb 
PDBE  EBI-23422    ?            ?                   
WWPDB D_1290023422 ?            ?                   
BMRB  5950         ?            10.13018/BMR5950    
# 
loop_
_pdbx_audit_revision_history.ordinal 
_pdbx_audit_revision_history.data_content_type 
_pdbx_audit_revision_history.major_revision 
_pdbx_audit_revision_history.minor_revision 
_pdbx_audit_revision_history.revision_date 
1 'Structure model' 1 0 2006-12-21 
2 'Structure model' 1 1 2017-04-19 
3 'Structure model' 1 2 2020-01-15 
4 'Structure model' 1 3 2024-05-15 
# 
_pdbx_audit_revision_details.ordinal             1 
_pdbx_audit_revision_details.revision_ordinal    1 
_pdbx_audit_revision_details.data_content_type   'Structure model' 
_pdbx_audit_revision_details.provider            repository 
_pdbx_audit_revision_details.type                'Initial release' 
_pdbx_audit_revision_details.description         ? 
_pdbx_audit_revision_details.details             ? 
# 
loop_
_pdbx_audit_revision_group.ordinal 
_pdbx_audit_revision_group.revision_ordinal 
_pdbx_audit_revision_group.data_content_type 
_pdbx_audit_revision_group.group 
1 2 'Structure model' 'Atomic model'        
2 2 'Structure model' Other                 
3 3 'Structure model' Other                 
4 4 'Structure model' 'Data collection'     
5 4 'Structure model' 'Database references' 
# 
loop_
_pdbx_audit_revision_category.ordinal 
_pdbx_audit_revision_category.revision_ordinal 
_pdbx_audit_revision_category.data_content_type 
_pdbx_audit_revision_category.category 
1 3 'Structure model' pdbx_database_status 
2 4 'Structure model' chem_comp_atom       
3 4 'Structure model' chem_comp_bond       
4 4 'Structure model' database_2           
# 
loop_
_pdbx_audit_revision_item.ordinal 
_pdbx_audit_revision_item.revision_ordinal 
_pdbx_audit_revision_item.data_content_type 
_pdbx_audit_revision_item.item 
1 3 'Structure model' '_pdbx_database_status.status_code_cs' 
2 4 'Structure model' '_database_2.pdbx_DOI'                 
3 4 'Structure model' '_database_2.pdbx_database_accession'  
# 
_pdbx_database_status.status_code                     REL 
_pdbx_database_status.entry_id                        2BN8 
_pdbx_database_status.deposit_site                    PDBE 
_pdbx_database_status.process_site                    PDBE 
_pdbx_database_status.SG_entry                        . 
_pdbx_database_status.recvd_initial_deposition_date   2005-03-22 
_pdbx_database_status.pdb_format_compatible           Y 
_pdbx_database_status.methods_development_category    ? 
_pdbx_database_status.status_code_sf                  ? 
_pdbx_database_status.status_code_mr                  ? 
_pdbx_database_status.status_code_cs                  REL 
_pdbx_database_status.status_code_nmr_data            ? 
# 
_pdbx_database_related.db_id          5950 
_pdbx_database_related.details        . 
_pdbx_database_related.db_name        BMRB 
_pdbx_database_related.content_type   unspecified 
# 
loop_
_audit_author.name 
_audit_author.pdbx_ordinal 
'Chen, H.A.'   1 
'Simpson, P.'  2 
'Huyton, T.'   3 
'Roper, D.'    4 
'Matthews, S.' 5 
# 
_citation.id                        primary 
_citation.title                     
'Solution Structure and Interactions of the Escherichia Coli Cell Division Activator Protein Ceda.' 
_citation.journal_abbrev            Biochemistry 
_citation.journal_volume            44 
_citation.page_first                6738 
_citation.page_last                 ? 
_citation.year                      2005 
_citation.journal_id_ASTM           BICHAW 
_citation.country                   US 
_citation.journal_id_ISSN           0006-2960 
_citation.journal_id_CSD            0033 
_citation.book_publisher            ? 
_citation.pdbx_database_id_PubMed   15865419 
_citation.pdbx_database_id_DOI      10.1021/BI0500269 
# 
loop_
_citation_author.citation_id 
_citation_author.name 
_citation_author.ordinal 
_citation_author.identifier_ORCID 
primary 'Chen, H.A.'   1 ? 
primary 'Simpson, P.'  2 ? 
primary 'Huyton, T.'   3 ? 
primary 'Roper, D.'    4 ? 
primary 'Matthews, S.' 5 ? 
# 
_entity.id                         1 
_entity.type                       polymer 
_entity.src_method                 man 
_entity.pdbx_description           'CELL DIVISION ACTIVATOR CEDA' 
_entity.formula_weight             10215.900 
_entity.pdbx_number_of_molecules   1 
_entity.pdbx_ec                    ? 
_entity.pdbx_mutation              ? 
_entity.pdbx_fragment              ? 
_entity.details                    ? 
# 
_entity_name_com.entity_id   1 
_entity_name_com.name        CEDA 
# 
_entity_poly.entity_id                      1 
_entity_poly.type                           'polypeptide(L)' 
_entity_poly.nstd_linkage                   no 
_entity_poly.nstd_monomer                   no 
_entity_poly.pdbx_seq_one_letter_code       
;MRLVKPVMKKPLRQQNRQIISYVPRTEPAPPEHAIKMDSFRDVWMLRGKYVAFVLMGESFLRSPAFTVPESAQRWANQIR
QEGEVTE
;
_entity_poly.pdbx_seq_one_letter_code_can   
;MRLVKPVMKKPLRQQNRQIISYVPRTEPAPPEHAIKMDSFRDVWMLRGKYVAFVLMGESFLRSPAFTVPESAQRWANQIR
QEGEVTE
;
_entity_poly.pdbx_strand_id                 A 
_entity_poly.pdbx_target_identifier         ? 
# 
loop_
_entity_poly_seq.entity_id 
_entity_poly_seq.num 
_entity_poly_seq.mon_id 
_entity_poly_seq.hetero 
1 1  MET n 
1 2  ARG n 
1 3  LEU n 
1 4  VAL n 
1 5  LYS n 
1 6  PRO n 
1 7  VAL n 
1 8  MET n 
1 9  LYS n 
1 10 LYS n 
1 11 PRO n 
1 12 LEU n 
1 13 ARG n 
1 14 GLN n 
1 15 GLN n 
1 16 ASN n 
1 17 ARG n 
1 18 GLN n 
1 19 ILE n 
1 20 ILE n 
1 21 SER n 
1 22 TYR n 
1 23 VAL n 
1 24 PRO n 
1 25 ARG n 
1 26 THR n 
1 27 GLU n 
1 28 PRO n 
1 29 ALA n 
1 30 PRO n 
1 31 PRO n 
1 32 GLU n 
1 33 HIS n 
1 34 ALA n 
1 35 ILE n 
1 36 LYS n 
1 37 MET n 
1 38 ASP n 
1 39 SER n 
1 40 PHE n 
1 41 ARG n 
1 42 ASP n 
1 43 VAL n 
1 44 TRP n 
1 45 MET n 
1 46 LEU n 
1 47 ARG n 
1 48 GLY n 
1 49 LYS n 
1 50 TYR n 
1 51 VAL n 
1 52 ALA n 
1 53 PHE n 
1 54 VAL n 
1 55 LEU n 
1 56 MET n 
1 57 GLY n 
1 58 GLU n 
1 59 SER n 
1 60 PHE n 
1 61 LEU n 
1 62 ARG n 
1 63 SER n 
1 64 PRO n 
1 65 ALA n 
1 66 PHE n 
1 67 THR n 
1 68 VAL n 
1 69 PRO n 
1 70 GLU n 
1 71 SER n 
1 72 ALA n 
1 73 GLN n 
1 74 ARG n 
1 75 TRP n 
1 76 ALA n 
1 77 ASN n 
1 78 GLN n 
1 79 ILE n 
1 80 ARG n 
1 81 GLN n 
1 82 GLU n 
1 83 GLY n 
1 84 GLU n 
1 85 VAL n 
1 86 THR n 
1 87 GLU n 
# 
_entity_src_gen.entity_id                          1 
_entity_src_gen.pdbx_src_id                        1 
_entity_src_gen.pdbx_alt_source_flag               sample 
_entity_src_gen.pdbx_seq_type                      ? 
_entity_src_gen.pdbx_beg_seq_num                   ? 
_entity_src_gen.pdbx_end_seq_num                   ? 
_entity_src_gen.gene_src_common_name               ? 
_entity_src_gen.gene_src_genus                     ? 
_entity_src_gen.pdbx_gene_src_gene                 ? 
_entity_src_gen.gene_src_species                   ? 
_entity_src_gen.gene_src_strain                    ? 
_entity_src_gen.gene_src_tissue                    ? 
_entity_src_gen.gene_src_tissue_fraction           ? 
_entity_src_gen.gene_src_details                   ? 
_entity_src_gen.pdbx_gene_src_fragment             ? 
_entity_src_gen.pdbx_gene_src_scientific_name      'ESCHERICHIA COLI' 
_entity_src_gen.pdbx_gene_src_ncbi_taxonomy_id     562 
_entity_src_gen.pdbx_gene_src_variant              ? 
_entity_src_gen.pdbx_gene_src_cell_line            ? 
_entity_src_gen.pdbx_gene_src_atcc                 ? 
_entity_src_gen.pdbx_gene_src_organ                ? 
_entity_src_gen.pdbx_gene_src_organelle            ? 
_entity_src_gen.pdbx_gene_src_cell                 ? 
_entity_src_gen.pdbx_gene_src_cellular_location    ? 
_entity_src_gen.host_org_common_name               ? 
_entity_src_gen.pdbx_host_org_scientific_name      'ESCHERICHIA COLI' 
_entity_src_gen.pdbx_host_org_ncbi_taxonomy_id     562 
_entity_src_gen.host_org_genus                     ? 
_entity_src_gen.pdbx_host_org_gene                 ? 
_entity_src_gen.pdbx_host_org_organ                ? 
_entity_src_gen.host_org_species                   ? 
_entity_src_gen.pdbx_host_org_tissue               ? 
_entity_src_gen.pdbx_host_org_tissue_fraction      ? 
_entity_src_gen.pdbx_host_org_strain               ? 
_entity_src_gen.pdbx_host_org_variant              ? 
_entity_src_gen.pdbx_host_org_cell_line            ? 
_entity_src_gen.pdbx_host_org_atcc                 ? 
_entity_src_gen.pdbx_host_org_culture_collection   ? 
_entity_src_gen.pdbx_host_org_cell                 ? 
_entity_src_gen.pdbx_host_org_organelle            ? 
_entity_src_gen.pdbx_host_org_cellular_location    ? 
_entity_src_gen.pdbx_host_org_vector_type          ? 
_entity_src_gen.pdbx_host_org_vector               ? 
_entity_src_gen.host_org_details                   ? 
_entity_src_gen.expression_system_id               ? 
_entity_src_gen.plasmid_name                       ? 
_entity_src_gen.plasmid_details                    ? 
_entity_src_gen.pdbx_description                   ? 
# 
loop_
_chem_comp.id 
_chem_comp.type 
_chem_comp.mon_nstd_flag 
_chem_comp.name 
_chem_comp.pdbx_synonyms 
_chem_comp.formula 
_chem_comp.formula_weight 
ALA 'L-peptide linking' y ALANINE         ? 'C3 H7 N O2'     89.093  
ARG 'L-peptide linking' y ARGININE        ? 'C6 H15 N4 O2 1' 175.209 
ASN 'L-peptide linking' y ASPARAGINE      ? 'C4 H8 N2 O3'    132.118 
ASP 'L-peptide linking' y 'ASPARTIC ACID' ? 'C4 H7 N O4'     133.103 
GLN 'L-peptide linking' y GLUTAMINE       ? 'C5 H10 N2 O3'   146.144 
GLU 'L-peptide linking' y 'GLUTAMIC ACID' ? 'C5 H9 N O4'     147.129 
GLY 'peptide linking'   y GLYCINE         ? 'C2 H5 N O2'     75.067  
HIS 'L-peptide linking' y HISTIDINE       ? 'C6 H10 N3 O2 1' 156.162 
ILE 'L-peptide linking' y ISOLEUCINE      ? 'C6 H13 N O2'    131.173 
LEU 'L-peptide linking' y LEUCINE         ? 'C6 H13 N O2'    131.173 
LYS 'L-peptide linking' y LYSINE          ? 'C6 H15 N2 O2 1' 147.195 
MET 'L-peptide linking' y METHIONINE      ? 'C5 H11 N O2 S'  149.211 
PHE 'L-peptide linking' y PHENYLALANINE   ? 'C9 H11 N O2'    165.189 
PRO 'L-peptide linking' y PROLINE         ? 'C5 H9 N O2'     115.130 
SER 'L-peptide linking' y SERINE          ? 'C3 H7 N O3'     105.093 
THR 'L-peptide linking' y THREONINE       ? 'C4 H9 N O3'     119.119 
TRP 'L-peptide linking' y TRYPTOPHAN      ? 'C11 H12 N2 O2'  204.225 
TYR 'L-peptide linking' y TYROSINE        ? 'C9 H11 N O3'    181.189 
VAL 'L-peptide linking' y VALINE          ? 'C5 H11 N O2'    117.146 
# 
loop_
_pdbx_poly_seq_scheme.asym_id 
_pdbx_poly_seq_scheme.entity_id 
_pdbx_poly_seq_scheme.seq_id 
_pdbx_poly_seq_scheme.mon_id 
_pdbx_poly_seq_scheme.ndb_seq_num 
_pdbx_poly_seq_scheme.pdb_seq_num 
_pdbx_poly_seq_scheme.auth_seq_num 
_pdbx_poly_seq_scheme.pdb_mon_id 
_pdbx_poly_seq_scheme.auth_mon_id 
_pdbx_poly_seq_scheme.pdb_strand_id 
_pdbx_poly_seq_scheme.pdb_ins_code 
_pdbx_poly_seq_scheme.hetero 
A 1 1  MET 1  1  ?  ?   ?   A . n 
A 1 2  ARG 2  2  ?  ?   ?   A . n 
A 1 3  LEU 3  3  ?  ?   ?   A . n 
A 1 4  VAL 4  4  ?  ?   ?   A . n 
A 1 5  LYS 5  5  ?  ?   ?   A . n 
A 1 6  PRO 6  6  ?  ?   ?   A . n 
A 1 7  VAL 7  7  ?  ?   ?   A . n 
A 1 8  MET 8  8  ?  ?   ?   A . n 
A 1 9  LYS 9  9  ?  ?   ?   A . n 
A 1 10 LYS 10 10 ?  ?   ?   A . n 
A 1 11 PRO 11 11 ?  ?   ?   A . n 
A 1 12 LEU 12 12 ?  ?   ?   A . n 
A 1 13 ARG 13 13 ?  ?   ?   A . n 
A 1 14 GLN 14 14 ?  ?   ?   A . n 
A 1 15 GLN 15 15 ?  ?   ?   A . n 
A 1 16 ASN 16 16 ?  ?   ?   A . n 
A 1 17 ARG 17 17 ?  ?   ?   A . n 
A 1 18 GLN 18 18 ?  ?   ?   A . n 
A 1 19 ILE 19 19 ?  ?   ?   A . n 
A 1 20 ILE 20 20 ?  ?   ?   A . n 
A 1 21 SER 21 21 21 SER SER A . n 
A 1 22 TYR 22 22 22 TYR TYR A . n 
A 1 23 VAL 23 23 23 VAL VAL A . n 
A 1 24 PRO 24 24 24 PRO PRO A . n 
A 1 25 ARG 25 25 25 ARG ARG A . n 
A 1 26 THR 26 26 26 THR THR A . n 
A 1 27 GLU 27 27 27 GLU GLU A . n 
A 1 28 PRO 28 28 28 PRO PRO A . n 
A 1 29 ALA 29 29 29 ALA ALA A . n 
A 1 30 PRO 30 30 30 PRO PRO A . n 
A 1 31 PRO 31 31 31 PRO PRO A . n 
A 1 32 GLU 32 32 32 GLU GLU A . n 
A 1 33 HIS 33 33 33 HIS HIS A . n 
A 1 34 ALA 34 34 34 ALA ALA A . n 
A 1 35 ILE 35 35 35 ILE ILE A . n 
A 1 36 LYS 36 36 36 LYS LYS A . n 
A 1 37 MET 37 37 37 MET MET A . n 
A 1 38 ASP 38 38 38 ASP ASP A . n 
A 1 39 SER 39 39 39 SER SER A . n 
A 1 40 PHE 40 40 40 PHE PHE A . n 
A 1 41 ARG 41 41 41 ARG ARG A . n 
A 1 42 ASP 42 42 42 ASP ASP A . n 
A 1 43 VAL 43 43 43 VAL VAL A . n 
A 1 44 TRP 44 44 44 TRP TRP A . n 
A 1 45 MET 45 45 45 MET MET A . n 
A 1 46 LEU 46 46 46 LEU LEU A . n 
A 1 47 ARG 47 47 47 ARG ARG A . n 
A 1 48 GLY 48 48 48 GLY GLY A . n 
A 1 49 LYS 49 49 49 LYS LYS A . n 
A 1 50 TYR 50 50 50 TYR TYR A . n 
A 1 51 VAL 51 51 51 VAL VAL A . n 
A 1 52 ALA 52 52 52 ALA ALA A . n 
A 1 53 PHE 53 53 53 PHE PHE A . n 
A 1 54 VAL 54 54 54 VAL VAL A . n 
A 1 55 LEU 55 55 55 LEU LEU A . n 
A 1 56 MET 56 56 56 MET MET A . n 
A 1 57 GLY 57 57 57 GLY GLY A . n 
A 1 58 GLU 58 58 58 GLU GLU A . n 
A 1 59 SER 59 59 59 SER SER A . n 
A 1 60 PHE 60 60 60 PHE PHE A . n 
A 1 61 LEU 61 61 61 LEU LEU A . n 
A 1 62 ARG 62 62 62 ARG ARG A . n 
A 1 63 SER 63 63 63 SER SER A . n 
A 1 64 PRO 64 64 64 PRO PRO A . n 
A 1 65 ALA 65 65 65 ALA ALA A . n 
A 1 66 PHE 66 66 66 PHE PHE A . n 
A 1 67 THR 67 67 67 THR THR A . n 
A 1 68 VAL 68 68 68 VAL VAL A . n 
A 1 69 PRO 69 69 69 PRO PRO A . n 
A 1 70 GLU 70 70 70 GLU GLU A . n 
A 1 71 SER 71 71 71 SER SER A . n 
A 1 72 ALA 72 72 72 ALA ALA A . n 
A 1 73 GLN 73 73 73 GLN GLN A . n 
A 1 74 ARG 74 74 74 ARG ARG A . n 
A 1 75 TRP 75 75 75 TRP TRP A . n 
A 1 76 ALA 76 76 76 ALA ALA A . n 
A 1 77 ASN 77 77 77 ASN ASN A . n 
A 1 78 GLN 78 78 78 GLN GLN A . n 
A 1 79 ILE 79 79 79 ILE ILE A . n 
A 1 80 ARG 80 80 80 ARG ARG A . n 
A 1 81 GLN 81 81 81 GLN GLN A . n 
A 1 82 GLU 82 82 82 GLU GLU A . n 
A 1 83 GLY 83 83 83 GLY GLY A . n 
A 1 84 GLU 84 84 84 GLU GLU A . n 
A 1 85 VAL 85 85 85 VAL VAL A . n 
A 1 86 THR 86 86 86 THR THR A . n 
A 1 87 GLU 87 87 87 GLU GLU A . n 
# 
_cell.entry_id           2BN8 
_cell.length_a           1.000 
_cell.length_b           1.000 
_cell.length_c           1.000 
_cell.angle_alpha        90.00 
_cell.angle_beta         90.00 
_cell.angle_gamma        90.00 
_cell.Z_PDB              1 
_cell.pdbx_unique_axis   ? 
# 
_symmetry.entry_id                         2BN8 
_symmetry.space_group_name_H-M             'P 1' 
_symmetry.pdbx_full_space_group_name_H-M   ? 
_symmetry.cell_setting                     ? 
_symmetry.Int_Tables_number                1 
# 
_exptl.entry_id          2BN8 
_exptl.method            'SOLUTION NMR' 
_exptl.crystals_number   ? 
# 
_struct.entry_id                  2BN8 
_struct.title                     'Solution Structure and interactions of the E .coli Cell Division Activator Protein CedA' 
_struct.pdbx_model_details        ? 
_struct.pdbx_CASP_flag            ? 
_struct.pdbx_model_type_details   'MINIMIZED AVERAGE' 
# 
_struct_keywords.entry_id        2BN8 
_struct_keywords.pdbx_keywords   'CELL CYCLE PROTEIN' 
_struct_keywords.text            'CEDA, CELL DIVISION ACTIVATOR PROTEIN, CELL CYCLE PROTEIN' 
# 
_struct_asym.id                            A 
_struct_asym.pdbx_blank_PDB_chainid_flag   N 
_struct_asym.pdbx_modified                 N 
_struct_asym.entity_id                     1 
_struct_asym.details                       ? 
# 
_struct_ref.id                         1 
_struct_ref.db_name                    UNP 
_struct_ref.db_code                    CEDA_ECOLI 
_struct_ref.entity_id                  1 
_struct_ref.pdbx_seq_one_letter_code   ? 
_struct_ref.pdbx_align_begin           ? 
_struct_ref.pdbx_db_accession          P76211 
_struct_ref.pdbx_db_isoform            ? 
# 
_struct_ref_seq.align_id                      1 
_struct_ref_seq.ref_id                        1 
_struct_ref_seq.pdbx_PDB_id_code              2BN8 
_struct_ref_seq.pdbx_strand_id                A 
_struct_ref_seq.seq_align_beg                 1 
_struct_ref_seq.pdbx_seq_align_beg_ins_code   ? 
_struct_ref_seq.seq_align_end                 87 
_struct_ref_seq.pdbx_seq_align_end_ins_code   ? 
_struct_ref_seq.pdbx_db_accession             P76211 
_struct_ref_seq.db_align_beg                  1 
_struct_ref_seq.pdbx_db_align_beg_ins_code    ? 
_struct_ref_seq.db_align_end                  87 
_struct_ref_seq.pdbx_db_align_end_ins_code    ? 
_struct_ref_seq.pdbx_auth_seq_align_beg       1 
_struct_ref_seq.pdbx_auth_seq_align_end       87 
# 
_pdbx_struct_assembly.id                   1 
_pdbx_struct_assembly.details              author_defined_assembly 
_pdbx_struct_assembly.method_details       ? 
_pdbx_struct_assembly.oligomeric_details   monomeric 
_pdbx_struct_assembly.oligomeric_count     1 
# 
_pdbx_struct_assembly_gen.assembly_id       1 
_pdbx_struct_assembly_gen.oper_expression   1 
_pdbx_struct_assembly_gen.asym_id_list      A 
# 
_pdbx_struct_oper_list.id                   1 
_pdbx_struct_oper_list.type                 'identity operation' 
_pdbx_struct_oper_list.name                 1_555 
_pdbx_struct_oper_list.symmetry_operation   x,y,z 
_pdbx_struct_oper_list.matrix[1][1]         1.0000000000 
_pdbx_struct_oper_list.matrix[1][2]         0.0000000000 
_pdbx_struct_oper_list.matrix[1][3]         0.0000000000 
_pdbx_struct_oper_list.vector[1]            0.0000000000 
_pdbx_struct_oper_list.matrix[2][1]         0.0000000000 
_pdbx_struct_oper_list.matrix[2][2]         1.0000000000 
_pdbx_struct_oper_list.matrix[2][3]         0.0000000000 
_pdbx_struct_oper_list.vector[2]            0.0000000000 
_pdbx_struct_oper_list.matrix[3][1]         0.0000000000 
_pdbx_struct_oper_list.matrix[3][2]         0.0000000000 
_pdbx_struct_oper_list.matrix[3][3]         1.0000000000 
_pdbx_struct_oper_list.vector[3]            0.0000000000 
# 
_struct_conf.conf_type_id            HELX_P 
_struct_conf.id                      HELX_P1 
_struct_conf.pdbx_PDB_helix_id       1 
_struct_conf.beg_label_comp_id       VAL 
_struct_conf.beg_label_asym_id       A 
_struct_conf.beg_label_seq_id        68 
_struct_conf.pdbx_beg_PDB_ins_code   ? 
_struct_conf.end_label_comp_id       GLU 
_struct_conf.end_label_asym_id       A 
_struct_conf.end_label_seq_id        82 
_struct_conf.pdbx_end_PDB_ins_code   ? 
_struct_conf.beg_auth_comp_id        VAL 
_struct_conf.beg_auth_asym_id        A 
_struct_conf.beg_auth_seq_id         68 
_struct_conf.end_auth_comp_id        GLU 
_struct_conf.end_auth_asym_id        A 
_struct_conf.end_auth_seq_id         82 
_struct_conf.pdbx_PDB_helix_class    1 
_struct_conf.details                 ? 
_struct_conf.pdbx_PDB_helix_length   15 
# 
_struct_conf_type.id          HELX_P 
_struct_conf_type.criteria    ? 
_struct_conf_type.reference   ? 
# 
_struct_sheet.id               AA 
_struct_sheet.type             ? 
_struct_sheet.number_strands   2 
_struct_sheet.details          ? 
# 
_struct_sheet_order.sheet_id     AA 
_struct_sheet_order.range_id_1   1 
_struct_sheet_order.range_id_2   2 
_struct_sheet_order.offset       ? 
_struct_sheet_order.sense        anti-parallel 
# 
loop_
_struct_sheet_range.sheet_id 
_struct_sheet_range.id 
_struct_sheet_range.beg_label_comp_id 
_struct_sheet_range.beg_label_asym_id 
_struct_sheet_range.beg_label_seq_id 
_struct_sheet_range.pdbx_beg_PDB_ins_code 
_struct_sheet_range.end_label_comp_id 
_struct_sheet_range.end_label_asym_id 
_struct_sheet_range.end_label_seq_id 
_struct_sheet_range.pdbx_end_PDB_ins_code 
_struct_sheet_range.beg_auth_comp_id 
_struct_sheet_range.beg_auth_asym_id 
_struct_sheet_range.beg_auth_seq_id 
_struct_sheet_range.end_auth_comp_id 
_struct_sheet_range.end_auth_asym_id 
_struct_sheet_range.end_auth_seq_id 
AA 1 VAL A 43 ? LEU A 46 ? VAL A 43 LEU A 46 
AA 2 LYS A 49 ? ALA A 52 ? LYS A 49 ALA A 52 
# 
_pdbx_struct_sheet_hbond.sheet_id                AA 
_pdbx_struct_sheet_hbond.range_id_1              1 
_pdbx_struct_sheet_hbond.range_id_2              2 
_pdbx_struct_sheet_hbond.range_1_label_atom_id   N 
_pdbx_struct_sheet_hbond.range_1_label_comp_id   LEU 
_pdbx_struct_sheet_hbond.range_1_label_asym_id   A 
_pdbx_struct_sheet_hbond.range_1_label_seq_id    46 
_pdbx_struct_sheet_hbond.range_1_PDB_ins_code    ? 
_pdbx_struct_sheet_hbond.range_1_auth_atom_id    N 
_pdbx_struct_sheet_hbond.range_1_auth_comp_id    LEU 
_pdbx_struct_sheet_hbond.range_1_auth_asym_id    A 
_pdbx_struct_sheet_hbond.range_1_auth_seq_id     46 
_pdbx_struct_sheet_hbond.range_2_label_atom_id   O 
_pdbx_struct_sheet_hbond.range_2_label_comp_id   LYS 
_pdbx_struct_sheet_hbond.range_2_label_asym_id   A 
_pdbx_struct_sheet_hbond.range_2_label_seq_id    49 
_pdbx_struct_sheet_hbond.range_2_PDB_ins_code    ? 
_pdbx_struct_sheet_hbond.range_2_auth_atom_id    O 
_pdbx_struct_sheet_hbond.range_2_auth_comp_id    LYS 
_pdbx_struct_sheet_hbond.range_2_auth_asym_id    A 
_pdbx_struct_sheet_hbond.range_2_auth_seq_id     49 
# 
loop_
_pdbx_validate_torsion.id 
_pdbx_validate_torsion.PDB_model_num 
_pdbx_validate_torsion.auth_comp_id 
_pdbx_validate_torsion.auth_asym_id 
_pdbx_validate_torsion.auth_seq_id 
_pdbx_validate_torsion.PDB_ins_code 
_pdbx_validate_torsion.label_alt_id 
_pdbx_validate_torsion.phi 
_pdbx_validate_torsion.psi 
1  1 VAL A 23 ? ? 38.66   90.62   
2  1 ARG A 25 ? ? -71.42  23.36   
3  1 THR A 26 ? ? 49.84   -161.82 
4  1 PRO A 28 ? ? -47.05  97.84   
5  1 GLU A 32 ? ? -175.05 84.33   
6  1 HIS A 33 ? ? -64.08  -92.78  
7  1 MET A 37 ? ? 57.59   -88.29  
8  1 ASP A 38 ? ? -151.40 54.42   
9  1 ARG A 41 ? ? 59.94   -92.58  
10 1 VAL A 54 ? ? -177.15 122.98  
11 1 GLU A 58 ? ? -170.21 3.10    
12 1 SER A 59 ? ? -101.20 -168.48 
13 1 PRO A 64 ? ? -68.30  11.33   
14 1 ALA A 65 ? ? 66.03   117.68  
15 1 GLU A 84 ? ? 71.92   -73.79  
# 
_pdbx_nmr_ensemble.entry_id                             2BN8 
_pdbx_nmr_ensemble.conformers_calculated_total_number   ? 
_pdbx_nmr_ensemble.conformers_submitted_total_number    1 
_pdbx_nmr_ensemble.conformer_selection_criteria         ? 
# 
_pdbx_nmr_exptl_sample_conditions.conditions_id          1 
_pdbx_nmr_exptl_sample_conditions.temperature            310.0 
_pdbx_nmr_exptl_sample_conditions.pressure_units         ? 
_pdbx_nmr_exptl_sample_conditions.pressure               ? 
_pdbx_nmr_exptl_sample_conditions.pH                     ? 
_pdbx_nmr_exptl_sample_conditions.ionic_strength         ? 
_pdbx_nmr_exptl_sample_conditions.ionic_strength_units   ? 
_pdbx_nmr_exptl_sample_conditions.pH_units               ? 
_pdbx_nmr_exptl_sample_conditions.temperature_units      K 
_pdbx_nmr_exptl_sample_conditions.label                  ? 
# 
_pdbx_nmr_details.entry_id   2BN8 
_pdbx_nmr_details.text       NONE 
# 
_pdbx_nmr_software.classification   refinement 
_pdbx_nmr_software.name             CNS 
_pdbx_nmr_software.version          ? 
_pdbx_nmr_software.authors          
'BRUNGER,ADAMS,CLORE,DELANO,GROS, GROSSE- KUNSTLEVE,JIANG,KUSZEWSKI,NILGES, PANNU,READ, RICE,SIMONSON,WARREN' 
_pdbx_nmr_software.ordinal          1 
# 
loop_
_pdbx_unobs_or_zero_occ_residues.id 
_pdbx_unobs_or_zero_occ_residues.PDB_model_num 
_pdbx_unobs_or_zero_occ_residues.polymer_flag 
_pdbx_unobs_or_zero_occ_residues.occupancy_flag 
_pdbx_unobs_or_zero_occ_residues.auth_asym_id 
_pdbx_unobs_or_zero_occ_residues.auth_comp_id 
_pdbx_unobs_or_zero_occ_residues.auth_seq_id 
_pdbx_unobs_or_zero_occ_residues.PDB_ins_code 
_pdbx_unobs_or_zero_occ_residues.label_asym_id 
_pdbx_unobs_or_zero_occ_residues.label_comp_id 
_pdbx_unobs_or_zero_occ_residues.label_seq_id 
1  1 Y 1 A MET 1  ? A MET 1  
2  1 Y 1 A ARG 2  ? A ARG 2  
3  1 Y 1 A LEU 3  ? A LEU 3  
4  1 Y 1 A VAL 4  ? A VAL 4  
5  1 Y 1 A LYS 5  ? A LYS 5  
6  1 Y 1 A PRO 6  ? A PRO 6  
7  1 Y 1 A VAL 7  ? A VAL 7  
8  1 Y 1 A MET 8  ? A MET 8  
9  1 Y 1 A LYS 9  ? A LYS 9  
10 1 Y 1 A LYS 10 ? A LYS 10 
11 1 Y 1 A PRO 11 ? A PRO 11 
12 1 Y 1 A LEU 12 ? A LEU 12 
13 1 Y 1 A ARG 13 ? A ARG 13 
14 1 Y 1 A GLN 14 ? A GLN 14 
15 1 Y 1 A GLN 15 ? A GLN 15 
16 1 Y 1 A ASN 16 ? A ASN 16 
17 1 Y 1 A ARG 17 ? A ARG 17 
18 1 Y 1 A GLN 18 ? A GLN 18 
19 1 Y 1 A ILE 19 ? A ILE 19 
20 1 Y 1 A ILE 20 ? A ILE 20 
# 
loop_
_chem_comp_atom.comp_id 
_chem_comp_atom.atom_id 
_chem_comp_atom.type_symbol 
_chem_comp_atom.pdbx_aromatic_flag 
_chem_comp_atom.pdbx_stereo_config 
_chem_comp_atom.pdbx_ordinal 
ALA N    N N N 1   
ALA CA   C N S 2   
ALA C    C N N 3   
ALA O    O N N 4   
ALA CB   C N N 5   
ALA OXT  O N N 6   
ALA H    H N N 7   
ALA H2   H N N 8   
ALA HA   H N N 9   
ALA HB1  H N N 10  
ALA HB2  H N N 11  
ALA HB3  H N N 12  
ALA HXT  H N N 13  
ARG N    N N N 14  
ARG CA   C N S 15  
ARG C    C N N 16  
ARG O    O N N 17  
ARG CB   C N N 18  
ARG CG   C N N 19  
ARG CD   C N N 20  
ARG NE   N N N 21  
ARG CZ   C N N 22  
ARG NH1  N N N 23  
ARG NH2  N N N 24  
ARG OXT  O N N 25  
ARG H    H N N 26  
ARG H2   H N N 27  
ARG HA   H N N 28  
ARG HB2  H N N 29  
ARG HB3  H N N 30  
ARG HG2  H N N 31  
ARG HG3  H N N 32  
ARG HD2  H N N 33  
ARG HD3  H N N 34  
ARG HE   H N N 35  
ARG HH11 H N N 36  
ARG HH12 H N N 37  
ARG HH21 H N N 38  
ARG HH22 H N N 39  
ARG HXT  H N N 40  
ASN N    N N N 41  
ASN CA   C N S 42  
ASN C    C N N 43  
ASN O    O N N 44  
ASN CB   C N N 45  
ASN CG   C N N 46  
ASN OD1  O N N 47  
ASN ND2  N N N 48  
ASN OXT  O N N 49  
ASN H    H N N 50  
ASN H2   H N N 51  
ASN HA   H N N 52  
ASN HB2  H N N 53  
ASN HB3  H N N 54  
ASN HD21 H N N 55  
ASN HD22 H N N 56  
ASN HXT  H N N 57  
ASP N    N N N 58  
ASP CA   C N S 59  
ASP C    C N N 60  
ASP O    O N N 61  
ASP CB   C N N 62  
ASP CG   C N N 63  
ASP OD1  O N N 64  
ASP OD2  O N N 65  
ASP OXT  O N N 66  
ASP H    H N N 67  
ASP H2   H N N 68  
ASP HA   H N N 69  
ASP HB2  H N N 70  
ASP HB3  H N N 71  
ASP HD2  H N N 72  
ASP HXT  H N N 73  
GLN N    N N N 74  
GLN CA   C N S 75  
GLN C    C N N 76  
GLN O    O N N 77  
GLN CB   C N N 78  
GLN CG   C N N 79  
GLN CD   C N N 80  
GLN OE1  O N N 81  
GLN NE2  N N N 82  
GLN OXT  O N N 83  
GLN H    H N N 84  
GLN H2   H N N 85  
GLN HA   H N N 86  
GLN HB2  H N N 87  
GLN HB3  H N N 88  
GLN HG2  H N N 89  
GLN HG3  H N N 90  
GLN HE21 H N N 91  
GLN HE22 H N N 92  
GLN HXT  H N N 93  
GLU N    N N N 94  
GLU CA   C N S 95  
GLU C    C N N 96  
GLU O    O N N 97  
GLU CB   C N N 98  
GLU CG   C N N 99  
GLU CD   C N N 100 
GLU OE1  O N N 101 
GLU OE2  O N N 102 
GLU OXT  O N N 103 
GLU H    H N N 104 
GLU H2   H N N 105 
GLU HA   H N N 106 
GLU HB2  H N N 107 
GLU HB3  H N N 108 
GLU HG2  H N N 109 
GLU HG3  H N N 110 
GLU HE2  H N N 111 
GLU HXT  H N N 112 
GLY N    N N N 113 
GLY CA   C N N 114 
GLY C    C N N 115 
GLY O    O N N 116 
GLY OXT  O N N 117 
GLY H    H N N 118 
GLY H2   H N N 119 
GLY HA2  H N N 120 
GLY HA3  H N N 121 
GLY HXT  H N N 122 
HIS N    N N N 123 
HIS CA   C N S 124 
HIS C    C N N 125 
HIS O    O N N 126 
HIS CB   C N N 127 
HIS CG   C Y N 128 
HIS ND1  N Y N 129 
HIS CD2  C Y N 130 
HIS CE1  C Y N 131 
HIS NE2  N Y N 132 
HIS OXT  O N N 133 
HIS H    H N N 134 
HIS H2   H N N 135 
HIS HA   H N N 136 
HIS HB2  H N N 137 
HIS HB3  H N N 138 
HIS HD1  H N N 139 
HIS HD2  H N N 140 
HIS HE1  H N N 141 
HIS HE2  H N N 142 
HIS HXT  H N N 143 
ILE N    N N N 144 
ILE CA   C N S 145 
ILE C    C N N 146 
ILE O    O N N 147 
ILE CB   C N S 148 
ILE CG1  C N N 149 
ILE CG2  C N N 150 
ILE CD1  C N N 151 
ILE OXT  O N N 152 
ILE H    H N N 153 
ILE H2   H N N 154 
ILE HA   H N N 155 
ILE HB   H N N 156 
ILE HG12 H N N 157 
ILE HG13 H N N 158 
ILE HG21 H N N 159 
ILE HG22 H N N 160 
ILE HG23 H N N 161 
ILE HD11 H N N 162 
ILE HD12 H N N 163 
ILE HD13 H N N 164 
ILE HXT  H N N 165 
LEU N    N N N 166 
LEU CA   C N S 167 
LEU C    C N N 168 
LEU O    O N N 169 
LEU CB   C N N 170 
LEU CG   C N N 171 
LEU CD1  C N N 172 
LEU CD2  C N N 173 
LEU OXT  O N N 174 
LEU H    H N N 175 
LEU H2   H N N 176 
LEU HA   H N N 177 
LEU HB2  H N N 178 
LEU HB3  H N N 179 
LEU HG   H N N 180 
LEU HD11 H N N 181 
LEU HD12 H N N 182 
LEU HD13 H N N 183 
LEU HD21 H N N 184 
LEU HD22 H N N 185 
LEU HD23 H N N 186 
LEU HXT  H N N 187 
LYS N    N N N 188 
LYS CA   C N S 189 
LYS C    C N N 190 
LYS O    O N N 191 
LYS CB   C N N 192 
LYS CG   C N N 193 
LYS CD   C N N 194 
LYS CE   C N N 195 
LYS NZ   N N N 196 
LYS OXT  O N N 197 
LYS H    H N N 198 
LYS H2   H N N 199 
LYS HA   H N N 200 
LYS HB2  H N N 201 
LYS HB3  H N N 202 
LYS HG2  H N N 203 
LYS HG3  H N N 204 
LYS HD2  H N N 205 
LYS HD3  H N N 206 
LYS HE2  H N N 207 
LYS HE3  H N N 208 
LYS HZ1  H N N 209 
LYS HZ2  H N N 210 
LYS HZ3  H N N 211 
LYS HXT  H N N 212 
MET N    N N N 213 
MET CA   C N S 214 
MET C    C N N 215 
MET O    O N N 216 
MET CB   C N N 217 
MET CG   C N N 218 
MET SD   S N N 219 
MET CE   C N N 220 
MET OXT  O N N 221 
MET H    H N N 222 
MET H2   H N N 223 
MET HA   H N N 224 
MET HB2  H N N 225 
MET HB3  H N N 226 
MET HG2  H N N 227 
MET HG3  H N N 228 
MET HE1  H N N 229 
MET HE2  H N N 230 
MET HE3  H N N 231 
MET HXT  H N N 232 
PHE N    N N N 233 
PHE CA   C N S 234 
PHE C    C N N 235 
PHE O    O N N 236 
PHE CB   C N N 237 
PHE CG   C Y N 238 
PHE CD1  C Y N 239 
PHE CD2  C Y N 240 
PHE CE1  C Y N 241 
PHE CE2  C Y N 242 
PHE CZ   C Y N 243 
PHE OXT  O N N 244 
PHE H    H N N 245 
PHE H2   H N N 246 
PHE HA   H N N 247 
PHE HB2  H N N 248 
PHE HB3  H N N 249 
PHE HD1  H N N 250 
PHE HD2  H N N 251 
PHE HE1  H N N 252 
PHE HE2  H N N 253 
PHE HZ   H N N 254 
PHE HXT  H N N 255 
PRO N    N N N 256 
PRO CA   C N S 257 
PRO C    C N N 258 
PRO O    O N N 259 
PRO CB   C N N 260 
PRO CG   C N N 261 
PRO CD   C N N 262 
PRO OXT  O N N 263 
PRO H    H N N 264 
PRO HA   H N N 265 
PRO HB2  H N N 266 
PRO HB3  H N N 267 
PRO HG2  H N N 268 
PRO HG3  H N N 269 
PRO HD2  H N N 270 
PRO HD3  H N N 271 
PRO HXT  H N N 272 
SER N    N N N 273 
SER CA   C N S 274 
SER C    C N N 275 
SER O    O N N 276 
SER CB   C N N 277 
SER OG   O N N 278 
SER OXT  O N N 279 
SER H    H N N 280 
SER H2   H N N 281 
SER HA   H N N 282 
SER HB2  H N N 283 
SER HB3  H N N 284 
SER HG   H N N 285 
SER HXT  H N N 286 
THR N    N N N 287 
THR CA   C N S 288 
THR C    C N N 289 
THR O    O N N 290 
THR CB   C N R 291 
THR OG1  O N N 292 
THR CG2  C N N 293 
THR OXT  O N N 294 
THR H    H N N 295 
THR H2   H N N 296 
THR HA   H N N 297 
THR HB   H N N 298 
THR HG1  H N N 299 
THR HG21 H N N 300 
THR HG22 H N N 301 
THR HG23 H N N 302 
THR HXT  H N N 303 
TRP N    N N N 304 
TRP CA   C N S 305 
TRP C    C N N 306 
TRP O    O N N 307 
TRP CB   C N N 308 
TRP CG   C Y N 309 
TRP CD1  C Y N 310 
TRP CD2  C Y N 311 
TRP NE1  N Y N 312 
TRP CE2  C Y N 313 
TRP CE3  C Y N 314 
TRP CZ2  C Y N 315 
TRP CZ3  C Y N 316 
TRP CH2  C Y N 317 
TRP OXT  O N N 318 
TRP H    H N N 319 
TRP H2   H N N 320 
TRP HA   H N N 321 
TRP HB2  H N N 322 
TRP HB3  H N N 323 
TRP HD1  H N N 324 
TRP HE1  H N N 325 
TRP HE3  H N N 326 
TRP HZ2  H N N 327 
TRP HZ3  H N N 328 
TRP HH2  H N N 329 
TRP HXT  H N N 330 
TYR N    N N N 331 
TYR CA   C N S 332 
TYR C    C N N 333 
TYR O    O N N 334 
TYR CB   C N N 335 
TYR CG   C Y N 336 
TYR CD1  C Y N 337 
TYR CD2  C Y N 338 
TYR CE1  C Y N 339 
TYR CE2  C Y N 340 
TYR CZ   C Y N 341 
TYR OH   O N N 342 
TYR OXT  O N N 343 
TYR H    H N N 344 
TYR H2   H N N 345 
TYR HA   H N N 346 
TYR HB2  H N N 347 
TYR HB3  H N N 348 
TYR HD1  H N N 349 
TYR HD2  H N N 350 
TYR HE1  H N N 351 
TYR HE2  H N N 352 
TYR HH   H N N 353 
TYR HXT  H N N 354 
VAL N    N N N 355 
VAL CA   C N S 356 
VAL C    C N N 357 
VAL O    O N N 358 
VAL CB   C N N 359 
VAL CG1  C N N 360 
VAL CG2  C N N 361 
VAL OXT  O N N 362 
VAL H    H N N 363 
VAL H2   H N N 364 
VAL HA   H N N 365 
VAL HB   H N N 366 
VAL HG11 H N N 367 
VAL HG12 H N N 368 
VAL HG13 H N N 369 
VAL HG21 H N N 370 
VAL HG22 H N N 371 
VAL HG23 H N N 372 
VAL HXT  H N N 373 
# 
loop_
_chem_comp_bond.comp_id 
_chem_comp_bond.atom_id_1 
_chem_comp_bond.atom_id_2 
_chem_comp_bond.value_order 
_chem_comp_bond.pdbx_aromatic_flag 
_chem_comp_bond.pdbx_stereo_config 
_chem_comp_bond.pdbx_ordinal 
ALA N   CA   sing N N 1   
ALA N   H    sing N N 2   
ALA N   H2   sing N N 3   
ALA CA  C    sing N N 4   
ALA CA  CB   sing N N 5   
ALA CA  HA   sing N N 6   
ALA C   O    doub N N 7   
ALA C   OXT  sing N N 8   
ALA CB  HB1  sing N N 9   
ALA CB  HB2  sing N N 10  
ALA CB  HB3  sing N N 11  
ALA OXT HXT  sing N N 12  
ARG N   CA   sing N N 13  
ARG N   H    sing N N 14  
ARG N   H2   sing N N 15  
ARG CA  C    sing N N 16  
ARG CA  CB   sing N N 17  
ARG CA  HA   sing N N 18  
ARG C   O    doub N N 19  
ARG C   OXT  sing N N 20  
ARG CB  CG   sing N N 21  
ARG CB  HB2  sing N N 22  
ARG CB  HB3  sing N N 23  
ARG CG  CD   sing N N 24  
ARG CG  HG2  sing N N 25  
ARG CG  HG3  sing N N 26  
ARG CD  NE   sing N N 27  
ARG CD  HD2  sing N N 28  
ARG CD  HD3  sing N N 29  
ARG NE  CZ   sing N N 30  
ARG NE  HE   sing N N 31  
ARG CZ  NH1  sing N N 32  
ARG CZ  NH2  doub N N 33  
ARG NH1 HH11 sing N N 34  
ARG NH1 HH12 sing N N 35  
ARG NH2 HH21 sing N N 36  
ARG NH2 HH22 sing N N 37  
ARG OXT HXT  sing N N 38  
ASN N   CA   sing N N 39  
ASN N   H    sing N N 40  
ASN N   H2   sing N N 41  
ASN CA  C    sing N N 42  
ASN CA  CB   sing N N 43  
ASN CA  HA   sing N N 44  
ASN C   O    doub N N 45  
ASN C   OXT  sing N N 46  
ASN CB  CG   sing N N 47  
ASN CB  HB2  sing N N 48  
ASN CB  HB3  sing N N 49  
ASN CG  OD1  doub N N 50  
ASN CG  ND2  sing N N 51  
ASN ND2 HD21 sing N N 52  
ASN ND2 HD22 sing N N 53  
ASN OXT HXT  sing N N 54  
ASP N   CA   sing N N 55  
ASP N   H    sing N N 56  
ASP N   H2   sing N N 57  
ASP CA  C    sing N N 58  
ASP CA  CB   sing N N 59  
ASP CA  HA   sing N N 60  
ASP C   O    doub N N 61  
ASP C   OXT  sing N N 62  
ASP CB  CG   sing N N 63  
ASP CB  HB2  sing N N 64  
ASP CB  HB3  sing N N 65  
ASP CG  OD1  doub N N 66  
ASP CG  OD2  sing N N 67  
ASP OD2 HD2  sing N N 68  
ASP OXT HXT  sing N N 69  
GLN N   CA   sing N N 70  
GLN N   H    sing N N 71  
GLN N   H2   sing N N 72  
GLN CA  C    sing N N 73  
GLN CA  CB   sing N N 74  
GLN CA  HA   sing N N 75  
GLN C   O    doub N N 76  
GLN C   OXT  sing N N 77  
GLN CB  CG   sing N N 78  
GLN CB  HB2  sing N N 79  
GLN CB  HB3  sing N N 80  
GLN CG  CD   sing N N 81  
GLN CG  HG2  sing N N 82  
GLN CG  HG3  sing N N 83  
GLN CD  OE1  doub N N 84  
GLN CD  NE2  sing N N 85  
GLN NE2 HE21 sing N N 86  
GLN NE2 HE22 sing N N 87  
GLN OXT HXT  sing N N 88  
GLU N   CA   sing N N 89  
GLU N   H    sing N N 90  
GLU N   H2   sing N N 91  
GLU CA  C    sing N N 92  
GLU CA  CB   sing N N 93  
GLU CA  HA   sing N N 94  
GLU C   O    doub N N 95  
GLU C   OXT  sing N N 96  
GLU CB  CG   sing N N 97  
GLU CB  HB2  sing N N 98  
GLU CB  HB3  sing N N 99  
GLU CG  CD   sing N N 100 
GLU CG  HG2  sing N N 101 
GLU CG  HG3  sing N N 102 
GLU CD  OE1  doub N N 103 
GLU CD  OE2  sing N N 104 
GLU OE2 HE2  sing N N 105 
GLU OXT HXT  sing N N 106 
GLY N   CA   sing N N 107 
GLY N   H    sing N N 108 
GLY N   H2   sing N N 109 
GLY CA  C    sing N N 110 
GLY CA  HA2  sing N N 111 
GLY CA  HA3  sing N N 112 
GLY C   O    doub N N 113 
GLY C   OXT  sing N N 114 
GLY OXT HXT  sing N N 115 
HIS N   CA   sing N N 116 
HIS N   H    sing N N 117 
HIS N   H2   sing N N 118 
HIS CA  C    sing N N 119 
HIS CA  CB   sing N N 120 
HIS CA  HA   sing N N 121 
HIS C   O    doub N N 122 
HIS C   OXT  sing N N 123 
HIS CB  CG   sing N N 124 
HIS CB  HB2  sing N N 125 
HIS CB  HB3  sing N N 126 
HIS CG  ND1  sing Y N 127 
HIS CG  CD2  doub Y N 128 
HIS ND1 CE1  doub Y N 129 
HIS ND1 HD1  sing N N 130 
HIS CD2 NE2  sing Y N 131 
HIS CD2 HD2  sing N N 132 
HIS CE1 NE2  sing Y N 133 
HIS CE1 HE1  sing N N 134 
HIS NE2 HE2  sing N N 135 
HIS OXT HXT  sing N N 136 
ILE N   CA   sing N N 137 
ILE N   H    sing N N 138 
ILE N   H2   sing N N 139 
ILE CA  C    sing N N 140 
ILE CA  CB   sing N N 141 
ILE CA  HA   sing N N 142 
ILE C   O    doub N N 143 
ILE C   OXT  sing N N 144 
ILE CB  CG1  sing N N 145 
ILE CB  CG2  sing N N 146 
ILE CB  HB   sing N N 147 
ILE CG1 CD1  sing N N 148 
ILE CG1 HG12 sing N N 149 
ILE CG1 HG13 sing N N 150 
ILE CG2 HG21 sing N N 151 
ILE CG2 HG22 sing N N 152 
ILE CG2 HG23 sing N N 153 
ILE CD1 HD11 sing N N 154 
ILE CD1 HD12 sing N N 155 
ILE CD1 HD13 sing N N 156 
ILE OXT HXT  sing N N 157 
LEU N   CA   sing N N 158 
LEU N   H    sing N N 159 
LEU N   H2   sing N N 160 
LEU CA  C    sing N N 161 
LEU CA  CB   sing N N 162 
LEU CA  HA   sing N N 163 
LEU C   O    doub N N 164 
LEU C   OXT  sing N N 165 
LEU CB  CG   sing N N 166 
LEU CB  HB2  sing N N 167 
LEU CB  HB3  sing N N 168 
LEU CG  CD1  sing N N 169 
LEU CG  CD2  sing N N 170 
LEU CG  HG   sing N N 171 
LEU CD1 HD11 sing N N 172 
LEU CD1 HD12 sing N N 173 
LEU CD1 HD13 sing N N 174 
LEU CD2 HD21 sing N N 175 
LEU CD2 HD22 sing N N 176 
LEU CD2 HD23 sing N N 177 
LEU OXT HXT  sing N N 178 
LYS N   CA   sing N N 179 
LYS N   H    sing N N 180 
LYS N   H2   sing N N 181 
LYS CA  C    sing N N 182 
LYS CA  CB   sing N N 183 
LYS CA  HA   sing N N 184 
LYS C   O    doub N N 185 
LYS C   OXT  sing N N 186 
LYS CB  CG   sing N N 187 
LYS CB  HB2  sing N N 188 
LYS CB  HB3  sing N N 189 
LYS CG  CD   sing N N 190 
LYS CG  HG2  sing N N 191 
LYS CG  HG3  sing N N 192 
LYS CD  CE   sing N N 193 
LYS CD  HD2  sing N N 194 
LYS CD  HD3  sing N N 195 
LYS CE  NZ   sing N N 196 
LYS CE  HE2  sing N N 197 
LYS CE  HE3  sing N N 198 
LYS NZ  HZ1  sing N N 199 
LYS NZ  HZ2  sing N N 200 
LYS NZ  HZ3  sing N N 201 
LYS OXT HXT  sing N N 202 
MET N   CA   sing N N 203 
MET N   H    sing N N 204 
MET N   H2   sing N N 205 
MET CA  C    sing N N 206 
MET CA  CB   sing N N 207 
MET CA  HA   sing N N 208 
MET C   O    doub N N 209 
MET C   OXT  sing N N 210 
MET CB  CG   sing N N 211 
MET CB  HB2  sing N N 212 
MET CB  HB3  sing N N 213 
MET CG  SD   sing N N 214 
MET CG  HG2  sing N N 215 
MET CG  HG3  sing N N 216 
MET SD  CE   sing N N 217 
MET CE  HE1  sing N N 218 
MET CE  HE2  sing N N 219 
MET CE  HE3  sing N N 220 
MET OXT HXT  sing N N 221 
PHE N   CA   sing N N 222 
PHE N   H    sing N N 223 
PHE N   H2   sing N N 224 
PHE CA  C    sing N N 225 
PHE CA  CB   sing N N 226 
PHE CA  HA   sing N N 227 
PHE C   O    doub N N 228 
PHE C   OXT  sing N N 229 
PHE CB  CG   sing N N 230 
PHE CB  HB2  sing N N 231 
PHE CB  HB3  sing N N 232 
PHE CG  CD1  doub Y N 233 
PHE CG  CD2  sing Y N 234 
PHE CD1 CE1  sing Y N 235 
PHE CD1 HD1  sing N N 236 
PHE CD2 CE2  doub Y N 237 
PHE CD2 HD2  sing N N 238 
PHE CE1 CZ   doub Y N 239 
PHE CE1 HE1  sing N N 240 
PHE CE2 CZ   sing Y N 241 
PHE CE2 HE2  sing N N 242 
PHE CZ  HZ   sing N N 243 
PHE OXT HXT  sing N N 244 
PRO N   CA   sing N N 245 
PRO N   CD   sing N N 246 
PRO N   H    sing N N 247 
PRO CA  C    sing N N 248 
PRO CA  CB   sing N N 249 
PRO CA  HA   sing N N 250 
PRO C   O    doub N N 251 
PRO C   OXT  sing N N 252 
PRO CB  CG   sing N N 253 
PRO CB  HB2  sing N N 254 
PRO CB  HB3  sing N N 255 
PRO CG  CD   sing N N 256 
PRO CG  HG2  sing N N 257 
PRO CG  HG3  sing N N 258 
PRO CD  HD2  sing N N 259 
PRO CD  HD3  sing N N 260 
PRO OXT HXT  sing N N 261 
SER N   CA   sing N N 262 
SER N   H    sing N N 263 
SER N   H2   sing N N 264 
SER CA  C    sing N N 265 
SER CA  CB   sing N N 266 
SER CA  HA   sing N N 267 
SER C   O    doub N N 268 
SER C   OXT  sing N N 269 
SER CB  OG   sing N N 270 
SER CB  HB2  sing N N 271 
SER CB  HB3  sing N N 272 
SER OG  HG   sing N N 273 
SER OXT HXT  sing N N 274 
THR N   CA   sing N N 275 
THR N   H    sing N N 276 
THR N   H2   sing N N 277 
THR CA  C    sing N N 278 
THR CA  CB   sing N N 279 
THR CA  HA   sing N N 280 
THR C   O    doub N N 281 
THR C   OXT  sing N N 282 
THR CB  OG1  sing N N 283 
THR CB  CG2  sing N N 284 
THR CB  HB   sing N N 285 
THR OG1 HG1  sing N N 286 
THR CG2 HG21 sing N N 287 
THR CG2 HG22 sing N N 288 
THR CG2 HG23 sing N N 289 
THR OXT HXT  sing N N 290 
TRP N   CA   sing N N 291 
TRP N   H    sing N N 292 
TRP N   H2   sing N N 293 
TRP CA  C    sing N N 294 
TRP CA  CB   sing N N 295 
TRP CA  HA   sing N N 296 
TRP C   O    doub N N 297 
TRP C   OXT  sing N N 298 
TRP CB  CG   sing N N 299 
TRP CB  HB2  sing N N 300 
TRP CB  HB3  sing N N 301 
TRP CG  CD1  doub Y N 302 
TRP CG  CD2  sing Y N 303 
TRP CD1 NE1  sing Y N 304 
TRP CD1 HD1  sing N N 305 
TRP CD2 CE2  doub Y N 306 
TRP CD2 CE3  sing Y N 307 
TRP NE1 CE2  sing Y N 308 
TRP NE1 HE1  sing N N 309 
TRP CE2 CZ2  sing Y N 310 
TRP CE3 CZ3  doub Y N 311 
TRP CE3 HE3  sing N N 312 
TRP CZ2 CH2  doub Y N 313 
TRP CZ2 HZ2  sing N N 314 
TRP CZ3 CH2  sing Y N 315 
TRP CZ3 HZ3  sing N N 316 
TRP CH2 HH2  sing N N 317 
TRP OXT HXT  sing N N 318 
TYR N   CA   sing N N 319 
TYR N   H    sing N N 320 
TYR N   H2   sing N N 321 
TYR CA  C    sing N N 322 
TYR CA  CB   sing N N 323 
TYR CA  HA   sing N N 324 
TYR C   O    doub N N 325 
TYR C   OXT  sing N N 326 
TYR CB  CG   sing N N 327 
TYR CB  HB2  sing N N 328 
TYR CB  HB3  sing N N 329 
TYR CG  CD1  doub Y N 330 
TYR CG  CD2  sing Y N 331 
TYR CD1 CE1  sing Y N 332 
TYR CD1 HD1  sing N N 333 
TYR CD2 CE2  doub Y N 334 
TYR CD2 HD2  sing N N 335 
TYR CE1 CZ   doub Y N 336 
TYR CE1 HE1  sing N N 337 
TYR CE2 CZ   sing Y N 338 
TYR CE2 HE2  sing N N 339 
TYR CZ  OH   sing N N 340 
TYR OH  HH   sing N N 341 
TYR OXT HXT  sing N N 342 
VAL N   CA   sing N N 343 
VAL N   H    sing N N 344 
VAL N   H2   sing N N 345 
VAL CA  C    sing N N 346 
VAL CA  CB   sing N N 347 
VAL CA  HA   sing N N 348 
VAL C   O    doub N N 349 
VAL C   OXT  sing N N 350 
VAL CB  CG1  sing N N 351 
VAL CB  CG2  sing N N 352 
VAL CB  HB   sing N N 353 
VAL CG1 HG11 sing N N 354 
VAL CG1 HG12 sing N N 355 
VAL CG1 HG13 sing N N 356 
VAL CG2 HG21 sing N N 357 
VAL CG2 HG22 sing N N 358 
VAL CG2 HG23 sing N N 359 
VAL OXT HXT  sing N N 360 
# 
_pdbx_nmr_spectrometer.spectrometer_id   1 
_pdbx_nmr_spectrometer.model             DRX 
_pdbx_nmr_spectrometer.manufacturer      Bruker 
_pdbx_nmr_spectrometer.field_strength    500 
_pdbx_nmr_spectrometer.type              ? 
# 
_atom_sites.entry_id                    2BN8 
_atom_sites.fract_transf_matrix[1][1]   1.000000 
_atom_sites.fract_transf_matrix[1][2]   0.000000 
_atom_sites.fract_transf_matrix[1][3]   0.000000 
_atom_sites.fract_transf_matrix[2][1]   0.000000 
_atom_sites.fract_transf_matrix[2][2]   1.000000 
_atom_sites.fract_transf_matrix[2][3]   0.000000 
_atom_sites.fract_transf_matrix[3][1]   0.000000 
_atom_sites.fract_transf_matrix[3][2]   0.000000 
_atom_sites.fract_transf_matrix[3][3]   1.000000 
_atom_sites.fract_transf_vector[1]      0.00000 
_atom_sites.fract_transf_vector[2]      0.00000 
_atom_sites.fract_transf_vector[3]      0.00000 
# 
loop_
_atom_type.symbol 
C 
H 
N 
O 
S 
# 
loop_
_atom_site.group_PDB 
_atom_site.id 
_atom_site.type_symbol 
_atom_site.label_atom_id 
_atom_site.label_alt_id 
_atom_site.label_comp_id 
_atom_site.label_asym_id 
_atom_site.label_entity_id 
_atom_site.label_seq_id 
_atom_site.pdbx_PDB_ins_code 
_atom_site.Cartn_x 
_atom_site.Cartn_y 
_atom_site.Cartn_z 
_atom_site.occupancy 
_atom_site.B_iso_or_equiv 
_atom_site.pdbx_formal_charge 
_atom_site.auth_seq_id 
_atom_site.auth_comp_id 
_atom_site.auth_asym_id 
_atom_site.auth_atom_id 
_atom_site.pdbx_PDB_model_num 
ATOM 1    N N    . SER A 1 21 ? -3.733  17.230  0.249   1.00 12.72 ? 21 SER A N    1 
ATOM 2    C CA   . SER A 1 21 ? -2.336  17.539  0.644   1.00 11.81 ? 21 SER A CA   1 
ATOM 3    C C    . SER A 1 21 ? -1.348  16.876  -0.306  1.00 11.04 ? 21 SER A C    1 
ATOM 4    O O    . SER A 1 21 ? -1.708  16.481  -1.413  1.00 10.99 ? 21 SER A O    1 
ATOM 5    C CB   . SER A 1 21 ? -2.076  17.056  2.072   1.00 11.81 ? 21 SER A CB   1 
ATOM 6    O OG   . SER A 1 21 ? -2.158  15.645  2.157   1.00 12.22 ? 21 SER A OG   1 
ATOM 7    H H    . SER A 1 21 ? -3.906  17.543  -0.728  1.00 12.85 ? 21 SER A H    1 
ATOM 8    H HA   . SER A 1 21 ? -2.198  18.610  0.599   1.00 11.84 ? 21 SER A HA   1 
ATOM 9    H HB2  . SER A 1 21 ? -1.087  17.365  2.380   1.00 11.80 ? 21 SER A HB2  1 
ATOM 10   H HB3  . SER A 1 21 ? -2.810  17.489  2.735   1.00 11.71 ? 21 SER A HB3  1 
ATOM 11   H HG   . SER A 1 21 ? -3.069  15.386  2.314   1.00 12.18 ? 21 SER A HG   1 
ATOM 12   N N    . TYR A 1 22 ? -0.099  16.786  0.135   1.00 10.60 ? 22 TYR A N    1 
ATOM 13   C CA   . TYR A 1 22 ? 0.967   16.154  -0.640  1.00 9.96  ? 22 TYR A CA   1 
ATOM 14   C C    . TYR A 1 22 ? 0.460   14.903  -1.345  1.00 9.13  ? 22 TYR A C    1 
ATOM 15   O O    . TYR A 1 22 ? 0.798   14.655  -2.499  1.00 9.15  ? 22 TYR A O    1 
ATOM 16   C CB   . TYR A 1 22 ? 2.107   15.781  0.302   1.00 10.34 ? 22 TYR A CB   1 
ATOM 17   C CG   . TYR A 1 22 ? 1.595   15.302  1.636   1.00 10.54 ? 22 TYR A CG   1 
ATOM 18   C CD1  . TYR A 1 22 ? 1.224   13.979  1.820   1.00 10.74 ? 22 TYR A CD1  1 
ATOM 19   C CD2  . TYR A 1 22 ? 1.441   16.182  2.696   1.00 10.75 ? 22 TYR A CD2  1 
ATOM 20   C CE1  . TYR A 1 22 ? 0.718   13.545  3.027   1.00 11.18 ? 22 TYR A CE1  1 
ATOM 21   C CE2  . TYR A 1 22 ? 0.929   15.759  3.902   1.00 11.15 ? 22 TYR A CE2  1 
ATOM 22   C CZ   . TYR A 1 22 ? 0.571   14.439  4.063   1.00 11.37 ? 22 TYR A CZ   1 
ATOM 23   O OH   . TYR A 1 22 ? 0.050   14.017  5.260   1.00 11.99 ? 22 TYR A OH   1 
ATOM 24   H H    . TYR A 1 22 ? 0.117   17.167  1.010   1.00 10.80 ? 22 TYR A H    1 
ATOM 25   H HA   . TYR A 1 22 ? 1.324   16.860  -1.372  1.00 10.00 ? 22 TYR A HA   1 
ATOM 26   H HB2  . TYR A 1 22 ? 2.694   14.989  -0.141  1.00 10.57 ? 22 TYR A HB2  1 
ATOM 27   H HB3  . TYR A 1 22 ? 2.733   16.644  0.470   1.00 10.48 ? 22 TYR A HB3  1 
ATOM 28   H HD1  . TYR A 1 22 ? 1.343   13.284  1.005   1.00 10.71 ? 22 TYR A HD1  1 
ATOM 29   H HD2  . TYR A 1 22 ? 1.726   17.216  2.566   1.00 10.74 ? 22 TYR A HD2  1 
ATOM 30   H HE1  . TYR A 1 22 ? 0.436   12.510  3.153   1.00 11.49 ? 22 TYR A HE1  1 
ATOM 31   H HE2  . TYR A 1 22 ? 0.816   16.458  4.717   1.00 11.44 ? 22 TYR A HE2  1 
ATOM 32   H HH   . TYR A 1 22 ? 0.243   13.086  5.383   1.00 12.17 ? 22 TYR A HH   1 
ATOM 33   N N    . VAL A 1 23 ? -0.358  14.131  -0.632  1.00 8.55  ? 23 VAL A N    1 
ATOM 34   C CA   . VAL A 1 23 ? -0.929  12.897  -1.155  1.00 7.82  ? 23 VAL A CA   1 
ATOM 35   C C    . VAL A 1 23 ? 0.072   12.124  -2.008  1.00 7.38  ? 23 VAL A C    1 
ATOM 36   O O    . VAL A 1 23 ? 0.167   12.345  -3.215  1.00 7.45  ? 23 VAL A O    1 
ATOM 37   C CB   . VAL A 1 23 ? -2.197  13.167  -1.982  1.00 7.63  ? 23 VAL A CB   1 
ATOM 38   C CG1  . VAL A 1 23 ? -2.758  11.871  -2.547  1.00 7.80  ? 23 VAL A CG1  1 
ATOM 39   C CG2  . VAL A 1 23 ? -3.240  13.871  -1.135  1.00 7.91  ? 23 VAL A CG2  1 
ATOM 40   H H    . VAL A 1 23 ? -0.590  14.407  0.279   1.00 8.72  ? 23 VAL A H    1 
ATOM 41   H HA   . VAL A 1 23 ? -1.210  12.283  -0.310  1.00 7.96  ? 23 VAL A HA   1 
ATOM 42   H HB   . VAL A 1 23 ? -1.936  13.812  -2.809  1.00 7.50  ? 23 VAL A HB   1 
ATOM 43   H HG11 . VAL A 1 23 ? -1.996  11.370  -3.124  1.00 7.95  ? 23 VAL A HG11 1 
ATOM 44   H HG12 . VAL A 1 23 ? -3.073  11.231  -1.735  1.00 7.89  ? 23 VAL A HG12 1 
ATOM 45   H HG13 . VAL A 1 23 ? -3.604  12.090  -3.180  1.00 7.99  ? 23 VAL A HG13 1 
ATOM 46   H HG21 . VAL A 1 23 ? -2.799  14.738  -0.666  1.00 8.10  ? 23 VAL A HG21 1 
ATOM 47   H HG22 . VAL A 1 23 ? -4.063  14.182  -1.762  1.00 8.05  ? 23 VAL A HG22 1 
ATOM 48   H HG23 . VAL A 1 23 ? -3.602  13.196  -0.374  1.00 8.07  ? 23 VAL A HG23 1 
ATOM 49   N N    . PRO A 1 24 ? 0.846   11.218  -1.391  1.00 7.22  ? 24 PRO A N    1 
ATOM 50   C CA   . PRO A 1 24 ? 1.820   10.405  -2.105  1.00 7.04  ? 24 PRO A CA   1 
ATOM 51   C C    . PRO A 1 24 ? 1.128   9.281   -2.857  1.00 6.31  ? 24 PRO A C    1 
ATOM 52   O O    . PRO A 1 24 ? 1.485   8.111   -2.722  1.00 5.86  ? 24 PRO A O    1 
ATOM 53   C CB   . PRO A 1 24 ? 2.721   9.840   -0.994  1.00 7.31  ? 24 PRO A CB   1 
ATOM 54   C CG   . PRO A 1 24 ? 2.266   10.495  0.272   1.00 7.63  ? 24 PRO A CG   1 
ATOM 55   C CD   . PRO A 1 24 ? 0.846   10.907  0.039   1.00 7.51  ? 24 PRO A CD   1 
ATOM 56   H HA   . PRO A 1 24 ? 2.407   10.996  -2.793  1.00 7.48  ? 24 PRO A HA   1 
ATOM 57   H HB2  . PRO A 1 24 ? 2.601   8.769   -0.944  1.00 6.92  ? 24 PRO A HB2  1 
ATOM 58   H HB3  . PRO A 1 24 ? 3.751   10.080  -1.210  1.00 7.85  ? 24 PRO A HB3  1 
ATOM 59   H HG2  . PRO A 1 24 ? 2.322   9.791   1.089   1.00 7.61  ? 24 PRO A HG2  1 
ATOM 60   H HG3  . PRO A 1 24 ? 2.879   11.360  0.478   1.00 8.17  ? 24 PRO A HG3  1 
ATOM 61   H HD2  . PRO A 1 24 ? 0.171   10.094  0.261   1.00 7.30  ? 24 PRO A HD2  1 
ATOM 62   H HD3  . PRO A 1 24 ? 0.599   11.779  0.625   1.00 8.06  ? 24 PRO A HD3  1 
ATOM 63   N N    . ARG A 1 25 ? 0.132   9.649   -3.655  1.00 6.36  ? 25 ARG A N    1 
ATOM 64   C CA   . ARG A 1 25 ? -0.633  8.684   -4.427  1.00 5.86  ? 25 ARG A CA   1 
ATOM 65   C C    . ARG A 1 25 ? 0.187   8.108   -5.575  1.00 5.36  ? 25 ARG A C    1 
ATOM 66   O O    . ARG A 1 25 ? -0.370  7.633   -6.562  1.00 5.69  ? 25 ARG A O    1 
ATOM 67   C CB   . ARG A 1 25 ? -1.915  9.335   -4.956  1.00 6.43  ? 25 ARG A CB   1 
ATOM 68   C CG   . ARG A 1 25 ? -1.697  10.679  -5.632  1.00 6.49  ? 25 ARG A CG   1 
ATOM 69   C CD   . ARG A 1 25 ? -1.345  10.511  -7.098  1.00 7.18  ? 25 ARG A CD   1 
ATOM 70   N NE   . ARG A 1 25 ? -1.254  11.790  -7.791  1.00 7.48  ? 25 ARG A NE   1 
ATOM 71   C CZ   . ARG A 1 25 ? -0.104  12.368  -8.116  1.00 8.09  ? 25 ARG A CZ   1 
ATOM 72   N NH1  . ARG A 1 25 ? 1.043   11.811  -7.761  1.00 8.53  ? 25 ARG A NH1  1 
ATOM 73   N NH2  . ARG A 1 25 ? -0.101  13.511  -8.786  1.00 8.50  ? 25 ARG A NH2  1 
ATOM 74   H H    . ARG A 1 25 ? -0.094  10.597  -3.725  1.00 6.85  ? 25 ARG A H    1 
ATOM 75   H HA   . ARG A 1 25 ? -0.905  7.879   -3.762  1.00 5.64  ? 25 ARG A HA   1 
ATOM 76   H HB2  . ARG A 1 25 ? -2.371  8.668   -5.672  1.00 6.95  ? 25 ARG A HB2  1 
ATOM 77   H HB3  . ARG A 1 25 ? -2.597  9.480   -4.129  1.00 6.62  ? 25 ARG A HB3  1 
ATOM 78   H HG2  . ARG A 1 25 ? -2.603  11.262  -5.555  1.00 6.46  ? 25 ARG A HG2  1 
ATOM 79   H HG3  . ARG A 1 25 ? -0.891  11.197  -5.134  1.00 6.40  ? 25 ARG A HG3  1 
ATOM 80   H HD2  . ARG A 1 25 ? -0.395  10.007  -7.169  1.00 7.40  ? 25 ARG A HD2  1 
ATOM 81   H HD3  . ARG A 1 25 ? -2.106  9.909   -7.571  1.00 7.46  ? 25 ARG A HD3  1 
ATOM 82   H HE   . ARG A 1 25 ? -2.092  12.233  -8.041  1.00 7.39  ? 25 ARG A HE   1 
ATOM 83   H HH11 . ARG A 1 25 ? 1.043   10.954  -7.246  1.00 8.40  ? 25 ARG A HH11 1 
ATOM 84   H HH12 . ARG A 1 25 ? 1.908   12.247  -8.007  1.00 9.13  ? 25 ARG A HH12 1 
ATOM 85   H HH21 . ARG A 1 25 ? -0.965  13.940  -9.047  1.00 8.37  ? 25 ARG A HH21 1 
ATOM 86   H HH22 . ARG A 1 25 ? 0.767   13.946  -9.029  1.00 9.06  ? 25 ARG A HH22 1 
ATOM 87   N N    . THR A 1 26 ? 1.510   8.154   -5.439  1.00 4.72  ? 26 THR A N    1 
ATOM 88   C CA   . THR A 1 26 ? 2.407   7.622   -6.453  1.00 4.33  ? 26 THR A CA   1 
ATOM 89   C C    . THR A 1 26 ? 2.042   8.140   -7.835  1.00 4.18  ? 26 THR A C    1 
ATOM 90   O O    . THR A 1 26 ? 1.335   9.135   -7.967  1.00 4.12  ? 26 THR A O    1 
ATOM 91   C CB   . THR A 1 26 ? 2.382   6.084   -6.460  1.00 3.94  ? 26 THR A CB   1 
ATOM 92   O OG1  . THR A 1 26 ? 1.147   5.614   -7.011  1.00 4.11  ? 26 THR A OG1  1 
ATOM 93   C CG2  . THR A 1 26 ? 2.551   5.539   -5.050  1.00 3.23  ? 26 THR A CG2  1 
ATOM 94   H H    . THR A 1 26 ? 1.893   8.562   -4.637  1.00 4.62  ? 26 THR A H    1 
ATOM 95   H HA   . THR A 1 26 ? 3.409   7.944   -6.212  1.00 4.71  ? 26 THR A HA   1 
ATOM 96   H HB   . THR A 1 26 ? 3.200   5.727   -7.069  1.00 4.49  ? 26 THR A HB   1 
ATOM 97   H HG1  . THR A 1 26 ? 1.154   5.734   -7.964  1.00 4.29  ? 26 THR A HG1  1 
ATOM 98   H HG21 . THR A 1 26 ? 1.799   5.970   -4.405  1.00 3.40  ? 26 THR A HG21 1 
ATOM 99   H HG22 . THR A 1 26 ? 2.441   4.465   -5.063  1.00 3.16  ? 26 THR A HG22 1 
ATOM 100  H HG23 . THR A 1 26 ? 3.533   5.796   -4.680  1.00 3.22  ? 26 THR A HG23 1 
ATOM 101  N N    . GLU A 1 27 ? 2.523   7.463   -8.865  1.00 4.40  ? 27 GLU A N    1 
ATOM 102  C CA   . GLU A 1 27 ? 2.242   7.881   -10.224 1.00 4.45  ? 27 GLU A CA   1 
ATOM 103  C C    . GLU A 1 27 ? 1.711   6.725   -11.068 1.00 3.98  ? 27 GLU A C    1 
ATOM 104  O O    . GLU A 1 27 ? 2.458   5.807   -11.403 1.00 4.22  ? 27 GLU A O    1 
ATOM 105  C CB   . GLU A 1 27 ? 3.498   8.458   -10.869 1.00 5.32  ? 27 GLU A CB   1 
ATOM 106  C CG   . GLU A 1 27 ? 3.217   9.207   -12.158 1.00 5.73  ? 27 GLU A CG   1 
ATOM 107  C CD   . GLU A 1 27 ? 2.063   10.179  -12.016 1.00 6.29  ? 27 GLU A CD   1 
ATOM 108  O OE1  . GLU A 1 27 ? 2.163   11.101  -11.181 1.00 6.84  ? 27 GLU A OE1  1 
ATOM 109  O OE2  . GLU A 1 27 ? 1.056   10.012  -12.735 1.00 6.43  ? 27 GLU A OE2  1 
ATOM 110  H H    . GLU A 1 27 ? 3.075   6.669   -8.708  1.00 4.69  ? 27 GLU A H    1 
ATOM 111  H HA   . GLU A 1 27 ? 1.493   8.654   -10.178 1.00 4.44  ? 27 GLU A HA   1 
ATOM 112  H HB2  . GLU A 1 27 ? 3.966   9.141   -10.173 1.00 5.77  ? 27 GLU A HB2  1 
ATOM 113  H HB3  . GLU A 1 27 ? 4.183   7.653   -11.086 1.00 5.56  ? 27 GLU A HB3  1 
ATOM 114  H HG2  . GLU A 1 27 ? 4.101   9.760   -12.440 1.00 5.88  ? 27 GLU A HG2  1 
ATOM 115  H HG3  . GLU A 1 27 ? 2.976   8.492   -12.930 1.00 5.88  ? 27 GLU A HG3  1 
ATOM 116  N N    . PRO A 1 28 ? 0.408   6.749   -11.408 1.00 3.61  ? 28 PRO A N    1 
ATOM 117  C CA   . PRO A 1 28 ? -0.210  5.709   -12.232 1.00 3.37  ? 28 PRO A CA   1 
ATOM 118  C C    . PRO A 1 28 ? 0.626   5.378   -13.469 1.00 3.58  ? 28 PRO A C    1 
ATOM 119  O O    . PRO A 1 28 ? 0.559   6.081   -14.477 1.00 4.30  ? 28 PRO A O    1 
ATOM 120  C CB   . PRO A 1 28 ? -1.539  6.343   -12.642 1.00 3.54  ? 28 PRO A CB   1 
ATOM 121  C CG   . PRO A 1 28 ? -1.878  7.265   -11.527 1.00 3.73  ? 28 PRO A CG   1 
ATOM 122  C CD   . PRO A 1 28 ? -0.569  7.783   -11.003 1.00 3.83  ? 28 PRO A CD   1 
ATOM 123  H HA   . PRO A 1 28 ? -0.394  4.808   -11.666 1.00 3.30  ? 28 PRO A HA   1 
ATOM 124  H HB2  . PRO A 1 28 ? -1.413  6.879   -13.572 1.00 3.80  ? 28 PRO A HB2  1 
ATOM 125  H HB3  . PRO A 1 28 ? -2.288  5.579   -12.759 1.00 3.62  ? 28 PRO A HB3  1 
ATOM 126  H HG2  . PRO A 1 28 ? -2.481  8.081   -11.897 1.00 4.23  ? 28 PRO A HG2  1 
ATOM 127  H HG3  . PRO A 1 28 ? -2.404  6.727   -10.753 1.00 3.64  ? 28 PRO A HG3  1 
ATOM 128  H HD2  . PRO A 1 28 ? -0.332  8.735   -11.457 1.00 4.34  ? 28 PRO A HD2  1 
ATOM 129  H HD3  . PRO A 1 28 ? -0.604  7.875   -9.928  1.00 3.87  ? 28 PRO A HD3  1 
ATOM 130  N N    . ALA A 1 29 ? 1.417   4.311   -13.382 1.00 3.15  ? 29 ALA A N    1 
ATOM 131  C CA   . ALA A 1 29 ? 2.265   3.897   -14.496 1.00 3.44  ? 29 ALA A CA   1 
ATOM 132  C C    . ALA A 1 29 ? 1.466   3.094   -15.520 1.00 3.09  ? 29 ALA A C    1 
ATOM 133  O O    . ALA A 1 29 ? 0.552   2.363   -15.157 1.00 2.60  ? 29 ALA A O    1 
ATOM 134  C CB   . ALA A 1 29 ? 3.446   3.086   -13.988 1.00 3.63  ? 29 ALA A CB   1 
ATOM 135  H H    . ALA A 1 29 ? 1.432   3.792   -12.551 1.00 2.80  ? 29 ALA A H    1 
ATOM 136  H HA   . ALA A 1 29 ? 2.649   4.789   -14.970 1.00 4.16  ? 29 ALA A HA   1 
ATOM 137  H HB1  . ALA A 1 29 ? 3.978   3.655   -13.241 1.00 3.79  ? 29 ALA A HB1  1 
ATOM 138  H HB2  . ALA A 1 29 ? 3.087   2.166   -13.553 1.00 3.99  ? 29 ALA A HB2  1 
ATOM 139  H HB3  . ALA A 1 29 ? 4.110   2.861   -14.811 1.00 3.80  ? 29 ALA A HB3  1 
ATOM 140  N N    . PRO A 1 30 ? 1.802   3.208   -16.819 1.00 3.70  ? 30 PRO A N    1 
ATOM 141  C CA   . PRO A 1 30 ? 1.082   2.494   -17.880 1.00 3.85  ? 30 PRO A CA   1 
ATOM 142  C C    . PRO A 1 30 ? 0.999   0.978   -17.657 1.00 3.23  ? 30 PRO A C    1 
ATOM 143  O O    . PRO A 1 30 ? -0.096  0.420   -17.690 1.00 3.43  ? 30 PRO A O    1 
ATOM 144  C CB   . PRO A 1 30 ? 1.869   2.828   -19.151 1.00 4.63  ? 30 PRO A CB   1 
ATOM 145  C CG   . PRO A 1 30 ? 2.599   4.087   -18.830 1.00 5.21  ? 30 PRO A CG   1 
ATOM 146  C CD   . PRO A 1 30 ? 2.898   4.035   -17.357 1.00 4.61  ? 30 PRO A CD   1 
ATOM 147  H HA   . PRO A 1 30 ? 0.077   2.877   -17.979 1.00 4.19  ? 30 PRO A HA   1 
ATOM 148  H HB2  . PRO A 1 30 ? 2.550   2.021   -19.379 1.00 4.41  ? 30 PRO A HB2  1 
ATOM 149  H HB3  . PRO A 1 30 ? 1.185   2.969   -19.974 1.00 5.14  ? 30 PRO A HB3  1 
ATOM 150  H HG2  . PRO A 1 30 ? 3.517   4.133   -19.397 1.00 5.67  ? 30 PRO A HG2  1 
ATOM 151  H HG3  . PRO A 1 30 ? 1.976   4.939   -19.055 1.00 5.73  ? 30 PRO A HG3  1 
ATOM 152  H HD2  . PRO A 1 30 ? 3.856   3.567   -17.185 1.00 4.63  ? 30 PRO A HD2  1 
ATOM 153  H HD3  . PRO A 1 30 ? 2.878   5.027   -16.932 1.00 5.02  ? 30 PRO A HD3  1 
ATOM 154  N N    . PRO A 1 31 ? 2.130   0.272   -17.419 1.00 2.92  ? 31 PRO A N    1 
ATOM 155  C CA   . PRO A 1 31 ? 2.097   -1.176  -17.210 1.00 2.74  ? 31 PRO A CA   1 
ATOM 156  C C    . PRO A 1 31 ? 1.332   -1.553  -15.953 1.00 2.57  ? 31 PRO A C    1 
ATOM 157  O O    . PRO A 1 31 ? 0.956   -2.709  -15.771 1.00 3.06  ? 31 PRO A O    1 
ATOM 158  C CB   . PRO A 1 31 ? 3.571   -1.575  -17.064 1.00 3.05  ? 31 PRO A CB   1 
ATOM 159  C CG   . PRO A 1 31 ? 4.351   -0.411  -17.566 1.00 3.34  ? 31 PRO A CG   1 
ATOM 160  C CD   . PRO A 1 31 ? 3.503   0.801   -17.318 1.00 3.29  ? 31 PRO A CD   1 
ATOM 161  H HA   . PRO A 1 31 ? 1.666   -1.687  -18.058 1.00 3.06  ? 31 PRO A HA   1 
ATOM 162  H HB2  . PRO A 1 31 ? 3.788   -1.776  -16.025 1.00 3.18  ? 31 PRO A HB2  1 
ATOM 163  H HB3  . PRO A 1 31 ? 3.763   -2.461  -17.653 1.00 3.33  ? 31 PRO A HB3  1 
ATOM 164  H HG2  . PRO A 1 31 ? 5.282   -0.333  -17.024 1.00 3.49  ? 31 PRO A HG2  1 
ATOM 165  H HG3  . PRO A 1 31 ? 4.540   -0.525  -18.624 1.00 3.82  ? 31 PRO A HG3  1 
ATOM 166  H HD2  . PRO A 1 31 ? 3.691   1.201   -16.333 1.00 3.23  ? 31 PRO A HD2  1 
ATOM 167  H HD3  . PRO A 1 31 ? 3.686   1.548   -18.072 1.00 3.95  ? 31 PRO A HD3  1 
ATOM 168  N N    . GLU A 1 32 ? 1.103   -0.572  -15.087 1.00 2.54  ? 32 GLU A N    1 
ATOM 169  C CA   . GLU A 1 32 ? 0.398   -0.811  -13.833 1.00 2.99  ? 32 GLU A CA   1 
ATOM 170  C C    . GLU A 1 32 ? 0.154   0.484   -13.070 1.00 2.57  ? 32 GLU A C    1 
ATOM 171  O O    . GLU A 1 32 ? 0.918   0.847   -12.178 1.00 3.29  ? 32 GLU A O    1 
ATOM 172  C CB   . GLU A 1 32 ? 1.187   -1.780  -12.949 1.00 3.92  ? 32 GLU A CB   1 
ATOM 173  C CG   . GLU A 1 32 ? 2.695   -1.739  -13.167 1.00 4.77  ? 32 GLU A CG   1 
ATOM 174  C CD   . GLU A 1 32 ? 3.238   -0.335  -13.369 1.00 5.59  ? 32 GLU A CD   1 
ATOM 175  O OE1  . GLU A 1 32 ? 3.315   0.425   -12.386 1.00 6.11  ? 32 GLU A OE1  1 
ATOM 176  O OE2  . GLU A 1 32 ? 3.586   0.004   -14.515 1.00 5.97  ? 32 GLU A OE2  1 
ATOM 177  H H    . GLU A 1 32 ? 1.417   0.335   -15.295 1.00 2.71  ? 32 GLU A H    1 
ATOM 178  H HA   . GLU A 1 32 ? -0.554  -1.257  -14.073 1.00 3.53  ? 32 GLU A HA   1 
ATOM 179  H HB2  . GLU A 1 32 ? 0.990   -1.544  -11.914 1.00 3.91  ? 32 GLU A HB2  1 
ATOM 180  H HB3  . GLU A 1 32 ? 0.846   -2.786  -13.148 1.00 4.41  ? 32 GLU A HB3  1 
ATOM 181  H HG2  . GLU A 1 32 ? 3.178   -2.168  -12.305 1.00 4.75  ? 32 GLU A HG2  1 
ATOM 182  H HG3  . GLU A 1 32 ? 2.933   -2.329  -14.040 1.00 5.16  ? 32 GLU A HG3  1 
ATOM 183  N N    . HIS A 1 33 ? -0.917  1.177   -13.414 1.00 1.94  ? 33 HIS A N    1 
ATOM 184  C CA   . HIS A 1 33 ? -1.251  2.425   -12.749 1.00 2.06  ? 33 HIS A CA   1 
ATOM 185  C C    . HIS A 1 33 ? -1.564  2.177   -11.285 1.00 1.69  ? 33 HIS A C    1 
ATOM 186  O O    . HIS A 1 33 ? -0.670  2.159   -10.437 1.00 1.98  ? 33 HIS A O    1 
ATOM 187  C CB   . HIS A 1 33 ? -2.445  3.080   -13.436 1.00 2.62  ? 33 HIS A CB   1 
ATOM 188  C CG   . HIS A 1 33 ? -2.181  3.426   -14.859 1.00 3.25  ? 33 HIS A CG   1 
ATOM 189  N ND1  . HIS A 1 33 ? -1.634  4.625   -15.250 1.00 3.97  ? 33 HIS A ND1  1 
ATOM 190  C CD2  . HIS A 1 33 ? -2.375  2.714   -15.990 1.00 3.87  ? 33 HIS A CD2  1 
ATOM 191  C CE1  . HIS A 1 33 ? -1.502  4.639   -16.561 1.00 4.76  ? 33 HIS A CE1  1 
ATOM 192  N NE2  . HIS A 1 33 ? -1.943  3.490   -17.035 1.00 4.72  ? 33 HIS A NE2  1 
ATOM 193  H H    . HIS A 1 33 ? -1.497  0.841   -14.131 1.00 1.96  ? 33 HIS A H    1 
ATOM 194  H HA   . HIS A 1 33 ? -0.398  3.081   -12.821 1.00 2.54  ? 33 HIS A HA   1 
ATOM 195  H HB2  . HIS A 1 33 ? -3.285  2.401   -13.409 1.00 2.73  ? 33 HIS A HB2  1 
ATOM 196  H HB3  . HIS A 1 33 ? -2.705  3.986   -12.912 1.00 3.18  ? 33 HIS A HB3  1 
ATOM 197  H HD1  . HIS A 1 33 ? -1.380  5.359   -14.656 1.00 4.19  ? 33 HIS A HD1  1 
ATOM 198  H HD2  . HIS A 1 33 ? -2.794  1.721   -16.059 1.00 4.04  ? 33 HIS A HD2  1 
ATOM 199  H HE1  . HIS A 1 33 ? -1.103  5.454   -17.147 1.00 5.57  ? 33 HIS A HE1  1 
ATOM 200  H HE2  . HIS A 1 33 ? -1.845  3.189   -17.962 1.00 5.44  ? 33 HIS A HE2  1 
ATOM 201  N N    . ALA A 1 34 ? -2.840  1.978   -11.001 1.00 1.20  ? 34 ALA A N    1 
ATOM 202  C CA   . ALA A 1 34 ? -3.296  1.713   -9.654  1.00 0.92  ? 34 ALA A CA   1 
ATOM 203  C C    . ALA A 1 34 ? -4.301  0.575   -9.675  1.00 0.74  ? 34 ALA A C    1 
ATOM 204  O O    . ALA A 1 34 ? -5.476  0.760   -9.362  1.00 0.92  ? 34 ALA A O    1 
ATOM 205  C CB   . ALA A 1 34 ? -3.903  2.964   -9.040  1.00 1.01  ? 34 ALA A CB   1 
ATOM 206  H H    . ALA A 1 34 ? -3.498  2.006   -11.726 1.00 1.19  ? 34 ALA A H    1 
ATOM 207  H HA   . ALA A 1 34 ? -2.440  1.420   -9.060  1.00 1.02  ? 34 ALA A HA   1 
ATOM 208  H HB1  . ALA A 1 34 ? -3.175  3.762   -9.052  1.00 1.66  ? 34 ALA A HB1  1 
ATOM 209  H HB2  . ALA A 1 34 ? -4.195  2.758   -8.020  1.00 1.25  ? 34 ALA A HB2  1 
ATOM 210  H HB3  . ALA A 1 34 ? -4.771  3.260   -9.609  1.00 1.43  ? 34 ALA A HB3  1 
ATOM 211  N N    . ILE A 1 35 ? -3.831  -0.600  -10.075 1.00 0.65  ? 35 ILE A N    1 
ATOM 212  C CA   . ILE A 1 35 ? -4.681  -1.778  -10.145 1.00 0.72  ? 35 ILE A CA   1 
ATOM 213  C C    . ILE A 1 35 ? -5.018  -2.275  -8.745  1.00 0.67  ? 35 ILE A C    1 
ATOM 214  O O    . ILE A 1 35 ? -4.160  -2.804  -8.041  1.00 0.60  ? 35 ILE A O    1 
ATOM 215  C CB   . ILE A 1 35 ? -4.006  -2.913  -10.952 1.00 0.91  ? 35 ILE A CB   1 
ATOM 216  C CG1  . ILE A 1 35 ? -3.874  -2.522  -12.426 1.00 1.09  ? 35 ILE A CG1  1 
ATOM 217  C CG2  . ILE A 1 35 ? -4.790  -4.211  -10.824 1.00 1.10  ? 35 ILE A CG2  1 
ATOM 218  C CD1  . ILE A 1 35 ? -2.737  -1.566  -12.704 1.00 1.65  ? 35 ILE A CD1  1 
ATOM 219  H H    . ILE A 1 35 ? -2.887  -0.676  -10.328 1.00 0.69  ? 35 ILE A H    1 
ATOM 220  H HA   . ILE A 1 35 ? -5.595  -1.499  -10.649 1.00 0.87  ? 35 ILE A HA   1 
ATOM 221  H HB   . ILE A 1 35 ? -3.021  -3.077  -10.542 1.00 0.87  ? 35 ILE A HB   1 
ATOM 222  H HG12 . ILE A 1 35 ? -3.707  -3.412  -13.014 1.00 1.44  ? 35 ILE A HG12 1 
ATOM 223  H HG13 . ILE A 1 35 ? -4.790  -2.051  -12.749 1.00 1.36  ? 35 ILE A HG13 1 
ATOM 224  H HG21 . ILE A 1 35 ? -5.803  -4.055  -11.165 1.00 1.46  ? 35 ILE A HG21 1 
ATOM 225  H HG22 . ILE A 1 35 ? -4.321  -4.974  -11.428 1.00 1.76  ? 35 ILE A HG22 1 
ATOM 226  H HG23 . ILE A 1 35 ? -4.802  -4.525  -9.792  1.00 1.11  ? 35 ILE A HG23 1 
ATOM 227  H HD11 . ILE A 1 35 ? -1.818  -1.971  -12.305 1.00 2.23  ? 35 ILE A HD11 1 
ATOM 228  H HD12 . ILE A 1 35 ? -2.635  -1.430  -13.771 1.00 1.80  ? 35 ILE A HD12 1 
ATOM 229  H HD13 . ILE A 1 35 ? -2.944  -0.614  -12.238 1.00 2.14  ? 35 ILE A HD13 1 
ATOM 230  N N    . LYS A 1 36 ? -6.275  -2.104  -8.348  1.00 0.89  ? 36 LYS A N    1 
ATOM 231  C CA   . LYS A 1 36 ? -6.720  -2.540  -7.030  1.00 1.08  ? 36 LYS A CA   1 
ATOM 232  C C    . LYS A 1 36 ? -6.846  -4.058  -6.980  1.00 1.24  ? 36 LYS A C    1 
ATOM 233  O O    . LYS A 1 36 ? -7.391  -4.613  -6.028  1.00 2.14  ? 36 LYS A O    1 
ATOM 234  C CB   . LYS A 1 36 ? -8.053  -1.878  -6.653  1.00 1.35  ? 36 LYS A CB   1 
ATOM 235  C CG   . LYS A 1 36 ? -9.046  -1.769  -7.801  1.00 1.12  ? 36 LYS A CG   1 
ATOM 236  C CD   . LYS A 1 36 ? -8.853  -0.485  -8.598  1.00 1.41  ? 36 LYS A CD   1 
ATOM 237  C CE   . LYS A 1 36 ? -9.239  0.745   -7.792  1.00 2.16  ? 36 LYS A CE   1 
ATOM 238  N NZ   . LYS A 1 36 ? -10.670 0.719   -7.385  1.00 2.22  ? 36 LYS A NZ   1 
ATOM 239  H H    . LYS A 1 36 ? -6.914  -1.683  -8.955  1.00 1.03  ? 36 LYS A H    1 
ATOM 240  H HA   . LYS A 1 36 ? -5.968  -2.237  -6.316  1.00 1.02  ? 36 LYS A HA   1 
ATOM 241  H HB2  . LYS A 1 36 ? -8.514  -2.456  -5.864  1.00 2.24  ? 36 LYS A HB2  1 
ATOM 242  H HB3  . LYS A 1 36 ? -7.853  -0.884  -6.283  1.00 1.65  ? 36 LYS A HB3  1 
ATOM 243  H HG2  . LYS A 1 36 ? -8.912  -2.612  -8.461  1.00 1.50  ? 36 LYS A HG2  1 
ATOM 244  H HG3  . LYS A 1 36 ? -10.049 -1.783  -7.397  1.00 1.62  ? 36 LYS A HG3  1 
ATOM 245  H HD2  . LYS A 1 36 ? -7.816  -0.403  -8.883  1.00 1.57  ? 36 LYS A HD2  1 
ATOM 246  H HD3  . LYS A 1 36 ? -9.469  -0.530  -9.486  1.00 1.83  ? 36 LYS A HD3  1 
ATOM 247  H HE2  . LYS A 1 36 ? -8.623  0.787   -6.905  1.00 2.78  ? 36 LYS A HE2  1 
ATOM 248  H HE3  . LYS A 1 36 ? -9.062  1.624   -8.393  1.00 2.75  ? 36 LYS A HE3  1 
ATOM 249  H HZ1  . LYS A 1 36 ? -10.890 -0.183  -6.914  1.00 2.44  ? 36 LYS A HZ1  1 
ATOM 250  H HZ2  . LYS A 1 36 ? -10.870 1.499   -6.727  1.00 2.65  ? 36 LYS A HZ2  1 
ATOM 251  H HZ3  . LYS A 1 36 ? -11.280 0.819   -8.221  1.00 2.39  ? 36 LYS A HZ3  1 
ATOM 252  N N    . MET A 1 37 ? -6.330  -4.716  -8.017  1.00 0.77  ? 37 MET A N    1 
ATOM 253  C CA   . MET A 1 37 ? -6.362  -6.170  -8.112  1.00 0.85  ? 37 MET A CA   1 
ATOM 254  C C    . MET A 1 37 ? -7.791  -6.693  -8.042  1.00 1.03  ? 37 MET A C    1 
ATOM 255  O O    . MET A 1 37 ? -8.451  -6.868  -9.066  1.00 1.74  ? 37 MET A O    1 
ATOM 256  C CB   . MET A 1 37 ? -5.518  -6.797  -6.998  1.00 0.86  ? 37 MET A CB   1 
ATOM 257  C CG   . MET A 1 37 ? -5.381  -8.305  -7.116  1.00 1.01  ? 37 MET A CG   1 
ATOM 258  S SD   . MET A 1 37 ? -5.078  -9.106  -5.528  1.00 1.08  ? 37 MET A SD   1 
ATOM 259  C CE   . MET A 1 37 ? -3.661  -8.185  -4.937  1.00 1.18  ? 37 MET A CE   1 
ATOM 260  H H    . MET A 1 37 ? -5.920  -4.206  -8.742  1.00 1.04  ? 37 MET A H    1 
ATOM 261  H HA   . MET A 1 37 ? -5.939  -6.445  -9.067  1.00 1.00  ? 37 MET A HA   1 
ATOM 262  H HB2  . MET A 1 37 ? -4.530  -6.363  -7.024  1.00 0.94  ? 37 MET A HB2  1 
ATOM 263  H HB3  . MET A 1 37 ? -5.975  -6.571  -6.046  1.00 0.90  ? 37 MET A HB3  1 
ATOM 264  H HG2  . MET A 1 37 ? -6.293  -8.704  -7.535  1.00 1.14  ? 37 MET A HG2  1 
ATOM 265  H HG3  . MET A 1 37 ? -4.556  -8.526  -7.778  1.00 1.14  ? 37 MET A HG3  1 
ATOM 266  H HE1  . MET A 1 37 ? -3.891  -7.130  -4.939  1.00 1.84  ? 37 MET A HE1  1 
ATOM 267  H HE2  . MET A 1 37 ? -3.424  -8.499  -3.932  1.00 1.55  ? 37 MET A HE2  1 
ATOM 268  H HE3  . MET A 1 37 ? -2.817  -8.371  -5.582  1.00 1.76  ? 37 MET A HE3  1 
ATOM 269  N N    . ASP A 1 38 ? -8.261  -6.939  -6.828  1.00 1.15  ? 38 ASP A N    1 
ATOM 270  C CA   . ASP A 1 38 ? -9.607  -7.442  -6.615  1.00 1.41  ? 38 ASP A CA   1 
ATOM 271  C C    . ASP A 1 38 ? -10.125 -6.984  -5.259  1.00 1.17  ? 38 ASP A C    1 
ATOM 272  O O    . ASP A 1 38 ? -10.545 -7.798  -4.434  1.00 1.57  ? 38 ASP A O    1 
ATOM 273  C CB   . ASP A 1 38 ? -9.613  -8.969  -6.696  1.00 2.00  ? 38 ASP A CB   1 
ATOM 274  C CG   . ASP A 1 38 ? -11.008 -9.531  -6.866  1.00 2.68  ? 38 ASP A CG   1 
ATOM 275  O OD1  . ASP A 1 38 ? -11.686 -9.758  -5.844  1.00 3.17  ? 38 ASP A OD1  1 
ATOM 276  O OD2  . ASP A 1 38 ? -11.420 -9.747  -8.024  1.00 3.14  ? 38 ASP A OD2  1 
ATOM 277  H H    . ASP A 1 38 ? -7.687  -6.776  -6.051  1.00 1.54  ? 38 ASP A H    1 
ATOM 278  H HA   . ASP A 1 38 ? -10.244 -7.042  -7.389  1.00 1.83  ? 38 ASP A HA   1 
ATOM 279  H HB2  . ASP A 1 38 ? -9.015  -9.281  -7.539  1.00 2.50  ? 38 ASP A HB2  1 
ATOM 280  H HB3  . ASP A 1 38 ? -9.188  -9.374  -5.789  1.00 2.10  ? 38 ASP A HB3  1 
ATOM 281  N N    . SER A 1 39 ? -10.089 -5.672  -5.034  1.00 1.26  ? 39 SER A N    1 
ATOM 282  C CA   . SER A 1 39 ? -10.537 -5.100  -3.772  1.00 1.87  ? 39 SER A CA   1 
ATOM 283  C C    . SER A 1 39 ? -9.722  -5.680  -2.621  1.00 1.55  ? 39 SER A C    1 
ATOM 284  O O    . SER A 1 39 ? -10.242 -6.422  -1.788  1.00 1.88  ? 39 SER A O    1 
ATOM 285  C CB   . SER A 1 39 ? -12.028 -5.375  -3.561  1.00 2.59  ? 39 SER A CB   1 
ATOM 286  O OG   . SER A 1 39 ? -12.787 -4.933  -4.671  1.00 3.31  ? 39 SER A OG   1 
ATOM 287  H H    . SER A 1 39 ? -9.752  -5.077  -5.736  1.00 1.33  ? 39 SER A H    1 
ATOM 288  H HA   . SER A 1 39 ? -10.374 -4.033  -3.812  1.00 2.32  ? 39 SER A HA   1 
ATOM 289  H HB2  . SER A 1 39 ? -12.182 -6.436  -3.436  1.00 2.81  ? 39 SER A HB2  1 
ATOM 290  H HB3  . SER A 1 39 ? -12.367 -4.855  -2.676  1.00 2.88  ? 39 SER A HB3  1 
ATOM 291  H HG   . SER A 1 39 ? -13.333 -5.654  -4.993  1.00 3.49  ? 39 SER A HG   1 
ATOM 292  N N    . PHE A 1 40 ? -8.438  -5.338  -2.588  1.00 1.01  ? 40 PHE A N    1 
ATOM 293  C CA   . PHE A 1 40 ? -7.539  -5.843  -1.557  1.00 0.76  ? 40 PHE A CA   1 
ATOM 294  C C    . PHE A 1 40 ? -7.246  -4.792  -0.489  1.00 0.81  ? 40 PHE A C    1 
ATOM 295  O O    . PHE A 1 40 ? -6.125  -4.697  0.006   1.00 1.57  ? 40 PHE A O    1 
ATOM 296  C CB   . PHE A 1 40 ? -6.235  -6.320  -2.192  1.00 0.67  ? 40 PHE A CB   1 
ATOM 297  C CG   . PHE A 1 40 ? -5.781  -7.655  -1.680  1.00 0.67  ? 40 PHE A CG   1 
ATOM 298  C CD1  . PHE A 1 40 ? -4.963  -7.743  -0.566  1.00 0.69  ? 40 PHE A CD1  1 
ATOM 299  C CD2  . PHE A 1 40 ? -6.174  -8.822  -2.312  1.00 0.90  ? 40 PHE A CD2  1 
ATOM 300  C CE1  . PHE A 1 40 ? -4.544  -8.972  -0.093  1.00 0.83  ? 40 PHE A CE1  1 
ATOM 301  C CE2  . PHE A 1 40 ? -5.759  -10.053 -1.845  1.00 1.01  ? 40 PHE A CE2  1 
ATOM 302  C CZ   . PHE A 1 40 ? -4.943  -10.129 -0.733  1.00 0.92  ? 40 PHE A CZ   1 
ATOM 303  H H    . PHE A 1 40 ? -8.085  -4.732  -3.274  1.00 0.94  ? 40 PHE A H    1 
ATOM 304  H HA   . PHE A 1 40 ? -8.022  -6.686  -1.087  1.00 0.94  ? 40 PHE A HA   1 
ATOM 305  H HB2  . PHE A 1 40 ? -6.372  -6.404  -3.260  1.00 0.73  ? 40 PHE A HB2  1 
ATOM 306  H HB3  . PHE A 1 40 ? -5.458  -5.601  -1.988  1.00 0.69  ? 40 PHE A HB3  1 
ATOM 307  H HD1  . PHE A 1 40 ? -4.651  -6.840  -0.064  1.00 0.77  ? 40 PHE A HD1  1 
ATOM 308  H HD2  . PHE A 1 40 ? -6.812  -8.764  -3.181  1.00 1.10  ? 40 PHE A HD2  1 
ATOM 309  H HE1  . PHE A 1 40 ? -3.906  -9.028  0.777   1.00 0.99  ? 40 PHE A HE1  1 
ATOM 310  H HE2  . PHE A 1 40 ? -6.073  -10.957 -2.347  1.00 1.25  ? 40 PHE A HE2  1 
ATOM 311  H HZ   . PHE A 1 40 ? -4.617  -11.091 -0.366  1.00 1.07  ? 40 PHE A HZ   1 
ATOM 312  N N    . ARG A 1 41 ? -8.258  -4.009  -0.140  1.00 0.57  ? 41 ARG A N    1 
ATOM 313  C CA   . ARG A 1 41 ? -8.123  -2.980  0.889   1.00 0.58  ? 41 ARG A CA   1 
ATOM 314  C C    . ARG A 1 41 ? -7.061  -1.933  0.548   1.00 0.53  ? 41 ARG A C    1 
ATOM 315  O O    . ARG A 1 41 ? -7.353  -0.941  -0.120  1.00 0.73  ? 41 ARG A O    1 
ATOM 316  C CB   . ARG A 1 41 ? -7.798  -3.620  2.243   1.00 0.82  ? 41 ARG A CB   1 
ATOM 317  C CG   . ARG A 1 41 ? -8.980  -4.319  2.898   1.00 1.31  ? 41 ARG A CG   1 
ATOM 318  C CD   . ARG A 1 41 ? -10.118 -3.351  3.174   1.00 1.58  ? 41 ARG A CD   1 
ATOM 319  N NE   . ARG A 1 41 ? -9.627  -2.019  3.514   1.00 2.38  ? 41 ARG A NE   1 
ATOM 320  C CZ   . ARG A 1 41 ? -10.092 -0.903  2.964   1.00 3.22  ? 41 ARG A CZ   1 
ATOM 321  N NH1  . ARG A 1 41 ? -11.074 -0.957  2.076   1.00 3.32  ? 41 ARG A NH1  1 
ATOM 322  N NH2  . ARG A 1 41 ? -9.578  0.270   3.306   1.00 4.17  ? 41 ARG A NH2  1 
ATOM 323  H H    . ARG A 1 41 ? -9.124  -4.125  -0.585  1.00 1.06  ? 41 ARG A H    1 
ATOM 324  H HA   . ARG A 1 41 ? -9.075  -2.480  0.969   1.00 0.79  ? 41 ARG A HA   1 
ATOM 325  H HB2  . ARG A 1 41 ? -7.013  -4.348  2.105   1.00 1.24  ? 41 ARG A HB2  1 
ATOM 326  H HB3  . ARG A 1 41 ? -7.448  -2.850  2.915   1.00 1.18  ? 41 ARG A HB3  1 
ATOM 327  H HG2  . ARG A 1 41 ? -9.335  -5.096  2.238   1.00 1.81  ? 41 ARG A HG2  1 
ATOM 328  H HG3  . ARG A 1 41 ? -8.655  -4.756  3.831   1.00 1.88  ? 41 ARG A HG3  1 
ATOM 329  H HD2  . ARG A 1 41 ? -10.739 -3.282  2.292   1.00 1.93  ? 41 ARG A HD2  1 
ATOM 330  H HD3  . ARG A 1 41 ? -10.705 -3.730  3.998   1.00 1.70  ? 41 ARG A HD3  1 
ATOM 331  H HE   . ARG A 1 41 ? -8.909  -1.956  4.177   1.00 2.57  ? 41 ARG A HE   1 
ATOM 332  H HH11 . ARG A 1 41 ? -11.468 -1.839  1.818   1.00 2.84  ? 41 ARG A HH11 1 
ATOM 333  H HH12 . ARG A 1 41 ? -11.422 -0.114  1.663   1.00 4.05  ? 41 ARG A HH12 1 
ATOM 334  H HH21 . ARG A 1 41 ? -8.840  0.316   3.979   1.00 4.30  ? 41 ARG A HH21 1 
ATOM 335  H HH22 . ARG A 1 41 ? -9.929  1.109   2.891   1.00 4.86  ? 41 ARG A HH22 1 
ATOM 336  N N    . ASP A 1 42 ? -5.830  -2.156  1.012   1.00 0.39  ? 42 ASP A N    1 
ATOM 337  C CA   . ASP A 1 42 ? -4.746  -1.203  0.787   1.00 0.43  ? 42 ASP A CA   1 
ATOM 338  C C    . ASP A 1 42 ? -3.631  -1.776  -0.084  1.00 0.38  ? 42 ASP A C    1 
ATOM 339  O O    . ASP A 1 42 ? -2.487  -1.337  0.010   1.00 0.46  ? 42 ASP A O    1 
ATOM 340  C CB   . ASP A 1 42 ? -4.157  -0.764  2.130   1.00 0.57  ? 42 ASP A CB   1 
ATOM 341  C CG   . ASP A 1 42 ? -5.225  -0.454  3.160   1.00 0.65  ? 42 ASP A CG   1 
ATOM 342  O OD1  . ASP A 1 42 ? -5.675  -1.394  3.850   1.00 0.69  ? 42 ASP A OD1  1 
ATOM 343  O OD2  . ASP A 1 42 ? -5.610  0.728   3.279   1.00 0.94  ? 42 ASP A OD2  1 
ATOM 344  H H    . ASP A 1 42 ? -5.647  -2.980  1.511   1.00 0.37  ? 42 ASP A H    1 
ATOM 345  H HA   . ASP A 1 42 ? -5.163  -0.340  0.295   1.00 0.50  ? 42 ASP A HA   1 
ATOM 346  H HB2  . ASP A 1 42 ? -3.531  -1.554  2.517   1.00 0.62  ? 42 ASP A HB2  1 
ATOM 347  H HB3  . ASP A 1 42 ? -3.560  0.123   1.980   1.00 0.66  ? 42 ASP A HB3  1 
ATOM 348  N N    . VAL A 1 43 ? -3.957  -2.742  -0.935  1.00 0.36  ? 43 VAL A N    1 
ATOM 349  C CA   . VAL A 1 43 ? -2.948  -3.342  -1.802  1.00 0.33  ? 43 VAL A CA   1 
ATOM 350  C C    . VAL A 1 43 ? -3.235  -3.066  -3.275  1.00 0.27  ? 43 VAL A C    1 
ATOM 351  O O    . VAL A 1 43 ? -4.217  -3.552  -3.834  1.00 0.29  ? 43 VAL A O    1 
ATOM 352  C CB   . VAL A 1 43 ? -2.836  -4.863  -1.578  1.00 0.46  ? 43 VAL A CB   1 
ATOM 353  C CG1  . VAL A 1 43 ? -1.692  -5.442  -2.395  1.00 0.63  ? 43 VAL A CG1  1 
ATOM 354  C CG2  . VAL A 1 43 ? -2.650  -5.169  -0.100  1.00 0.75  ? 43 VAL A CG2  1 
ATOM 355  H H    . VAL A 1 43 ? -4.884  -3.054  -0.982  1.00 0.44  ? 43 VAL A H    1 
ATOM 356  H HA   . VAL A 1 43 ? -1.995  -2.899  -1.551  1.00 0.33  ? 43 VAL A HA   1 
ATOM 357  H HB   . VAL A 1 43 ? -3.753  -5.325  -1.908  1.00 0.94  ? 43 VAL A HB   1 
ATOM 358  H HG11 . VAL A 1 43 ? -0.773  -4.934  -2.139  1.00 1.34  ? 43 VAL A HG11 1 
ATOM 359  H HG12 . VAL A 1 43 ? -1.593  -6.495  -2.178  1.00 1.26  ? 43 VAL A HG12 1 
ATOM 360  H HG13 . VAL A 1 43 ? -1.896  -5.308  -3.448  1.00 1.19  ? 43 VAL A HG13 1 
ATOM 361  H HG21 . VAL A 1 43 ? -3.481  -4.763  0.458   1.00 1.47  ? 43 VAL A HG21 1 
ATOM 362  H HG22 . VAL A 1 43 ? -2.609  -6.239  0.043   1.00 1.28  ? 43 VAL A HG22 1 
ATOM 363  H HG23 . VAL A 1 43 ? -1.731  -4.723  0.249   1.00 1.25  ? 43 VAL A HG23 1 
ATOM 364  N N    . TRP A 1 44 ? -2.361  -2.275  -3.889  1.00 0.28  ? 44 TRP A N    1 
ATOM 365  C CA   . TRP A 1 44 ? -2.486  -1.920  -5.298  1.00 0.29  ? 44 TRP A CA   1 
ATOM 366  C C    . TRP A 1 44 ? -1.246  -2.367  -6.069  1.00 0.29  ? 44 TRP A C    1 
ATOM 367  O O    . TRP A 1 44 ? -0.118  -2.143  -5.628  1.00 0.33  ? 44 TRP A O    1 
ATOM 368  C CB   . TRP A 1 44 ? -2.664  -0.409  -5.447  1.00 0.43  ? 44 TRP A CB   1 
ATOM 369  C CG   . TRP A 1 44 ? -4.087  0.055   -5.366  1.00 0.55  ? 44 TRP A CG   1 
ATOM 370  C CD1  . TRP A 1 44 ? -4.946  0.217   -6.412  1.00 1.08  ? 44 TRP A CD1  1 
ATOM 371  C CD2  . TRP A 1 44 ? -4.815  0.435   -4.189  1.00 0.36  ? 44 TRP A CD2  1 
ATOM 372  N NE1  . TRP A 1 44 ? -6.163  0.666   -5.963  1.00 1.16  ? 44 TRP A NE1  1 
ATOM 373  C CE2  . TRP A 1 44 ? -6.109  0.810   -4.604  1.00 0.70  ? 44 TRP A CE2  1 
ATOM 374  C CE3  . TRP A 1 44 ? -4.504  0.495   -2.827  1.00 0.57  ? 44 TRP A CE3  1 
ATOM 375  C CZ2  . TRP A 1 44 ? -7.087  1.235   -3.709  1.00 0.69  ? 44 TRP A CZ2  1 
ATOM 376  C CZ3  . TRP A 1 44 ? -5.477  0.918   -1.940  1.00 0.77  ? 44 TRP A CZ3  1 
ATOM 377  C CH2  . TRP A 1 44 ? -6.754  1.283   -2.384  1.00 0.62  ? 44 TRP A CH2  1 
ATOM 378  H H    . TRP A 1 44 ? -1.606  -1.919  -3.378  1.00 0.32  ? 44 TRP A H    1 
ATOM 379  H HA   . TRP A 1 44 ? -3.352  -2.423  -5.697  1.00 0.33  ? 44 TRP A HA   1 
ATOM 380  H HB2  . TRP A 1 44 ? -2.113  0.084   -4.663  1.00 0.45  ? 44 TRP A HB2  1 
ATOM 381  H HB3  . TRP A 1 44 ? -2.267  -0.101  -6.404  1.00 0.57  ? 44 TRP A HB3  1 
ATOM 382  H HD1  . TRP A 1 44 ? -4.693  0.014   -7.439  1.00 1.43  ? 44 TRP A HD1  1 
ATOM 383  H HE1  . TRP A 1 44 ? -6.943  0.854   -6.526  1.00 1.54  ? 44 TRP A HE1  1 
ATOM 384  H HE3  . TRP A 1 44 ? -3.526  0.217   -2.463  1.00 0.84  ? 44 TRP A HE3  1 
ATOM 385  H HZ2  . TRP A 1 44 ? -8.075  1.519   -4.034  1.00 0.97  ? 44 TRP A HZ2  1 
ATOM 386  H HZ3  . TRP A 1 44 ? -5.255  0.972   -0.884  1.00 1.18  ? 44 TRP A HZ3  1 
ATOM 387  H HH2  . TRP A 1 44 ? -7.481  1.609   -1.655  1.00 0.79  ? 44 TRP A HH2  1 
ATOM 388  N N    . MET A 1 45 ? -1.457  -2.997  -7.220  1.00 0.33  ? 45 MET A N    1 
ATOM 389  C CA   . MET A 1 45 ? -0.351  -3.471  -8.046  1.00 0.34  ? 45 MET A CA   1 
ATOM 390  C C    . MET A 1 45 ? 0.408   -2.301  -8.667  1.00 0.33  ? 45 MET A C    1 
ATOM 391  O O    . MET A 1 45 ? -0.102  -1.619  -9.557  1.00 0.39  ? 45 MET A O    1 
ATOM 392  C CB   . MET A 1 45 ? -0.868  -4.395  -9.150  1.00 0.42  ? 45 MET A CB   1 
ATOM 393  C CG   . MET A 1 45 ? 0.237   -4.997  -10.006 1.00 0.46  ? 45 MET A CG   1 
ATOM 394  S SD   . MET A 1 45 ? -0.400  -5.920  -11.418 1.00 0.70  ? 45 MET A SD   1 
ATOM 395  C CE   . MET A 1 45 ? -1.328  -7.211  -10.595 1.00 1.31  ? 45 MET A CE   1 
ATOM 396  H H    . MET A 1 45 ? -2.375  -3.148  -7.520  1.00 0.36  ? 45 MET A H    1 
ATOM 397  H HA   . MET A 1 45 ? 0.322   -4.025  -7.410  1.00 0.34  ? 45 MET A HA   1 
ATOM 398  H HB2  . MET A 1 45 ? -1.424  -5.204  -8.697  1.00 0.49  ? 45 MET A HB2  1 
ATOM 399  H HB3  . MET A 1 45 ? -1.527  -3.834  -9.796  1.00 0.46  ? 45 MET A HB3  1 
ATOM 400  H HG2  . MET A 1 45 ? 0.865   -4.200  -10.371 1.00 0.43  ? 45 MET A HG2  1 
ATOM 401  H HG3  . MET A 1 45 ? 0.825   -5.665  -9.393  1.00 0.48  ? 45 MET A HG3  1 
ATOM 402  H HE1  . MET A 1 45 ? -0.670  -7.768  -9.944  1.00 1.88  ? 45 MET A HE1  1 
ATOM 403  H HE2  . MET A 1 45 ? -2.122  -6.769  -10.013 1.00 1.82  ? 45 MET A HE2  1 
ATOM 404  H HE3  . MET A 1 45 ? -1.751  -7.878  -11.334 1.00 1.91  ? 45 MET A HE3  1 
ATOM 405  N N    . LEU A 1 46 ? 1.631   -2.073  -8.192  1.00 0.31  ? 46 LEU A N    1 
ATOM 406  C CA   . LEU A 1 46 ? 2.461   -0.989  -8.708  1.00 0.35  ? 46 LEU A CA   1 
ATOM 407  C C    . LEU A 1 46 ? 3.811   -1.518  -9.193  1.00 0.38  ? 46 LEU A C    1 
ATOM 408  O O    . LEU A 1 46 ? 4.525   -2.201  -8.459  1.00 0.38  ? 46 LEU A O    1 
ATOM 409  C CB   . LEU A 1 46 ? 2.664   0.084   -7.635  1.00 0.45  ? 46 LEU A CB   1 
ATOM 410  C CG   . LEU A 1 46 ? 2.517   1.526   -8.127  1.00 0.65  ? 46 LEU A CG   1 
ATOM 411  C CD1  . LEU A 1 46 ? 2.384   2.480   -6.952  1.00 1.25  ? 46 LEU A CD1  1 
ATOM 412  C CD2  . LEU A 1 46 ? 3.701   1.918   -8.995  1.00 1.75  ? 46 LEU A CD2  1 
ATOM 413  H H    . LEU A 1 46 ? 1.980   -2.643  -7.476  1.00 0.32  ? 46 LEU A H    1 
ATOM 414  H HA   . LEU A 1 46 ? 1.941   -0.550  -9.545  1.00 0.44  ? 46 LEU A HA   1 
ATOM 415  H HB2  . LEU A 1 46 ? 1.944   -0.082  -6.847  1.00 0.80  ? 46 LEU A HB2  1 
ATOM 416  H HB3  . LEU A 1 46 ? 3.656   -0.032  -7.223  1.00 0.83  ? 46 LEU A HB3  1 
ATOM 417  H HG   . LEU A 1 46 ? 1.622   1.607   -8.724  1.00 1.28  ? 46 LEU A HG   1 
ATOM 418  H HD11 . LEU A 1 46 ? 3.258   2.399   -6.323  1.00 1.63  ? 46 LEU A HD11 1 
ATOM 419  H HD12 . LEU A 1 46 ? 2.297   3.493   -7.318  1.00 1.76  ? 46 LEU A HD12 1 
ATOM 420  H HD13 . LEU A 1 46 ? 1.505   2.226   -6.381  1.00 1.92  ? 46 LEU A HD13 1 
ATOM 421  H HD21 . LEU A 1 46 ? 3.803   1.211   -9.806  1.00 2.36  ? 46 LEU A HD21 1 
ATOM 422  H HD22 . LEU A 1 46 ? 3.540   2.907   -9.399  1.00 2.17  ? 46 LEU A HD22 1 
ATOM 423  H HD23 . LEU A 1 46 ? 4.603   1.916   -8.400  1.00 2.29  ? 46 LEU A HD23 1 
ATOM 424  N N    . ARG A 1 47 ? 4.139   -1.194  -10.441 1.00 0.56  ? 47 ARG A N    1 
ATOM 425  C CA   . ARG A 1 47 ? 5.393   -1.618  -11.067 1.00 0.70  ? 47 ARG A CA   1 
ATOM 426  C C    . ARG A 1 47 ? 5.466   -3.135  -11.196 1.00 0.62  ? 47 ARG A C    1 
ATOM 427  O O    . ARG A 1 47 ? 6.551   -3.708  -11.295 1.00 0.90  ? 47 ARG A O    1 
ATOM 428  C CB   . ARG A 1 47 ? 6.597   -1.096  -10.281 1.00 0.82  ? 47 ARG A CB   1 
ATOM 429  C CG   . ARG A 1 47 ? 6.693   0.420   -10.261 1.00 1.31  ? 47 ARG A CG   1 
ATOM 430  C CD   . ARG A 1 47 ? 8.043   0.891   -9.751  1.00 1.37  ? 47 ARG A CD   1 
ATOM 431  N NE   . ARG A 1 47 ? 9.130   0.511   -10.648 1.00 1.98  ? 47 ARG A NE   1 
ATOM 432  C CZ   . ARG A 1 47 ? 9.648   1.322   -11.565 1.00 2.57  ? 47 ARG A CZ   1 
ATOM 433  N NH1  . ARG A 1 47 ? 9.164   2.547   -11.724 1.00 2.93  ? 47 ARG A NH1  1 
ATOM 434  N NH2  . ARG A 1 47 ? 10.648  0.906   -12.328 1.00 3.31  ? 47 ARG A NH2  1 
ATOM 435  H H    . ARG A 1 47 ? 3.514   -0.653  -10.961 1.00 0.67  ? 47 ARG A H    1 
ATOM 436  H HA   . ARG A 1 47 ? 5.418   -1.191  -12.059 1.00 0.85  ? 47 ARG A HA   1 
ATOM 437  H HB2  . ARG A 1 47 ? 6.529   -1.446  -9.263  1.00 1.23  ? 47 ARG A HB2  1 
ATOM 438  H HB3  . ARG A 1 47 ? 7.500   -1.486  -10.728 1.00 1.02  ? 47 ARG A HB3  1 
ATOM 439  H HG2  . ARG A 1 47 ? 6.548   0.794   -11.264 1.00 2.02  ? 47 ARG A HG2  1 
ATOM 440  H HG3  . ARG A 1 47 ? 5.919   0.810   -9.616  1.00 1.92  ? 47 ARG A HG3  1 
ATOM 441  H HD2  . ARG A 1 47 ? 8.025   1.967   -9.661  1.00 1.76  ? 47 ARG A HD2  1 
ATOM 442  H HD3  . ARG A 1 47 ? 8.218   0.452   -8.780  1.00 1.81  ? 47 ARG A HD3  1 
ATOM 443  H HE   . ARG A 1 47 ? 9.498   -0.394  -10.557 1.00 2.38  ? 47 ARG A HE   1 
ATOM 444  H HH11 . ARG A 1 47 ? 8.407   2.865   -11.153 1.00 2.87  ? 47 ARG A HH11 1 
ATOM 445  H HH12 . ARG A 1 47 ? 9.558   3.154   -12.414 1.00 3.58  ? 47 ARG A HH12 1 
ATOM 446  H HH21 . ARG A 1 47 ? 11.013  -0.018  -12.215 1.00 3.61  ? 47 ARG A HH21 1 
ATOM 447  H HH22 . ARG A 1 47 ? 11.038  1.517   -13.018 1.00 3.79  ? 47 ARG A HH22 1 
ATOM 448  N N    . GLY A 1 48 ? 4.304   -3.780  -11.215 1.00 0.41  ? 48 GLY A N    1 
ATOM 449  C CA   . GLY A 1 48 ? 4.262   -5.224  -11.341 1.00 0.43  ? 48 GLY A CA   1 
ATOM 450  C C    . GLY A 1 48 ? 4.178   -5.920  -9.999  1.00 0.38  ? 48 GLY A C    1 
ATOM 451  O O    . GLY A 1 48 ? 3.753   -7.073  -9.914  1.00 0.48  ? 48 GLY A O    1 
ATOM 452  H H    . GLY A 1 48 ? 3.469   -3.272  -11.140 1.00 0.47  ? 48 GLY A H    1 
ATOM 453  H HA2  . GLY A 1 48 ? 3.401   -5.499  -11.932 1.00 0.50  ? 48 GLY A HA2  1 
ATOM 454  H HA3  . GLY A 1 48 ? 5.155   -5.556  -11.849 1.00 0.52  ? 48 GLY A HA3  1 
ATOM 455  N N    . LYS A 1 49 ? 4.587   -5.216  -8.948  1.00 0.30  ? 49 LYS A N    1 
ATOM 456  C CA   . LYS A 1 49 ? 4.557   -5.766  -7.601  1.00 0.28  ? 49 LYS A CA   1 
ATOM 457  C C    . LYS A 1 49 ? 3.345   -5.249  -6.839  1.00 0.18  ? 49 LYS A C    1 
ATOM 458  O O    . LYS A 1 49 ? 2.510   -4.540  -7.399  1.00 0.19  ? 49 LYS A O    1 
ATOM 459  C CB   . LYS A 1 49 ? 5.846   -5.413  -6.861  1.00 0.39  ? 49 LYS A CB   1 
ATOM 460  C CG   . LYS A 1 49 ? 7.090   -5.976  -7.527  1.00 0.57  ? 49 LYS A CG   1 
ATOM 461  C CD   . LYS A 1 49 ? 8.359   -5.438  -6.892  1.00 0.78  ? 49 LYS A CD   1 
ATOM 462  C CE   . LYS A 1 49 ? 9.595   -6.028  -7.549  1.00 1.28  ? 49 LYS A CE   1 
ATOM 463  N NZ   . LYS A 1 49 ? 10.847  -5.403  -7.042  1.00 1.82  ? 49 LYS A NZ   1 
ATOM 464  H H    . LYS A 1 49 ? 4.916   -4.303  -9.084  1.00 0.34  ? 49 LYS A H    1 
ATOM 465  H HA   . LYS A 1 49 ? 4.484   -6.839  -7.685  1.00 0.34  ? 49 LYS A HA   1 
ATOM 466  H HB2  . LYS A 1 49 ? 5.941   -4.337  -6.816  1.00 0.43  ? 49 LYS A HB2  1 
ATOM 467  H HB3  . LYS A 1 49 ? 5.793   -5.805  -5.857  1.00 0.44  ? 49 LYS A HB3  1 
ATOM 468  H HG2  . LYS A 1 49 ? 7.082   -7.051  -7.432  1.00 0.62  ? 49 LYS A HG2  1 
ATOM 469  H HG3  . LYS A 1 49 ? 7.078   -5.706  -8.574  1.00 0.60  ? 49 LYS A HG3  1 
ATOM 470  H HD2  . LYS A 1 49 ? 8.382   -4.364  -7.006  1.00 1.09  ? 49 LYS A HD2  1 
ATOM 471  H HD3  . LYS A 1 49 ? 8.361   -5.692  -5.842  1.00 1.02  ? 49 LYS A HD3  1 
ATOM 472  H HE2  . LYS A 1 49 ? 9.625   -7.087  -7.343  1.00 1.79  ? 49 LYS A HE2  1 
ATOM 473  H HE3  . LYS A 1 49 ? 9.531   -5.872  -8.617  1.00 1.83  ? 49 LYS A HE3  1 
ATOM 474  H HZ1  . LYS A 1 49 ? 10.892  -5.484  -6.006  1.00 2.18  ? 49 LYS A HZ1  1 
ATOM 475  H HZ2  . LYS A 1 49 ? 11.676  -5.880  -7.453  1.00 2.42  ? 49 LYS A HZ2  1 
ATOM 476  H HZ3  . LYS A 1 49 ? 10.874  -4.397  -7.303  1.00 2.12  ? 49 LYS A HZ3  1 
ATOM 477  N N    . TYR A 1 50 ? 3.248   -5.604  -5.563  1.00 0.20  ? 50 TYR A N    1 
ATOM 478  C CA   . TYR A 1 50 ? 2.121   -5.178  -4.744  1.00 0.18  ? 50 TYR A CA   1 
ATOM 479  C C    . TYR A 1 50 ? 2.560   -4.195  -3.663  1.00 0.23  ? 50 TYR A C    1 
ATOM 480  O O    . TYR A 1 50 ? 3.242   -4.565  -2.709  1.00 0.29  ? 50 TYR A O    1 
ATOM 481  C CB   . TYR A 1 50 ? 1.444   -6.396  -4.115  1.00 0.24  ? 50 TYR A CB   1 
ATOM 482  C CG   . TYR A 1 50 ? 0.973   -7.409  -5.135  1.00 0.35  ? 50 TYR A CG   1 
ATOM 483  C CD1  . TYR A 1 50 ? -0.172  -7.186  -5.888  1.00 0.45  ? 50 TYR A CD1  1 
ATOM 484  C CD2  . TYR A 1 50 ? 1.680   -8.587  -5.349  1.00 0.46  ? 50 TYR A CD2  1 
ATOM 485  C CE1  . TYR A 1 50 ? -0.601  -8.106  -6.825  1.00 0.59  ? 50 TYR A CE1  1 
ATOM 486  C CE2  . TYR A 1 50 ? 1.258   -9.511  -6.285  1.00 0.58  ? 50 TYR A CE2  1 
ATOM 487  C CZ   . TYR A 1 50 ? 0.117   -9.267  -7.020  1.00 0.63  ? 50 TYR A CZ   1 
ATOM 488  O OH   . TYR A 1 50 ? -0.307  -10.183 -7.952  1.00 0.79  ? 50 TYR A OH   1 
ATOM 489  H H    . TYR A 1 50 ? 3.948   -6.164  -5.167  1.00 0.27  ? 50 TYR A H    1 
ATOM 490  H HA   . TYR A 1 50 ? 1.415   -4.684  -5.393  1.00 0.15  ? 50 TYR A HA   1 
ATOM 491  H HB2  . TYR A 1 50 ? 2.140   -6.888  -3.453  1.00 0.26  ? 50 TYR A HB2  1 
ATOM 492  H HB3  . TYR A 1 50 ? 0.584   -6.069  -3.550  1.00 0.27  ? 50 TYR A HB3  1 
ATOM 493  H HD1  . TYR A 1 50 ? -0.732  -6.276  -5.733  1.00 0.47  ? 50 TYR A HD1  1 
ATOM 494  H HD2  . TYR A 1 50 ? 2.572   -8.776  -4.772  1.00 0.48  ? 50 TYR A HD2  1 
ATOM 495  H HE1  . TYR A 1 50 ? -1.494  -7.914  -7.401  1.00 0.69  ? 50 TYR A HE1  1 
ATOM 496  H HE2  . TYR A 1 50 ? 1.821   -10.419 -6.438  1.00 0.68  ? 50 TYR A HE2  1 
ATOM 497  H HH   . TYR A 1 50 ? -0.280  -11.065 -7.570  1.00 1.33  ? 50 TYR A HH   1 
ATOM 498  N N    . VAL A 1 51 ? 2.154   -2.938  -3.825  1.00 0.23  ? 51 VAL A N    1 
ATOM 499  C CA   . VAL A 1 51 ? 2.494   -1.888  -2.871  1.00 0.27  ? 51 VAL A CA   1 
ATOM 500  C C    . VAL A 1 51 ? 1.298   -1.557  -1.979  1.00 0.19  ? 51 VAL A C    1 
ATOM 501  O O    . VAL A 1 51 ? 0.150   -1.793  -2.357  1.00 0.24  ? 51 VAL A O    1 
ATOM 502  C CB   . VAL A 1 51 ? 2.959   -0.611  -3.599  1.00 0.44  ? 51 VAL A CB   1 
ATOM 503  C CG1  . VAL A 1 51 ? 3.465   0.428   -2.610  1.00 0.99  ? 51 VAL A CG1  1 
ATOM 504  C CG2  . VAL A 1 51 ? 4.032   -0.942  -4.625  1.00 1.03  ? 51 VAL A CG2  1 
ATOM 505  H H    . VAL A 1 51 ? 1.611   -2.710  -4.608  1.00 0.21  ? 51 VAL A H    1 
ATOM 506  H HA   . VAL A 1 51 ? 3.307   -2.244  -2.255  1.00 0.37  ? 51 VAL A HA   1 
ATOM 507  H HB   . VAL A 1 51 ? 2.112   -0.191  -4.122  1.00 1.20  ? 51 VAL A HB   1 
ATOM 508  H HG11 . VAL A 1 51 ? 4.261   0.002   -2.016  1.00 1.51  ? 51 VAL A HG11 1 
ATOM 509  H HG12 . VAL A 1 51 ? 3.838   1.286   -3.148  1.00 1.59  ? 51 VAL A HG12 1 
ATOM 510  H HG13 . VAL A 1 51 ? 2.656   0.733   -1.962  1.00 1.64  ? 51 VAL A HG13 1 
ATOM 511  H HG21 . VAL A 1 51 ? 3.650   -1.675  -5.321  1.00 1.48  ? 51 VAL A HG21 1 
ATOM 512  H HG22 . VAL A 1 51 ? 4.307   -0.046  -5.161  1.00 1.73  ? 51 VAL A HG22 1 
ATOM 513  H HG23 . VAL A 1 51 ? 4.900   -1.342  -4.121  1.00 1.62  ? 51 VAL A HG23 1 
ATOM 514  N N    . ALA A 1 52 ? 1.574   -1.013  -0.797  1.00 0.21  ? 52 ALA A N    1 
ATOM 515  C CA   . ALA A 1 52 ? 0.520   -0.654  0.147   1.00 0.27  ? 52 ALA A CA   1 
ATOM 516  C C    . ALA A 1 52 ? 0.545   0.838   0.461   1.00 0.24  ? 52 ALA A C    1 
ATOM 517  O O    . ALA A 1 52 ? 1.611   1.448   0.527   1.00 0.24  ? 52 ALA A O    1 
ATOM 518  C CB   . ALA A 1 52 ? 0.661   -1.467  1.426   1.00 0.38  ? 52 ALA A CB   1 
ATOM 519  H H    . ALA A 1 52 ? 2.507   -0.841  -0.557  1.00 0.24  ? 52 ALA A H    1 
ATOM 520  H HA   . ALA A 1 52 ? -0.428  -0.901  -0.306  1.00 0.34  ? 52 ALA A HA   1 
ATOM 521  H HB1  . ALA A 1 52 ? 0.641   -2.521  1.187   1.00 1.04  ? 52 ALA A HB1  1 
ATOM 522  H HB2  . ALA A 1 52 ? 1.598   -1.224  1.904   1.00 1.08  ? 52 ALA A HB2  1 
ATOM 523  H HB3  . ALA A 1 52 ? -0.156  -1.233  2.093   1.00 1.10  ? 52 ALA A HB3  1 
ATOM 524  N N    . PHE A 1 53 ? -0.637  1.420   0.651   1.00 0.28  ? 53 PHE A N    1 
ATOM 525  C CA   . PHE A 1 53 ? -0.749  2.844   0.956   1.00 0.28  ? 53 PHE A CA   1 
ATOM 526  C C    . PHE A 1 53 ? -1.566  3.075   2.221   1.00 0.30  ? 53 PHE A C    1 
ATOM 527  O O    . PHE A 1 53 ? -2.790  2.942   2.211   1.00 0.37  ? 53 PHE A O    1 
ATOM 528  C CB   . PHE A 1 53 ? -1.398  3.593   -0.209  1.00 0.36  ? 53 PHE A CB   1 
ATOM 529  C CG   . PHE A 1 53 ? -0.876  3.189   -1.555  1.00 0.33  ? 53 PHE A CG   1 
ATOM 530  C CD1  . PHE A 1 53 ? 0.457   3.373   -1.884  1.00 0.30  ? 53 PHE A CD1  1 
ATOM 531  C CD2  . PHE A 1 53 ? -1.722  2.625   -2.492  1.00 0.40  ? 53 PHE A CD2  1 
ATOM 532  C CE1  . PHE A 1 53 ? 0.935   2.999   -3.126  1.00 0.32  ? 53 PHE A CE1  1 
ATOM 533  C CE2  . PHE A 1 53 ? -1.251  2.251   -3.734  1.00 0.44  ? 53 PHE A CE2  1 
ATOM 534  C CZ   . PHE A 1 53 ? 0.079   2.437   -4.052  1.00 0.39  ? 53 PHE A CZ   1 
ATOM 535  H H    . PHE A 1 53 ? -1.452  0.880   0.582   1.00 0.33  ? 53 PHE A H    1 
ATOM 536  H HA   . PHE A 1 53 ? 0.248   3.229   1.109   1.00 0.26  ? 53 PHE A HA   1 
ATOM 537  H HB2  . PHE A 1 53 ? -2.462  3.407   -0.199  1.00 0.45  ? 53 PHE A HB2  1 
ATOM 538  H HB3  . PHE A 1 53 ? -1.221  4.652   -0.087  1.00 0.40  ? 53 PHE A HB3  1 
ATOM 539  H HD1  . PHE A 1 53 ? 1.126   3.813   -1.159  1.00 0.31  ? 53 PHE A HD1  1 
ATOM 540  H HD2  . PHE A 1 53 ? -2.763  2.479   -2.245  1.00 0.47  ? 53 PHE A HD2  1 
ATOM 541  H HE1  . PHE A 1 53 ? 1.978   3.147   -3.371  1.00 0.34  ? 53 PHE A HE1  1 
ATOM 542  H HE2  . PHE A 1 53 ? -1.923  1.814   -4.456  1.00 0.53  ? 53 PHE A HE2  1 
ATOM 543  H HZ   . PHE A 1 53 ? 0.449   2.144   -5.023  1.00 0.44  ? 53 PHE A HZ   1 
ATOM 544  N N    . VAL A 1 54 ? -0.882  3.422   3.306   1.00 0.30  ? 54 VAL A N    1 
ATOM 545  C CA   . VAL A 1 54 ? -1.542  3.685   4.579   1.00 0.39  ? 54 VAL A CA   1 
ATOM 546  C C    . VAL A 1 54 ? -0.532  4.129   5.631   1.00 0.60  ? 54 VAL A C    1 
ATOM 547  O O    . VAL A 1 54 ? 0.432   3.421   5.917   1.00 1.11  ? 54 VAL A O    1 
ATOM 548  C CB   . VAL A 1 54 ? -2.308  2.450   5.094   1.00 0.63  ? 54 VAL A CB   1 
ATOM 549  C CG1  . VAL A 1 54 ? -1.386  1.244   5.209   1.00 1.02  ? 54 VAL A CG1  1 
ATOM 550  C CG2  . VAL A 1 54 ? -2.972  2.755   6.426   1.00 1.57  ? 54 VAL A CG2  1 
ATOM 551  H H    . VAL A 1 54 ? 0.094   3.499   3.251   1.00 0.30  ? 54 VAL A H    1 
ATOM 552  H HA   . VAL A 1 54 ? -2.254  4.484   4.423   1.00 0.75  ? 54 VAL A HA   1 
ATOM 553  H HB   . VAL A 1 54 ? -3.083  2.211   4.380   1.00 1.39  ? 54 VAL A HB   1 
ATOM 554  H HG11 . VAL A 1 54 ? -0.962  1.021   4.241   1.00 1.62  ? 54 VAL A HG11 1 
ATOM 555  H HG12 . VAL A 1 54 ? -0.592  1.462   5.907   1.00 1.51  ? 54 VAL A HG12 1 
ATOM 556  H HG13 . VAL A 1 54 ? -1.950  0.393   5.560   1.00 1.70  ? 54 VAL A HG13 1 
ATOM 557  H HG21 . VAL A 1 54 ? -3.653  3.584   6.307   1.00 2.08  ? 54 VAL A HG21 1 
ATOM 558  H HG22 . VAL A 1 54 ? -3.516  1.887   6.765   1.00 1.97  ? 54 VAL A HG22 1 
ATOM 559  H HG23 . VAL A 1 54 ? -2.216  3.012   7.154   1.00 2.09  ? 54 VAL A HG23 1 
ATOM 560  N N    . LEU A 1 55 ? -0.756  5.305   6.205   1.00 1.09  ? 55 LEU A N    1 
ATOM 561  C CA   . LEU A 1 55 ? 0.146   5.832   7.222   1.00 1.36  ? 55 LEU A CA   1 
ATOM 562  C C    . LEU A 1 55 ? -0.574  6.049   8.543   1.00 1.09  ? 55 LEU A C    1 
ATOM 563  O O    . LEU A 1 55 ? -1.793  6.215   8.581   1.00 1.45  ? 55 LEU A O    1 
ATOM 564  C CB   . LEU A 1 55 ? 0.766   7.149   6.756   1.00 2.28  ? 55 LEU A CB   1 
ATOM 565  C CG   . LEU A 1 55 ? 1.745   7.785   7.742   1.00 2.76  ? 55 LEU A CG   1 
ATOM 566  C CD1  . LEU A 1 55 ? 3.019   8.210   7.030   1.00 3.41  ? 55 LEU A CD1  1 
ATOM 567  C CD2  . LEU A 1 55 ? 1.097   8.970   8.440   1.00 3.15  ? 55 LEU A CD2  1 
ATOM 568  H H    . LEU A 1 55 ? -1.541  5.829   5.941   1.00 1.55  ? 55 LEU A H    1 
ATOM 569  H HA   . LEU A 1 55 ? 0.934   5.109   7.370   1.00 1.48  ? 55 LEU A HA   1 
ATOM 570  H HB2  . LEU A 1 55 ? 1.286   6.971   5.826   1.00 2.74  ? 55 LEU A HB2  1 
ATOM 571  H HB3  . LEU A 1 55 ? -0.032  7.853   6.575   1.00 2.45  ? 55 LEU A HB3  1 
ATOM 572  H HG   . LEU A 1 55 ? 2.011   7.058   8.495   1.00 2.85  ? 55 LEU A HG   1 
ATOM 573  H HD11 . LEU A 1 55 ? 2.835   8.265   5.967   1.00 3.85  ? 55 LEU A HD11 1 
ATOM 574  H HD12 . LEU A 1 55 ? 3.328   9.179   7.393   1.00 3.71  ? 55 LEU A HD12 1 
ATOM 575  H HD13 . LEU A 1 55 ? 3.798   7.486   7.223   1.00 3.66  ? 55 LEU A HD13 1 
ATOM 576  H HD21 . LEU A 1 55 ? 0.176   8.654   8.906   1.00 3.59  ? 55 LEU A HD21 1 
ATOM 577  H HD22 . LEU A 1 55 ? 1.768   9.356   9.192   1.00 3.66  ? 55 LEU A HD22 1 
ATOM 578  H HD23 . LEU A 1 55 ? 0.885   9.743   7.716   1.00 2.99  ? 55 LEU A HD23 1 
ATOM 579  N N    . MET A 1 56 ? 0.195   6.050   9.626   1.00 0.97  ? 56 MET A N    1 
ATOM 580  C CA   . MET A 1 56 ? -0.357  6.263   10.952  1.00 1.20  ? 56 MET A CA   1 
ATOM 581  C C    . MET A 1 56 ? -0.379  7.754   11.279  1.00 1.46  ? 56 MET A C    1 
ATOM 582  O O    . MET A 1 56 ? 0.526   8.279   11.926  1.00 1.59  ? 56 MET A O    1 
ATOM 583  C CB   . MET A 1 56 ? 0.439   5.490   12.011  1.00 1.46  ? 56 MET A CB   1 
ATOM 584  C CG   . MET A 1 56 ? 1.941   5.739   11.976  1.00 1.53  ? 56 MET A CG   1 
ATOM 585  S SD   . MET A 1 56 ? 2.778   4.813   10.677  1.00 2.19  ? 56 MET A SD   1 
ATOM 586  C CE   . MET A 1 56 ? 4.485   5.251   10.989  1.00 2.12  ? 56 MET A CE   1 
ATOM 587  H H    . MET A 1 56 ? 1.158   5.905   9.527   1.00 1.11  ? 56 MET A H    1 
ATOM 588  H HA   . MET A 1 56 ? -1.375  5.899   10.944  1.00 1.33  ? 56 MET A HA   1 
ATOM 589  H HB2  . MET A 1 56 ? 0.075   5.769   12.987  1.00 1.87  ? 56 MET A HB2  1 
ATOM 590  H HB3  . MET A 1 56 ? 0.270   4.434   11.865  1.00 2.15  ? 56 MET A HB3  1 
ATOM 591  H HG2  . MET A 1 56 ? 2.116   6.791   11.813  1.00 2.04  ? 56 MET A HG2  1 
ATOM 592  H HG3  . MET A 1 56 ? 2.360   5.452   12.930  1.00 1.88  ? 56 MET A HG3  1 
ATOM 593  H HE1  . MET A 1 56 ? 4.755   4.955   11.992  1.00 2.45  ? 56 MET A HE1  1 
ATOM 594  H HE2  . MET A 1 56 ? 5.123   4.744   10.280  1.00 2.18  ? 56 MET A HE2  1 
ATOM 595  H HE3  . MET A 1 56 ? 4.609   6.318   10.883  1.00 2.60  ? 56 MET A HE3  1 
ATOM 596  N N    . GLY A 1 57 ? -1.417  8.432   10.809  1.00 1.79  ? 57 GLY A N    1 
ATOM 597  C CA   . GLY A 1 57 ? -1.541  9.854   11.048  1.00 2.16  ? 57 GLY A CA   1 
ATOM 598  C C    . GLY A 1 57 ? -2.464  10.525  10.054  1.00 2.37  ? 57 GLY A C    1 
ATOM 599  O O    . GLY A 1 57 ? -3.621  10.807  10.368  1.00 2.69  ? 57 GLY A O    1 
ATOM 600  H H    . GLY A 1 57 ? -2.107  7.961   10.297  1.00 1.91  ? 57 GLY A H    1 
ATOM 601  H HA2  . GLY A 1 57 ? -1.928  10.009  12.046  1.00 2.27  ? 57 GLY A HA2  1 
ATOM 602  H HA3  . GLY A 1 57 ? -0.563  10.308  10.978  1.00 2.26  ? 57 GLY A HA3  1 
ATOM 603  N N    . GLU A 1 58 ? -1.960  10.772  8.847   1.00 2.47  ? 58 GLU A N    1 
ATOM 604  C CA   . GLU A 1 58 ? -2.756  11.422  7.811   1.00 2.75  ? 58 GLU A CA   1 
ATOM 605  C C    . GLU A 1 58 ? -2.056  11.382  6.455   1.00 2.58  ? 58 GLU A C    1 
ATOM 606  O O    . GLU A 1 58 ? -2.557  11.934  5.475   1.00 2.85  ? 58 GLU A O    1 
ATOM 607  C CB   . GLU A 1 58 ? -3.041  12.871  8.202   1.00 3.29  ? 58 GLU A CB   1 
ATOM 608  C CG   . GLU A 1 58 ? -1.809  13.625  8.672   1.00 3.52  ? 58 GLU A CG   1 
ATOM 609  C CD   . GLU A 1 58 ? -2.126  15.041  9.106   1.00 4.04  ? 58 GLU A CD   1 
ATOM 610  O OE1  . GLU A 1 58 ? -3.001  15.211  9.980   1.00 4.30  ? 58 GLU A OE1  1 
ATOM 611  O OE2  . GLU A 1 58 ? -1.501  15.979  8.571   1.00 4.46  ? 58 GLU A OE2  1 
ATOM 612  H H    . GLU A 1 58 ? -1.036  10.510  8.650   1.00 2.55  ? 58 GLU A H    1 
ATOM 613  H HA   . GLU A 1 58 ? -3.692  10.891  7.733   1.00 2.80  ? 58 GLU A HA   1 
ATOM 614  H HB2  . GLU A 1 58 ? -3.450  13.389  7.348   1.00 3.44  ? 58 GLU A HB2  1 
ATOM 615  H HB3  . GLU A 1 58 ? -3.769  12.880  9.000   1.00 3.74  ? 58 GLU A HB3  1 
ATOM 616  H HG2  . GLU A 1 58 ? -1.376  13.097  9.508   1.00 3.80  ? 58 GLU A HG2  1 
ATOM 617  H HG3  . GLU A 1 58 ? -1.094  13.663  7.863   1.00 3.49  ? 58 GLU A HG3  1 
ATOM 618  N N    . SER A 1 59 ? -0.899  10.729  6.398   1.00 2.22  ? 59 SER A N    1 
ATOM 619  C CA   . SER A 1 59 ? -0.145  10.627  5.153   1.00 2.10  ? 59 SER A CA   1 
ATOM 620  C C    . SER A 1 59 ? -0.353  9.262   4.507   1.00 1.73  ? 59 SER A C    1 
ATOM 621  O O    . SER A 1 59 ? -1.239  8.505   4.909   1.00 1.74  ? 59 SER A O    1 
ATOM 622  C CB   . SER A 1 59 ? 1.345   10.856  5.412   1.00 2.18  ? 59 SER A CB   1 
ATOM 623  O OG   . SER A 1 59 ? 1.550   11.927  6.315   1.00 2.84  ? 59 SER A OG   1 
ATOM 624  H H    . SER A 1 59 ? -0.548  10.307  7.208   1.00 2.09  ? 59 SER A H    1 
ATOM 625  H HA   . SER A 1 59 ? -0.506  11.390  4.481   1.00 2.30  ? 59 SER A HA   1 
ATOM 626  H HB2  . SER A 1 59 ? 1.776   9.963   5.831   1.00 2.24  ? 59 SER A HB2  1 
ATOM 627  H HB3  . SER A 1 59 ? 1.839   11.089  4.479   1.00 2.38  ? 59 SER A HB3  1 
ATOM 628  H HG   . SER A 1 59 ? 0.988   11.808  7.085   1.00 3.22  ? 59 SER A HG   1 
ATOM 629  N N    . PHE A 1 60 ? 0.458   8.955   3.500   1.00 1.47  ? 60 PHE A N    1 
ATOM 630  C CA   . PHE A 1 60 ? 0.365   7.676   2.804   1.00 1.16  ? 60 PHE A CA   1 
ATOM 631  C C    . PHE A 1 60 ? 1.741   7.190   2.364   1.00 0.95  ? 60 PHE A C    1 
ATOM 632  O O    . PHE A 1 60 ? 2.139   7.400   1.218   1.00 1.15  ? 60 PHE A O    1 
ATOM 633  C CB   . PHE A 1 60 ? -0.535  7.792   1.570   1.00 1.33  ? 60 PHE A CB   1 
ATOM 634  C CG   . PHE A 1 60 ? -1.943  8.211   1.872   1.00 1.69  ? 60 PHE A CG   1 
ATOM 635  C CD1  . PHE A 1 60 ? -2.904  7.266   2.189   1.00 2.17  ? 60 PHE A CD1  1 
ATOM 636  C CD2  . PHE A 1 60 ? -2.308  9.547   1.831   1.00 2.00  ? 60 PHE A CD2  1 
ATOM 637  C CE1  . PHE A 1 60 ? -4.203  7.646   2.462   1.00 3.00  ? 60 PHE A CE1  1 
ATOM 638  C CE2  . PHE A 1 60 ? -3.606  9.933   2.102   1.00 2.65  ? 60 PHE A CE2  1 
ATOM 639  C CZ   . PHE A 1 60 ? -4.556  8.982   2.418   1.00 3.20  ? 60 PHE A CZ   1 
ATOM 640  H H    . PHE A 1 60 ? 1.136   9.605   3.217   1.00 1.53  ? 60 PHE A H    1 
ATOM 641  H HA   . PHE A 1 60 ? -0.061  6.956   3.485   1.00 1.09  ? 60 PHE A HA   1 
ATOM 642  H HB2  . PHE A 1 60 ? -0.113  8.520   0.896   1.00 1.76  ? 60 PHE A HB2  1 
ATOM 643  H HB3  . PHE A 1 60 ? -0.573  6.834   1.074   1.00 1.40  ? 60 PHE A HB3  1 
ATOM 644  H HD1  . PHE A 1 60 ? -2.630  6.222   2.224   1.00 2.04  ? 60 PHE A HD1  1 
ATOM 645  H HD2  . PHE A 1 60 ? -1.566  10.293  1.582   1.00 1.95  ? 60 PHE A HD2  1 
ATOM 646  H HE1  . PHE A 1 60 ? -4.944  6.900   2.710   1.00 3.57  ? 60 PHE A HE1  1 
ATOM 647  H HE2  . PHE A 1 60 ? -3.880  10.978  2.067   1.00 2.87  ? 60 PHE A HE2  1 
ATOM 648  H HZ   . PHE A 1 60 ? -5.571  9.280   2.632   1.00 3.87  ? 60 PHE A HZ   1 
ATOM 649  N N    . LEU A 1 61 ? 2.478   6.555   3.269   1.00 0.66  ? 61 LEU A N    1 
ATOM 650  C CA   . LEU A 1 61 ? 3.796   6.041   2.918   1.00 0.72  ? 61 LEU A CA   1 
ATOM 651  C C    . LEU A 1 61 ? 3.658   4.686   2.223   1.00 0.60  ? 61 LEU A C    1 
ATOM 652  O O    . LEU A 1 61 ? 2.959   3.793   2.702   1.00 0.60  ? 61 LEU A O    1 
ATOM 653  C CB   . LEU A 1 61 ? 4.736   5.989   4.144   1.00 0.93  ? 61 LEU A CB   1 
ATOM 654  C CG   . LEU A 1 61 ? 4.481   4.919   5.222   1.00 0.95  ? 61 LEU A CG   1 
ATOM 655  C CD1  . LEU A 1 61 ? 3.003   4.750   5.524   1.00 1.86  ? 61 LEU A CD1  1 
ATOM 656  C CD2  . LEU A 1 61 ? 5.117   3.593   4.834   1.00 1.33  ? 61 LEU A CD2  1 
ATOM 657  H H    . LEU A 1 61 ? 2.134   6.436   4.178   1.00 0.56  ? 61 LEU A H    1 
ATOM 658  H HA   . LEU A 1 61 ? 4.215   6.733   2.201   1.00 0.89  ? 61 LEU A HA   1 
ATOM 659  H HB2  . LEU A 1 61 ? 5.741   5.845   3.779   1.00 1.66  ? 61 LEU A HB2  1 
ATOM 660  H HB3  . LEU A 1 61 ? 4.695   6.956   4.626   1.00 1.65  ? 61 LEU A HB3  1 
ATOM 661  H HG   . LEU A 1 61 ? 4.954   5.244   6.138   1.00 1.72  ? 61 LEU A HG   1 
ATOM 662  H HD11 . LEU A 1 61 ? 2.468   4.535   4.612   1.00 2.28  ? 61 LEU A HD11 1 
ATOM 663  H HD12 . LEU A 1 61 ? 2.867   3.935   6.221   1.00 2.46  ? 61 LEU A HD12 1 
ATOM 664  H HD13 . LEU A 1 61 ? 2.621   5.660   5.958   1.00 2.26  ? 61 LEU A HD13 1 
ATOM 665  H HD21 . LEU A 1 61 ? 6.176   3.737   4.670   1.00 1.78  ? 61 LEU A HD21 1 
ATOM 666  H HD22 . LEU A 1 61 ? 4.971   2.878   5.630   1.00 1.78  ? 61 LEU A HD22 1 
ATOM 667  H HD23 . LEU A 1 61 ? 4.661   3.223   3.929   1.00 1.88  ? 61 LEU A HD23 1 
ATOM 668  N N    . ARG A 1 62 ? 4.305   4.556   1.071   1.00 0.60  ? 62 ARG A N    1 
ATOM 669  C CA   . ARG A 1 62 ? 4.228   3.330   0.284   1.00 0.55  ? 62 ARG A CA   1 
ATOM 670  C C    . ARG A 1 62 ? 5.235   2.285   0.748   1.00 0.56  ? 62 ARG A C    1 
ATOM 671  O O    . ARG A 1 62 ? 6.347   2.612   1.165   1.00 0.71  ? 62 ARG A O    1 
ATOM 672  C CB   . ARG A 1 62 ? 4.444   3.647   -1.198  1.00 0.61  ? 62 ARG A CB   1 
ATOM 673  C CG   . ARG A 1 62 ? 5.817   4.218   -1.503  1.00 0.71  ? 62 ARG A CG   1 
ATOM 674  C CD   . ARG A 1 62 ? 5.898   4.747   -2.925  1.00 0.88  ? 62 ARG A CD   1 
ATOM 675  N NE   . ARG A 1 62 ? 5.629   3.710   -3.917  1.00 1.69  ? 62 ARG A NE   1 
ATOM 676  C CZ   . ARG A 1 62 ? 5.790   3.884   -5.226  1.00 2.11  ? 62 ARG A CZ   1 
ATOM 677  N NH1  . ARG A 1 62 ? 6.215   5.047   -5.700  1.00 1.81  ? 62 ARG A NH1  1 
ATOM 678  N NH2  . ARG A 1 62 ? 5.526   2.891   -6.063  1.00 3.13  ? 62 ARG A NH2  1 
ATOM 679  H H    . ARG A 1 62 ? 4.849   5.302   0.742   1.00 0.69  ? 62 ARG A H    1 
ATOM 680  H HA   . ARG A 1 62 ? 3.235   2.927   0.408   1.00 0.50  ? 62 ARG A HA   1 
ATOM 681  H HB2  . ARG A 1 62 ? 4.319   2.740   -1.770  1.00 0.63  ? 62 ARG A HB2  1 
ATOM 682  H HB3  . ARG A 1 62 ? 3.702   4.366   -1.512  1.00 0.69  ? 62 ARG A HB3  1 
ATOM 683  H HG2  . ARG A 1 62 ? 6.021   5.027   -0.817  1.00 0.80  ? 62 ARG A HG2  1 
ATOM 684  H HG3  . ARG A 1 62 ? 6.557   3.441   -1.374  1.00 0.70  ? 62 ARG A HG3  1 
ATOM 685  H HD2  . ARG A 1 62 ? 5.173   5.538   -3.042  1.00 0.80  ? 62 ARG A HD2  1 
ATOM 686  H HD3  . ARG A 1 62 ? 6.890   5.143   -3.091  1.00 1.51  ? 62 ARG A HD3  1 
ATOM 687  H HE   . ARG A 1 62 ? 5.315   2.842   -3.591  1.00 2.24  ? 62 ARG A HE   1 
ATOM 688  H HH11 . ARG A 1 62 ? 6.419   5.798   -5.073  1.00 1.53  ? 62 ARG A HH11 1 
ATOM 689  H HH12 . ARG A 1 62 ? 6.335   5.171   -6.685  1.00 2.24  ? 62 ARG A HH12 1 
ATOM 690  H HH21 . ARG A 1 62 ? 5.207   2.011   -5.710  1.00 3.66  ? 62 ARG A HH21 1 
ATOM 691  H HH22 . ARG A 1 62 ? 5.644   3.022   -7.047  1.00 3.47  ? 62 ARG A HH22 1 
ATOM 692  N N    . SER A 1 63 ? 4.826   1.022   0.668   1.00 0.44  ? 63 SER A N    1 
ATOM 693  C CA   . SER A 1 63 ? 5.675   -0.095  1.061   1.00 0.46  ? 63 SER A CA   1 
ATOM 694  C C    . SER A 1 63 ? 6.709   -0.386  -0.026  1.00 0.44  ? 63 SER A C    1 
ATOM 695  O O    . SER A 1 63 ? 6.546   0.045   -1.168  1.00 0.45  ? 63 SER A O    1 
ATOM 696  C CB   . SER A 1 63 ? 4.820   -1.339  1.317   1.00 0.50  ? 63 SER A CB   1 
ATOM 697  O OG   . SER A 1 63 ? 4.111   -1.720  0.152   1.00 0.56  ? 63 SER A OG   1 
ATOM 698  H H    . SER A 1 63 ? 3.922   0.837   0.336   1.00 0.37  ? 63 SER A H    1 
ATOM 699  H HA   . SER A 1 63 ? 6.188   0.178   1.971   1.00 0.53  ? 63 SER A HA   1 
ATOM 700  H HB2  . SER A 1 63 ? 5.458   -2.157  1.616   1.00 0.86  ? 63 SER A HB2  1 
ATOM 701  H HB3  . SER A 1 63 ? 4.110   -1.131  2.103   1.00 0.70  ? 63 SER A HB3  1 
ATOM 702  H HG   . SER A 1 63 ? 4.692   -2.216  -0.430  1.00 1.11  ? 63 SER A HG   1 
ATOM 703  N N    . PRO A 1 64 ? 7.790   -1.122  0.307   1.00 0.47  ? 64 PRO A N    1 
ATOM 704  C CA   . PRO A 1 64 ? 8.840   -1.461  -0.664  1.00 0.54  ? 64 PRO A CA   1 
ATOM 705  C C    . PRO A 1 64 ? 8.364   -2.431  -1.744  1.00 0.68  ? 64 PRO A C    1 
ATOM 706  O O    . PRO A 1 64 ? 9.173   -2.966  -2.501  1.00 1.60  ? 64 PRO A O    1 
ATOM 707  C CB   . PRO A 1 64 ? 9.924   -2.115  0.197   1.00 0.61  ? 64 PRO A CB   1 
ATOM 708  C CG   . PRO A 1 64 ? 9.199   -2.642  1.385   1.00 0.75  ? 64 PRO A CG   1 
ATOM 709  C CD   . PRO A 1 64 ? 8.087   -1.668  1.649   1.00 0.54  ? 64 PRO A CD   1 
ATOM 710  H HA   . PRO A 1 64 ? 9.240   -0.574  -1.133  1.00 0.56  ? 64 PRO A HA   1 
ATOM 711  H HB2  . PRO A 1 64 ? 10.400  -2.910  -0.361  1.00 0.84  ? 64 PRO A HB2  1 
ATOM 712  H HB3  . PRO A 1 64 ? 10.658  -1.376  0.480   1.00 0.78  ? 64 PRO A HB3  1 
ATOM 713  H HG2  . PRO A 1 64 ? 8.798   -3.621  1.168   1.00 1.11  ? 64 PRO A HG2  1 
ATOM 714  H HG3  . PRO A 1 64 ? 9.866   -2.687  2.233   1.00 1.14  ? 64 PRO A HG3  1 
ATOM 715  H HD2  . PRO A 1 64 ? 7.228   -2.178  2.057   1.00 0.59  ? 64 PRO A HD2  1 
ATOM 716  H HD3  . PRO A 1 64 ? 8.419   -0.887  2.317   1.00 0.63  ? 64 PRO A HD3  1 
ATOM 717  N N    . ALA A 1 65 ? 7.050   -2.650  -1.812  1.00 0.51  ? 65 ALA A N    1 
ATOM 718  C CA   . ALA A 1 65 ? 6.460   -3.550  -2.802  1.00 0.43  ? 65 ALA A CA   1 
ATOM 719  C C    . ALA A 1 65 ? 6.880   -4.999  -2.565  1.00 0.42  ? 65 ALA A C    1 
ATOM 720  O O    . ALA A 1 65 ? 8.062   -5.335  -2.637  1.00 0.61  ? 65 ALA A O    1 
ATOM 721  C CB   . ALA A 1 65 ? 6.829   -3.114  -4.213  1.00 0.46  ? 65 ALA A CB   1 
ATOM 722  H H    . ALA A 1 65 ? 6.460   -2.194  -1.178  1.00 1.19  ? 65 ALA A H    1 
ATOM 723  H HA   . ALA A 1 65 ? 5.385   -3.483  -2.705  1.00 0.43  ? 65 ALA A HA   1 
ATOM 724  H HB1  . ALA A 1 65 ? 7.881   -3.293  -4.383  1.00 0.97  ? 65 ALA A HB1  1 
ATOM 725  H HB2  . ALA A 1 65 ? 6.620   -2.061  -4.330  1.00 0.93  ? 65 ALA A HB2  1 
ATOM 726  H HB3  . ALA A 1 65 ? 6.249   -3.678  -4.928  1.00 1.17  ? 65 ALA A HB3  1 
ATOM 727  N N    . PHE A 1 66 ? 5.899   -5.851  -2.285  1.00 0.27  ? 66 PHE A N    1 
ATOM 728  C CA   . PHE A 1 66 ? 6.155   -7.266  -2.041  1.00 0.26  ? 66 PHE A CA   1 
ATOM 729  C C    . PHE A 1 66 ? 5.613   -8.120  -3.183  1.00 0.25  ? 66 PHE A C    1 
ATOM 730  O O    . PHE A 1 66 ? 4.630   -7.754  -3.830  1.00 0.29  ? 66 PHE A O    1 
ATOM 731  C CB   . PHE A 1 66 ? 5.508   -7.703  -0.725  1.00 0.26  ? 66 PHE A CB   1 
ATOM 732  C CG   . PHE A 1 66 ? 6.015   -6.958  0.478   1.00 0.31  ? 66 PHE A CG   1 
ATOM 733  C CD1  . PHE A 1 66 ? 5.478   -5.728  0.824   1.00 0.32  ? 66 PHE A CD1  1 
ATOM 734  C CD2  . PHE A 1 66 ? 7.024   -7.490  1.264   1.00 0.41  ? 66 PHE A CD2  1 
ATOM 735  C CE1  . PHE A 1 66 ? 5.940   -5.042  1.932   1.00 0.38  ? 66 PHE A CE1  1 
ATOM 736  C CE2  . PHE A 1 66 ? 7.490   -6.808  2.371   1.00 0.47  ? 66 PHE A CE2  1 
ATOM 737  C CZ   . PHE A 1 66 ? 6.947   -5.584  2.706   1.00 0.44  ? 66 PHE A CZ   1 
ATOM 738  H H    . PHE A 1 66 ? 4.979   -5.520  -2.238  1.00 0.27  ? 66 PHE A H    1 
ATOM 739  H HA   . PHE A 1 66 ? 7.223   -7.408  -1.974  1.00 0.32  ? 66 PHE A HA   1 
ATOM 740  H HB2  . PHE A 1 66 ? 4.443   -7.545  -0.786  1.00 0.25  ? 66 PHE A HB2  1 
ATOM 741  H HB3  . PHE A 1 66 ? 5.702   -8.755  -0.570  1.00 0.31  ? 66 PHE A HB3  1 
ATOM 742  H HD1  . PHE A 1 66 ? 4.691   -5.303  0.219   1.00 0.34  ? 66 PHE A HD1  1 
ATOM 743  H HD2  . PHE A 1 66 ? 7.451   -8.447  1.002   1.00 0.47  ? 66 PHE A HD2  1 
ATOM 744  H HE1  . PHE A 1 66 ? 5.514   -4.085  2.192   1.00 0.42  ? 66 PHE A HE1  1 
ATOM 745  H HE2  . PHE A 1 66 ? 8.279   -7.234  2.977   1.00 0.57  ? 66 PHE A HE2  1 
ATOM 746  H HZ   . PHE A 1 66 ? 7.310   -5.050  3.573   1.00 0.50  ? 66 PHE A HZ   1 
ATOM 747  N N    . THR A 1 67 ? 6.258   -9.256  -3.431  1.00 0.29  ? 67 THR A N    1 
ATOM 748  C CA   . THR A 1 67 ? 5.823   -10.162 -4.487  1.00 0.32  ? 67 THR A CA   1 
ATOM 749  C C    . THR A 1 67 ? 4.534   -10.866 -4.079  1.00 0.28  ? 67 THR A C    1 
ATOM 750  O O    . THR A 1 67 ? 3.815   -11.413 -4.916  1.00 0.35  ? 67 THR A O    1 
ATOM 751  C CB   . THR A 1 67 ? 6.901   -11.213 -4.816  1.00 0.42  ? 67 THR A CB   1 
ATOM 752  O OG1  . THR A 1 67 ? 6.442   -12.075 -5.865  1.00 0.47  ? 67 THR A OG1  1 
ATOM 753  C CG2  . THR A 1 67 ? 7.248   -12.043 -3.590  1.00 0.46  ? 67 THR A CG2  1 
ATOM 754  H H    . THR A 1 67 ? 7.042   -9.490  -2.892  1.00 0.35  ? 67 THR A H    1 
ATOM 755  H HA   . THR A 1 67 ? 5.636   -9.573  -5.374  1.00 0.33  ? 67 THR A HA   1 
ATOM 756  H HB   . THR A 1 67 ? 7.792   -10.699 -5.149  1.00 0.47  ? 67 THR A HB   1 
ATOM 757  H HG1  . THR A 1 67 ? 7.014   -12.845 -5.920  1.00 0.67  ? 67 THR A HG1  1 
ATOM 758  H HG21 . THR A 1 67 ? 7.620   -11.395 -2.810  1.00 1.15  ? 67 THR A HG21 1 
ATOM 759  H HG22 . THR A 1 67 ? 6.363   -12.555 -3.241  1.00 1.06  ? 67 THR A HG22 1 
ATOM 760  H HG23 . THR A 1 67 ? 8.005   -12.767 -3.849  1.00 1.06  ? 67 THR A HG23 1 
ATOM 761  N N    . VAL A 1 68 ? 4.253   -10.843 -2.777  1.00 0.23  ? 68 VAL A N    1 
ATOM 762  C CA   . VAL A 1 68 ? 3.049   -11.460 -2.236  1.00 0.24  ? 68 VAL A CA   1 
ATOM 763  C C    . VAL A 1 68 ? 2.066   -10.379 -1.776  1.00 0.22  ? 68 VAL A C    1 
ATOM 764  O O    . VAL A 1 68 ? 2.429   -9.507  -0.986  1.00 0.22  ? 68 VAL A O    1 
ATOM 765  C CB   . VAL A 1 68 ? 3.373   -12.389 -1.051  1.00 0.30  ? 68 VAL A CB   1 
ATOM 766  C CG1  . VAL A 1 68 ? 2.172   -13.256 -0.705  1.00 1.03  ? 68 VAL A CG1  1 
ATOM 767  C CG2  . VAL A 1 68 ? 4.588   -13.251 -1.363  1.00 0.96  ? 68 VAL A CG2  1 
ATOM 768  H H    . VAL A 1 68 ? 4.875   -10.397 -2.165  1.00 0.25  ? 68 VAL A H    1 
ATOM 769  H HA   . VAL A 1 68 ? 2.594   -12.047 -3.018  1.00 0.28  ? 68 VAL A HA   1 
ATOM 770  H HB   . VAL A 1 68 ? 3.605   -11.777 -0.192  1.00 0.78  ? 68 VAL A HB   1 
ATOM 771  H HG11 . VAL A 1 68 ? 1.881   -13.830 -1.573  1.00 1.43  ? 68 VAL A HG11 1 
ATOM 772  H HG12 . VAL A 1 68 ? 2.431   -13.928 0.101   1.00 1.55  ? 68 VAL A HG12 1 
ATOM 773  H HG13 . VAL A 1 68 ? 1.350   -12.626 -0.397  1.00 1.71  ? 68 VAL A HG13 1 
ATOM 774  H HG21 . VAL A 1 68 ? 5.438   -12.615 -1.568  1.00 1.55  ? 68 VAL A HG21 1 
ATOM 775  H HG22 . VAL A 1 68 ? 4.809   -13.884 -0.516  1.00 1.72  ? 68 VAL A HG22 1 
ATOM 776  H HG23 . VAL A 1 68 ? 4.382   -13.865 -2.227  1.00 1.21  ? 68 VAL A HG23 1 
ATOM 777  N N    . PRO A 1 69 ? 0.808   -10.417 -2.262  1.00 0.23  ? 69 PRO A N    1 
ATOM 778  C CA   . PRO A 1 69 ? -0.207  -9.414  -1.907  1.00 0.24  ? 69 PRO A CA   1 
ATOM 779  C C    . PRO A 1 69 ? -0.495  -9.340  -0.410  1.00 0.26  ? 69 PRO A C    1 
ATOM 780  O O    . PRO A 1 69 ? -0.449  -8.262  0.182   1.00 0.29  ? 69 PRO A O    1 
ATOM 781  C CB   . PRO A 1 69 ? -1.459  -9.879  -2.659  1.00 0.29  ? 69 PRO A CB   1 
ATOM 782  C CG   . PRO A 1 69 ? -0.956  -10.768 -3.741  1.00 0.32  ? 69 PRO A CG   1 
ATOM 783  C CD   . PRO A 1 69 ? 0.272   -11.429 -3.189  1.00 0.28  ? 69 PRO A CD   1 
ATOM 784  H HA   . PRO A 1 69 ? 0.075   -8.434  -2.260  1.00 0.24  ? 69 PRO A HA   1 
ATOM 785  H HB2  . PRO A 1 69 ? -2.110  -10.412 -1.982  1.00 0.33  ? 69 PRO A HB2  1 
ATOM 786  H HB3  . PRO A 1 69 ? -1.977  -9.023  -3.062  1.00 0.30  ? 69 PRO A HB3  1 
ATOM 787  H HG2  . PRO A 1 69 ? -1.703  -11.508 -3.987  1.00 0.35  ? 69 PRO A HG2  1 
ATOM 788  H HG3  . PRO A 1 69 ? -0.707  -10.181 -4.612  1.00 0.35  ? 69 PRO A HG3  1 
ATOM 789  H HD2  . PRO A 1 69 ? 0.010   -12.336 -2.664  1.00 0.32  ? 69 PRO A HD2  1 
ATOM 790  H HD3  . PRO A 1 69 ? 0.976   -11.639 -3.981  1.00 0.28  ? 69 PRO A HD3  1 
ATOM 791  N N    . GLU A 1 70 ? -0.801  -10.484 0.194   1.00 0.28  ? 70 GLU A N    1 
ATOM 792  C CA   . GLU A 1 70 ? -1.118  -10.530 1.619   1.00 0.33  ? 70 GLU A CA   1 
ATOM 793  C C    . GLU A 1 70 ? 0.036   -10.017 2.475   1.00 0.30  ? 70 GLU A C    1 
ATOM 794  O O    . GLU A 1 70 ? -0.187  -9.438  3.537   1.00 0.36  ? 70 GLU A O    1 
ATOM 795  C CB   . GLU A 1 70 ? -1.504  -11.948 2.041   1.00 0.41  ? 70 GLU A CB   1 
ATOM 796  C CG   . GLU A 1 70 ? -0.495  -13.009 1.642   1.00 1.30  ? 70 GLU A CG   1 
ATOM 797  C CD   . GLU A 1 70 ? -0.923  -14.397 2.074   1.00 2.03  ? 70 GLU A CD   1 
ATOM 798  O OE1  . GLU A 1 70 ? -1.996  -14.854 1.626   1.00 2.57  ? 70 GLU A OE1  1 
ATOM 799  O OE2  . GLU A 1 70 ? -0.186  -15.027 2.859   1.00 2.58  ? 70 GLU A OE2  1 
ATOM 800  H H    . GLU A 1 70 ? -0.813  -11.313 -0.327  1.00 0.29  ? 70 GLU A H    1 
ATOM 801  H HA   . GLU A 1 70 ? -1.968  -9.884  1.778   1.00 0.39  ? 70 GLU A HA   1 
ATOM 802  H HB2  . GLU A 1 70 ? -1.613  -11.974 3.114   1.00 1.05  ? 70 GLU A HB2  1 
ATOM 803  H HB3  . GLU A 1 70 ? -2.452  -12.199 1.588   1.00 1.03  ? 70 GLU A HB3  1 
ATOM 804  H HG2  . GLU A 1 70 ? -0.384  -13.000 0.569   1.00 1.73  ? 70 GLU A HG2  1 
ATOM 805  H HG3  . GLU A 1 70 ? 0.453   -12.780 2.106   1.00 2.04  ? 70 GLU A HG3  1 
ATOM 806  N N    . SER A 1 71 ? 1.267   -10.225 2.020   1.00 0.27  ? 71 SER A N    1 
ATOM 807  C CA   . SER A 1 71 ? 2.435   -9.765  2.765   1.00 0.29  ? 71 SER A CA   1 
ATOM 808  C C    . SER A 1 71 ? 2.400   -8.249  2.937   1.00 0.26  ? 71 SER A C    1 
ATOM 809  O O    . SER A 1 71 ? 2.798   -7.722  3.975   1.00 0.28  ? 71 SER A O    1 
ATOM 810  C CB   . SER A 1 71 ? 3.726   -10.181 2.056   1.00 0.38  ? 71 SER A CB   1 
ATOM 811  O OG   . SER A 1 71 ? 3.888   -11.588 2.076   1.00 1.23  ? 71 SER A OG   1 
ATOM 812  H H    . SER A 1 71 ? 1.392   -10.695 1.170   1.00 0.28  ? 71 SER A H    1 
ATOM 813  H HA   . SER A 1 71 ? 2.407   -10.225 3.742   1.00 0.33  ? 71 SER A HA   1 
ATOM 814  H HB2  . SER A 1 71 ? 3.693   -9.850  1.029   1.00 0.79  ? 71 SER A HB2  1 
ATOM 815  H HB3  . SER A 1 71 ? 4.569   -9.727  2.554   1.00 0.96  ? 71 SER A HB3  1 
ATOM 816  H HG   . SER A 1 71 ? 4.801   -11.802 2.283   1.00 1.26  ? 71 SER A HG   1 
ATOM 817  N N    . ALA A 1 72 ? 1.917   -7.556  1.909   1.00 0.26  ? 72 ALA A N    1 
ATOM 818  C CA   . ALA A 1 72 ? 1.825   -6.102  1.942   1.00 0.29  ? 72 ALA A CA   1 
ATOM 819  C C    . ALA A 1 72 ? 0.536   -5.653  2.621   1.00 0.25  ? 72 ALA A C    1 
ATOM 820  O O    . ALA A 1 72 ? 0.471   -4.565  3.195   1.00 0.26  ? 72 ALA A O    1 
ATOM 821  C CB   . ALA A 1 72 ? 1.908   -5.539  0.532   1.00 0.37  ? 72 ALA A CB   1 
ATOM 822  H H    . ALA A 1 72 ? 1.615   -8.036  1.109   1.00 0.28  ? 72 ALA A H    1 
ATOM 823  H HA   . ALA A 1 72 ? 2.668   -5.728  2.505   1.00 0.32  ? 72 ALA A HA   1 
ATOM 824  H HB1  . ALA A 1 72 ? 1.948   -4.460  0.577   1.00 0.95  ? 72 ALA A HB1  1 
ATOM 825  H HB2  . ALA A 1 72 ? 2.800   -5.911  0.047   1.00 1.19  ? 72 ALA A HB2  1 
ATOM 826  H HB3  . ALA A 1 72 ? 1.040   -5.843  -0.031  1.00 1.06  ? 72 ALA A HB3  1 
ATOM 827  N N    . GLN A 1 73 ? -0.489  -6.500  2.554   1.00 0.26  ? 73 GLN A N    1 
ATOM 828  C CA   . GLN A 1 73 ? -1.778  -6.194  3.165   1.00 0.29  ? 73 GLN A CA   1 
ATOM 829  C C    . GLN A 1 73 ? -1.659  -6.158  4.684   1.00 0.25  ? 73 GLN A C    1 
ATOM 830  O O    . GLN A 1 73 ? -2.014  -5.168  5.320   1.00 0.25  ? 73 GLN A O    1 
ATOM 831  C CB   . GLN A 1 73 ? -2.824  -7.234  2.759   1.00 0.39  ? 73 GLN A CB   1 
ATOM 832  C CG   . GLN A 1 73 ? -4.187  -7.006  3.396   1.00 0.46  ? 73 GLN A CG   1 
ATOM 833  C CD   . GLN A 1 73 ? -5.041  -8.258  3.408   1.00 1.02  ? 73 GLN A CD   1 
ATOM 834  O OE1  . GLN A 1 73 ? -4.528  -9.373  3.483   1.00 2.03  ? 73 GLN A OE1  1 
ATOM 835  N NE2  . GLN A 1 73 ? -6.355  -8.080  3.333   1.00 1.26  ? 73 GLN A NE2  1 
ATOM 836  H H    . GLN A 1 73 ? -0.373  -7.351  2.084   1.00 0.28  ? 73 GLN A H    1 
ATOM 837  H HA   . GLN A 1 73 ? -2.091  -5.221  2.815   1.00 0.33  ? 73 GLN A HA   1 
ATOM 838  H HB2  . GLN A 1 73 ? -2.944  -7.206  1.686   1.00 0.48  ? 73 GLN A HB2  1 
ATOM 839  H HB3  . GLN A 1 73 ? -2.474  -8.214  3.048   1.00 0.42  ? 73 GLN A HB3  1 
ATOM 840  H HG2  . GLN A 1 73 ? -4.044  -6.679  4.415   1.00 0.59  ? 73 GLN A HG2  1 
ATOM 841  H HG3  . GLN A 1 73 ? -4.706  -6.239  2.841   1.00 0.91  ? 73 GLN A HG3  1 
ATOM 842  H HE21 . GLN A 1 73 ? -6.694  -7.163  3.275   1.00 1.66  ? 73 GLN A HE21 1 
ATOM 843  H HE22 . GLN A 1 73 ? -6.930  -8.873  3.340   1.00 1.67  ? 73 GLN A HE22 1 
ATOM 844  N N    . ARG A 1 74 ? -1.162  -7.253  5.250   1.00 0.25  ? 74 ARG A N    1 
ATOM 845  C CA   . ARG A 1 74 ? -0.989  -7.368  6.692   1.00 0.27  ? 74 ARG A CA   1 
ATOM 846  C C    . ARG A 1 74 ? -0.175  -6.204  7.239   1.00 0.20  ? 74 ARG A C    1 
ATOM 847  O O    . ARG A 1 74 ? -0.584  -5.542  8.189   1.00 0.19  ? 74 ARG A O    1 
ATOM 848  C CB   . ARG A 1 74 ? -0.302  -8.690  7.030   1.00 0.36  ? 74 ARG A CB   1 
ATOM 849  C CG   . ARG A 1 74 ? -1.012  -9.901  6.447   1.00 1.14  ? 74 ARG A CG   1 
ATOM 850  C CD   . ARG A 1 74 ? -0.125  -11.132 6.472   1.00 1.28  ? 74 ARG A CD   1 
ATOM 851  N NE   . ARG A 1 74 ? 0.080   -11.626 7.827   1.00 1.76  ? 74 ARG A NE   1 
ATOM 852  C CZ   . ARG A 1 74 ? -0.430  -12.764 8.275   1.00 2.32  ? 74 ARG A CZ   1 
ATOM 853  N NH1  . ARG A 1 74 ? -1.181  -13.516 7.482   1.00 2.52  ? 74 ARG A NH1  1 
ATOM 854  N NH2  . ARG A 1 74 ? -0.195  -13.151 9.519   1.00 3.32  ? 74 ARG A NH2  1 
ATOM 855  H H    . ARG A 1 74 ? -0.905  -8.006  4.680   1.00 0.27  ? 74 ARG A H    1 
ATOM 856  H HA   . ARG A 1 74 ? -1.968  -7.355  7.148   1.00 0.33  ? 74 ARG A HA   1 
ATOM 857  H HB2  . ARG A 1 74 ? 0.706   -8.669  6.644   1.00 0.66  ? 74 ARG A HB2  1 
ATOM 858  H HB3  . ARG A 1 74 ? -0.267  -8.802  8.103   1.00 0.79  ? 74 ARG A HB3  1 
ATOM 859  H HG2  . ARG A 1 74 ? -1.899  -10.098 7.028   1.00 1.72  ? 74 ARG A HG2  1 
ATOM 860  H HG3  . ARG A 1 74 ? -1.289  -9.688  5.426   1.00 1.59  ? 74 ARG A HG3  1 
ATOM 861  H HD2  . ARG A 1 74 ? -0.591  -11.907 5.882   1.00 1.84  ? 74 ARG A HD2  1 
ATOM 862  H HD3  . ARG A 1 74 ? 0.833   -10.879 6.040   1.00 1.70  ? 74 ARG A HD3  1 
ATOM 863  H HE   . ARG A 1 74 ? 0.628   -11.082 8.431   1.00 2.34  ? 74 ARG A HE   1 
ATOM 864  H HH11 . ARG A 1 74 ? -1.365  -13.225 6.543   1.00 2.38  ? 74 ARG A HH11 1 
ATOM 865  H HH12 . ARG A 1 74 ? -1.564  -14.375 7.823   1.00 3.26  ? 74 ARG A HH12 1 
ATOM 866  H HH21 . ARG A 1 74 ? 0.368   -12.585 10.120  1.00 3.74  ? 74 ARG A HH21 1 
ATOM 867  H HH22 . ARG A 1 74 ? -0.580  -14.010 9.857   1.00 3.90  ? 74 ARG A HH22 1 
ATOM 868  N N    . TRP A 1 75 ? 0.982   -5.963  6.631   1.00 0.18  ? 75 TRP A N    1 
ATOM 869  C CA   . TRP A 1 75 ? 1.853   -4.873  7.053   1.00 0.17  ? 75 TRP A CA   1 
ATOM 870  C C    . TRP A 1 75 ? 1.116   -3.537  6.990   1.00 0.16  ? 75 TRP A C    1 
ATOM 871  O O    . TRP A 1 75 ? 1.348   -2.650  7.810   1.00 0.19  ? 75 TRP A O    1 
ATOM 872  C CB   . TRP A 1 75 ? 3.104   -4.828  6.169   1.00 0.21  ? 75 TRP A CB   1 
ATOM 873  C CG   . TRP A 1 75 ? 3.965   -3.621  6.400   1.00 0.25  ? 75 TRP A CG   1 
ATOM 874  C CD1  . TRP A 1 75 ? 5.023   -3.517  7.255   1.00 0.32  ? 75 TRP A CD1  1 
ATOM 875  C CD2  . TRP A 1 75 ? 3.834   -2.346  5.765   1.00 0.27  ? 75 TRP A CD2  1 
ATOM 876  N NE1  . TRP A 1 75 ? 5.561   -2.254  7.188   1.00 0.38  ? 75 TRP A NE1  1 
ATOM 877  C CE2  . TRP A 1 75 ? 4.847   -1.516  6.281   1.00 0.35  ? 75 TRP A CE2  1 
ATOM 878  C CE3  . TRP A 1 75 ? 2.957   -1.827  4.810   1.00 0.27  ? 75 TRP A CE3  1 
ATOM 879  C CZ2  . TRP A 1 75 ? 5.007   -0.196  5.869   1.00 0.41  ? 75 TRP A CZ2  1 
ATOM 880  C CZ3  . TRP A 1 75 ? 3.116   -0.517  4.403   1.00 0.35  ? 75 TRP A CZ3  1 
ATOM 881  C CH2  . TRP A 1 75 ? 4.132   0.285   4.933   1.00 0.41  ? 75 TRP A CH2  1 
ATOM 882  H H    . TRP A 1 75 ? 1.256   -6.531  5.882   1.00 0.19  ? 75 TRP A H    1 
ATOM 883  H HA   . TRP A 1 75 ? 2.150   -5.061  8.074   1.00 0.20  ? 75 TRP A HA   1 
ATOM 884  H HB2  . TRP A 1 75 ? 3.705   -5.704  6.364   1.00 0.26  ? 75 TRP A HB2  1 
ATOM 885  H HB3  . TRP A 1 75 ? 2.803   -4.829  5.131   1.00 0.22  ? 75 TRP A HB3  1 
ATOM 886  H HD1  . TRP A 1 75 ? 5.377   -4.318  7.887   1.00 0.36  ? 75 TRP A HD1  1 
ATOM 887  H HE1  . TRP A 1 75 ? 6.330   -1.933  7.704   1.00 0.45  ? 75 TRP A HE1  1 
ATOM 888  H HE3  . TRP A 1 75 ? 2.167   -2.431  4.391   1.00 0.26  ? 75 TRP A HE3  1 
ATOM 889  H HZ2  . TRP A 1 75 ? 5.786   0.437   6.267   1.00 0.49  ? 75 TRP A HZ2  1 
ATOM 890  H HZ3  . TRP A 1 75 ? 2.446   -0.099  3.667   1.00 0.38  ? 75 TRP A HZ3  1 
ATOM 891  H HH2  . TRP A 1 75 ? 4.217   1.303   4.586   1.00 0.47  ? 75 TRP A HH2  1 
ATOM 892  N N    . ALA A 1 76 ? 0.224   -3.408  6.015   1.00 0.17  ? 76 ALA A N    1 
ATOM 893  C CA   . ALA A 1 76 ? -0.546  -2.183  5.833   1.00 0.21  ? 76 ALA A CA   1 
ATOM 894  C C    . ALA A 1 76 ? -1.616  -2.023  6.910   1.00 0.18  ? 76 ALA A C    1 
ATOM 895  O O    . ALA A 1 76 ? -1.843  -0.921  7.411   1.00 0.23  ? 76 ALA A O    1 
ATOM 896  C CB   . ALA A 1 76 ? -1.181  -2.169  4.451   1.00 0.29  ? 76 ALA A CB   1 
ATOM 897  H H    . ALA A 1 76 ? 0.080   -4.156  5.398   1.00 0.18  ? 76 ALA A H    1 
ATOM 898  H HA   . ALA A 1 76 ? 0.137   -1.349  5.894   1.00 0.25  ? 76 ALA A HA   1 
ATOM 899  H HB1  . ALA A 1 76 ? -0.424  -2.362  3.706   1.00 1.06  ? 76 ALA A HB1  1 
ATOM 900  H HB2  . ALA A 1 76 ? -1.627  -1.203  4.269   1.00 1.15  ? 76 ALA A HB2  1 
ATOM 901  H HB3  . ALA A 1 76 ? -1.942  -2.934  4.396   1.00 0.97  ? 76 ALA A HB3  1 
ATOM 902  N N    . ASN A 1 77 ? -2.266  -3.125  7.265   1.00 0.15  ? 77 ASN A N    1 
ATOM 903  C CA   . ASN A 1 77 ? -3.316  -3.101  8.277   1.00 0.17  ? 77 ASN A CA   1 
ATOM 904  C C    . ASN A 1 77 ? -2.734  -2.919  9.677   1.00 0.21  ? 77 ASN A C    1 
ATOM 905  O O    . ASN A 1 77 ? -3.333  -2.262  10.527  1.00 0.29  ? 77 ASN A O    1 
ATOM 906  C CB   . ASN A 1 77 ? -4.140  -4.390  8.223   1.00 0.16  ? 77 ASN A CB   1 
ATOM 907  C CG   . ASN A 1 77 ? -4.819  -4.600  6.880   1.00 0.25  ? 77 ASN A CG   1 
ATOM 908  O OD1  . ASN A 1 77 ? -5.087  -5.732  6.482   1.00 0.64  ? 77 ASN A OD1  1 
ATOM 909  N ND2  . ASN A 1 77 ? -5.104  -3.511  6.175   1.00 0.27  ? 77 ASN A ND2  1 
ATOM 910  H H    . ASN A 1 77 ? -2.035  -3.975  6.838   1.00 0.14  ? 77 ASN A H    1 
ATOM 911  H HA   . ASN A 1 77 ? -3.964  -2.264  8.061   1.00 0.22  ? 77 ASN A HA   1 
ATOM 912  H HB2  . ASN A 1 77 ? -3.490  -5.230  8.408   1.00 0.16  ? 77 ASN A HB2  1 
ATOM 913  H HB3  . ASN A 1 77 ? -4.901  -4.354  8.989   1.00 0.17  ? 77 ASN A HB3  1 
ATOM 914  H HD21 . ASN A 1 77 ? -4.865  -2.638  6.552   1.00 0.55  ? 77 ASN A HD21 1 
ATOM 915  H HD22 . ASN A 1 77 ? -5.545  -3.625  5.307   1.00 0.26  ? 77 ASN A HD22 1 
ATOM 916  N N    . GLN A 1 78 ? -1.563  -3.504  9.909   1.00 0.22  ? 78 GLN A N    1 
ATOM 917  C CA   . GLN A 1 78 ? -0.902  -3.410  11.207  1.00 0.29  ? 78 GLN A CA   1 
ATOM 918  C C    . GLN A 1 78 ? -0.424  -1.988  11.481  1.00 0.29  ? 78 GLN A C    1 
ATOM 919  O O    . GLN A 1 78 ? -0.676  -1.431  12.549  1.00 0.35  ? 78 GLN A O    1 
ATOM 920  C CB   . GLN A 1 78 ? 0.284   -4.374  11.264  1.00 0.37  ? 78 GLN A CB   1 
ATOM 921  C CG   . GLN A 1 78 ? -0.118  -5.838  11.224  1.00 1.27  ? 78 GLN A CG   1 
ATOM 922  C CD   . GLN A 1 78 ? 1.077   -6.766  11.151  1.00 1.54  ? 78 GLN A CD   1 
ATOM 923  O OE1  . GLN A 1 78 ? 1.537   -7.121  10.067  1.00 2.25  ? 78 GLN A OE1  1 
ATOM 924  N NE2  . GLN A 1 78 ? 1.587   -7.164  12.308  1.00 1.75  ? 78 GLN A NE2  1 
ATOM 925  H H    . GLN A 1 78 ? -1.133  -4.010  9.191   1.00 0.21  ? 78 GLN A H    1 
ATOM 926  H HA   . GLN A 1 78 ? -1.619  -3.689  11.965  1.00 0.35  ? 78 GLN A HA   1 
ATOM 927  H HB2  . GLN A 1 78 ? 0.932   -4.178  10.424  1.00 0.95  ? 78 GLN A HB2  1 
ATOM 928  H HB3  . GLN A 1 78 ? 0.832   -4.198  12.178  1.00 1.05  ? 78 GLN A HB3  1 
ATOM 929  H HG2  . GLN A 1 78 ? -0.680  -6.069  12.118  1.00 1.85  ? 78 GLN A HG2  1 
ATOM 930  H HG3  . GLN A 1 78 ? -0.740  -6.005  10.356  1.00 1.96  ? 78 GLN A HG3  1 
ATOM 931  H HE21 . GLN A 1 78 ? 1.169   -6.840  13.134  1.00 2.06  ? 78 GLN A HE21 1 
ATOM 932  H HE22 . GLN A 1 78 ? 2.361   -7.764  12.291  1.00 2.06  ? 78 GLN A HE22 1 
ATOM 933  N N    . ILE A 1 79 ? 0.270   -1.410  10.507  1.00 0.27  ? 79 ILE A N    1 
ATOM 934  C CA   . ILE A 1 79 ? 0.794   -0.053  10.634  1.00 0.30  ? 79 ILE A CA   1 
ATOM 935  C C    . ILE A 1 79 ? -0.338  0.973   10.684  1.00 0.37  ? 79 ILE A C    1 
ATOM 936  O O    . ILE A 1 79 ? -0.113  2.152   10.957  1.00 0.46  ? 79 ILE A O    1 
ATOM 937  C CB   . ILE A 1 79 ? 1.742   0.281   9.461   1.00 0.33  ? 79 ILE A CB   1 
ATOM 938  C CG1  . ILE A 1 79 ? 2.487   1.593   9.726   1.00 0.38  ? 79 ILE A CG1  1 
ATOM 939  C CG2  . ILE A 1 79 ? 0.963   0.359   8.154   1.00 0.40  ? 79 ILE A CG2  1 
ATOM 940  C CD1  . ILE A 1 79 ? 3.540   1.918   8.687   1.00 0.42  ? 79 ILE A CD1  1 
ATOM 941  H H    . ILE A 1 79 ? 0.437   -1.908  9.681   1.00 0.27  ? 79 ILE A H    1 
ATOM 942  H HA   . ILE A 1 79 ? 1.359   0.002   11.554  1.00 0.33  ? 79 ILE A HA   1 
ATOM 943  H HB   . ILE A 1 79 ? 2.460   -0.521  9.373   1.00 0.38  ? 79 ILE A HB   1 
ATOM 944  H HG12 . ILE A 1 79 ? 1.777   2.406   9.741   1.00 0.42  ? 79 ILE A HG12 1 
ATOM 945  H HG13 . ILE A 1 79 ? 2.978   1.531   10.686  1.00 0.45  ? 79 ILE A HG13 1 
ATOM 946  H HG21 . ILE A 1 79 ? 0.408   -0.556  8.011   1.00 1.08  ? 79 ILE A HG21 1 
ATOM 947  H HG22 . ILE A 1 79 ? 0.277   1.193   8.193   1.00 1.14  ? 79 ILE A HG22 1 
ATOM 948  H HG23 . ILE A 1 79 ? 1.650   0.495   7.332   1.00 1.00  ? 79 ILE A HG23 1 
ATOM 949  H HD11 . ILE A 1 79 ? 3.075   1.993   7.715   1.00 1.19  ? 79 ILE A HD11 1 
ATOM 950  H HD12 . ILE A 1 79 ? 4.011   2.858   8.934   1.00 0.93  ? 79 ILE A HD12 1 
ATOM 951  H HD13 . ILE A 1 79 ? 4.284   1.135   8.671   1.00 1.07  ? 79 ILE A HD13 1 
ATOM 952  N N    . ARG A 1 80 ? -1.556  0.513   10.425  1.00 0.40  ? 80 ARG A N    1 
ATOM 953  C CA   . ARG A 1 80 ? -2.724  1.387   10.425  1.00 0.54  ? 80 ARG A CA   1 
ATOM 954  C C    . ARG A 1 80 ? -3.452  1.348   11.766  1.00 0.57  ? 80 ARG A C    1 
ATOM 955  O O    . ARG A 1 80 ? -3.758  2.389   12.348  1.00 0.68  ? 80 ARG A O    1 
ATOM 956  C CB   . ARG A 1 80 ? -3.676  0.971   9.306   1.00 0.64  ? 80 ARG A CB   1 
ATOM 957  C CG   . ARG A 1 80 ? -4.889  1.871   9.160   1.00 0.94  ? 80 ARG A CG   1 
ATOM 958  C CD   . ARG A 1 80 ? -5.811  1.366   8.066   1.00 1.00  ? 80 ARG A CD   1 
ATOM 959  N NE   . ARG A 1 80 ? -6.922  2.276   7.817   1.00 1.25  ? 80 ARG A NE   1 
ATOM 960  C CZ   . ARG A 1 80 ? -7.822  2.092   6.857   1.00 1.67  ? 80 ARG A CZ   1 
ATOM 961  N NH1  . ARG A 1 80 ? -7.741  1.033   6.062   1.00 1.74  ? 80 ARG A NH1  1 
ATOM 962  N NH2  . ARG A 1 80 ? -8.805  2.965   6.694   1.00 2.53  ? 80 ARG A NH2  1 
ATOM 963  H H    . ARG A 1 80 ? -1.674  -0.439  10.230  1.00 0.38  ? 80 ARG A H    1 
ATOM 964  H HA   . ARG A 1 80 ? -2.385  2.396   10.240  1.00 0.60  ? 80 ARG A HA   1 
ATOM 965  H HB2  . ARG A 1 80 ? -3.137  0.979   8.372   1.00 0.96  ? 80 ARG A HB2  1 
ATOM 966  H HB3  . ARG A 1 80 ? -4.022  -0.034  9.501   1.00 0.74  ? 80 ARG A HB3  1 
ATOM 967  H HG2  . ARG A 1 80 ? -5.429  1.889   10.096  1.00 1.12  ? 80 ARG A HG2  1 
ATOM 968  H HG3  . ARG A 1 80 ? -4.559  2.869   8.911   1.00 1.34  ? 80 ARG A HG3  1 
ATOM 969  H HD2  . ARG A 1 80 ? -5.240  1.254   7.156   1.00 1.48  ? 80 ARG A HD2  1 
ATOM 970  H HD3  . ARG A 1 80 ? -6.205  0.406   8.361   1.00 1.49  ? 80 ARG A HD3  1 
ATOM 971  H HE   . ARG A 1 80 ? -7.001  3.065   8.394   1.00 1.70  ? 80 ARG A HE   1 
ATOM 972  H HH11 . ARG A 1 80 ? -7.001  0.371   6.184   1.00 1.69  ? 80 ARG A HH11 1 
ATOM 973  H HH12 . ARG A 1 80 ? -8.420  0.897   5.340   1.00 2.24  ? 80 ARG A HH12 1 
ATOM 974  H HH21 . ARG A 1 80 ? -8.868  3.763   7.293   1.00 2.92  ? 80 ARG A HH21 1 
ATOM 975  H HH22 . ARG A 1 80 ? -9.481  2.827   5.970   1.00 2.95  ? 80 ARG A HH22 1 
ATOM 976  N N    . GLN A 1 81 ? -3.728  0.141   12.247  1.00 0.53  ? 81 GLN A N    1 
ATOM 977  C CA   . GLN A 1 81 ? -4.431  -0.039  13.513  1.00 0.64  ? 81 GLN A CA   1 
ATOM 978  C C    . GLN A 1 81 ? -3.522  0.265   14.697  1.00 0.71  ? 81 GLN A C    1 
ATOM 979  O O    . GLN A 1 81 ? -3.847  1.089   15.551  1.00 0.84  ? 81 GLN A O    1 
ATOM 980  C CB   . GLN A 1 81 ? -4.947  -1.474  13.629  1.00 0.71  ? 81 GLN A CB   1 
ATOM 981  C CG   . GLN A 1 81 ? -5.735  -1.940  12.418  1.00 0.93  ? 81 GLN A CG   1 
ATOM 982  C CD   . GLN A 1 81 ? -5.878  -3.449  12.366  1.00 0.83  ? 81 GLN A CD   1 
ATOM 983  O OE1  . GLN A 1 81 ? -5.949  -4.114  13.399  1.00 1.27  ? 81 GLN A OE1  1 
ATOM 984  N NE2  . GLN A 1 81 ? -5.908  -3.998  11.158  1.00 0.58  ? 81 GLN A NE2  1 
ATOM 985  H H    . GLN A 1 81 ? -3.450  -0.649  11.739  1.00 0.48  ? 81 GLN A H    1 
ATOM 986  H HA   . GLN A 1 81 ? -5.269  0.640   13.531  1.00 0.73  ? 81 GLN A HA   1 
ATOM 987  H HB2  . GLN A 1 81 ? -4.104  -2.136  13.760  1.00 1.10  ? 81 GLN A HB2  1 
ATOM 988  H HB3  . GLN A 1 81 ? -5.586  -1.545  14.497  1.00 1.10  ? 81 GLN A HB3  1 
ATOM 989  H HG2  . GLN A 1 81 ? -6.722  -1.502  12.458  1.00 1.40  ? 81 GLN A HG2  1 
ATOM 990  H HG3  . GLN A 1 81 ? -5.231  -1.608  11.525  1.00 1.39  ? 81 GLN A HG3  1 
ATOM 991  H HE21 . GLN A 1 81 ? -5.839  -3.406  10.379  1.00 0.81  ? 81 GLN A HE21 1 
ATOM 992  H HE22 . GLN A 1 81 ? -5.998  -4.971  11.093  1.00 0.55  ? 81 GLN A HE22 1 
ATOM 993  N N    . GLU A 1 82 ? -2.383  -0.412  14.735  1.00 0.70  ? 82 GLU A N    1 
ATOM 994  C CA   . GLU A 1 82 ? -1.422  -0.243  15.817  1.00 0.84  ? 82 GLU A CA   1 
ATOM 995  C C    . GLU A 1 82 ? -0.540  0.978   15.593  1.00 0.87  ? 82 GLU A C    1 
ATOM 996  O O    . GLU A 1 82 ? 0.134   1.444   16.513  1.00 1.01  ? 82 GLU A O    1 
ATOM 997  C CB   . GLU A 1 82 ? -0.551  -1.491  15.929  1.00 1.10  ? 82 GLU A CB   1 
ATOM 998  C CG   . GLU A 1 82 ? -1.326  -2.788  15.773  1.00 1.72  ? 82 GLU A CG   1 
ATOM 999  C CD   . GLU A 1 82 ? -2.227  -3.075  16.957  1.00 2.35  ? 82 GLU A CD   1 
ATOM 1000 O OE1  . GLU A 1 82 ? -3.122  -2.252  17.236  1.00 2.90  ? 82 GLU A OE1  1 
ATOM 1001 O OE2  . GLU A 1 82 ? -2.039  -4.126  17.600  1.00 2.78  ? 82 GLU A OE2  1 
ATOM 1002 H H    . GLU A 1 82 ? -2.181  -1.045  14.016  1.00 0.67  ? 82 GLU A H    1 
ATOM 1003 H HA   . GLU A 1 82 ? -1.973  -0.115  16.736  1.00 0.93  ? 82 GLU A HA   1 
ATOM 1004 H HB2  . GLU A 1 82 ? 0.210   -1.457  15.162  1.00 1.58  ? 82 GLU A HB2  1 
ATOM 1005 H HB3  . GLU A 1 82 ? -0.075  -1.497  16.897  1.00 1.25  ? 82 GLU A HB3  1 
ATOM 1006 H HG2  . GLU A 1 82 ? -1.935  -2.724  14.884  1.00 2.31  ? 82 GLU A HG2  1 
ATOM 1007 H HG3  . GLU A 1 82 ? -0.623  -3.602  15.668  1.00 2.01  ? 82 GLU A HG3  1 
ATOM 1008 N N    . GLY A 1 83 ? -0.546  1.494   14.371  1.00 0.85  ? 83 GLY A N    1 
ATOM 1009 C CA   . GLY A 1 83 ? 0.273   2.647   14.057  1.00 1.15  ? 83 GLY A CA   1 
ATOM 1010 C C    . GLY A 1 83 ? 1.748   2.346   14.220  1.00 1.46  ? 83 GLY A C    1 
ATOM 1011 O O    . GLY A 1 83 ? 2.351   2.719   15.225  1.00 1.87  ? 83 GLY A O    1 
ATOM 1012 H H    . GLY A 1 83 ? -1.110  1.089   13.679  1.00 0.74  ? 83 GLY A H    1 
ATOM 1013 H HA2  . GLY A 1 83 ? 0.085   2.944   13.035  1.00 1.18  ? 83 GLY A HA2  1 
ATOM 1014 H HA3  . GLY A 1 83 ? 0.005   3.459   14.716  1.00 1.28  ? 83 GLY A HA3  1 
ATOM 1015 N N    . GLU A 1 84 ? 2.318   1.661   13.227  1.00 1.47  ? 84 GLU A N    1 
ATOM 1016 C CA   . GLU A 1 84 ? 3.731   1.284   13.237  1.00 1.92  ? 84 GLU A CA   1 
ATOM 1017 C C    . GLU A 1 84 ? 4.003   0.178   14.253  1.00 2.20  ? 84 GLU A C    1 
ATOM 1018 O O    . GLU A 1 84 ? 4.221   -0.975  13.881  1.00 2.71  ? 84 GLU A O    1 
ATOM 1019 C CB   . GLU A 1 84 ? 4.623   2.501   13.519  1.00 2.32  ? 84 GLU A CB   1 
ATOM 1020 C CG   . GLU A 1 84 ? 6.096   2.162   13.661  1.00 2.71  ? 84 GLU A CG   1 
ATOM 1021 C CD   . GLU A 1 84 ? 6.645   1.438   12.450  1.00 3.12  ? 84 GLU A CD   1 
ATOM 1022 O OE1  . GLU A 1 84 ? 6.713   2.057   11.368  1.00 3.60  ? 84 GLU A OE1  1 
ATOM 1023 O OE2  . GLU A 1 84 ? 7.002   0.250   12.583  1.00 3.40  ? 84 GLU A OE2  1 
ATOM 1024 H H    . GLU A 1 84 ? 1.768   1.401   12.459  1.00 1.30  ? 84 GLU A H    1 
ATOM 1025 H HA   . GLU A 1 84 ? 3.970   0.906   12.253  1.00 2.21  ? 84 GLU A HA   1 
ATOM 1026 H HB2  . GLU A 1 84 ? 4.515   3.205   12.708  1.00 2.77  ? 84 GLU A HB2  1 
ATOM 1027 H HB3  . GLU A 1 84 ? 4.295   2.970   14.435  1.00 2.37  ? 84 GLU A HB3  1 
ATOM 1028 H HG2  . GLU A 1 84 ? 6.652   3.078   13.796  1.00 2.79  ? 84 GLU A HG2  1 
ATOM 1029 H HG3  . GLU A 1 84 ? 6.226   1.532   14.530  1.00 3.27  ? 84 GLU A HG3  1 
ATOM 1030 N N    . VAL A 1 85 ? 3.992   0.533   15.533  1.00 2.25  ? 85 VAL A N    1 
ATOM 1031 C CA   . VAL A 1 85 ? 4.238   -0.434  16.595  1.00 2.89  ? 85 VAL A CA   1 
ATOM 1032 C C    . VAL A 1 85 ? 3.070   -1.401  16.737  1.00 2.85  ? 85 VAL A C    1 
ATOM 1033 O O    . VAL A 1 85 ? 2.036   -1.060  17.308  1.00 2.63  ? 85 VAL A O    1 
ATOM 1034 C CB   . VAL A 1 85 ? 4.482   0.262   17.946  1.00 3.48  ? 85 VAL A CB   1 
ATOM 1035 C CG1  . VAL A 1 85 ? 4.831   -0.757  19.019  1.00 3.87  ? 85 VAL A CG1  1 
ATOM 1036 C CG2  . VAL A 1 85 ? 5.578   1.306   17.817  1.00 3.87  ? 85 VAL A CG2  1 
ATOM 1037 H H    . VAL A 1 85 ? 3.819   1.468   15.770  1.00 2.06  ? 85 VAL A H    1 
ATOM 1038 H HA   . VAL A 1 85 ? 5.126   -0.994  16.337  1.00 3.25  ? 85 VAL A HA   1 
ATOM 1039 H HB   . VAL A 1 85 ? 3.570   0.762   18.239  1.00 3.92  ? 85 VAL A HB   1 
ATOM 1040 H HG11 . VAL A 1 85 ? 4.021   -1.463  19.123  1.00 4.17  ? 85 VAL A HG11 1 
ATOM 1041 H HG12 . VAL A 1 85 ? 5.732   -1.282  18.736  1.00 3.78  ? 85 VAL A HG12 1 
ATOM 1042 H HG13 . VAL A 1 85 ? 4.990   -0.249  19.958  1.00 4.47  ? 85 VAL A HG13 1 
ATOM 1043 H HG21 . VAL A 1 85 ? 5.296   2.036   17.073  1.00 4.06  ? 85 VAL A HG21 1 
ATOM 1044 H HG22 . VAL A 1 85 ? 5.719   1.798   18.768  1.00 4.00  ? 85 VAL A HG22 1 
ATOM 1045 H HG23 . VAL A 1 85 ? 6.499   0.826   17.521  1.00 4.35  ? 85 VAL A HG23 1 
ATOM 1046 N N    . THR A 1 86 ? 3.250   -2.610  16.218  1.00 3.27  ? 86 THR A N    1 
ATOM 1047 C CA   . THR A 1 86 ? 2.216   -3.636  16.276  1.00 3.43  ? 86 THR A CA   1 
ATOM 1048 C C    . THR A 1 86 ? 1.895   -4.023  17.714  1.00 3.92  ? 86 THR A C    1 
ATOM 1049 O O    . THR A 1 86 ? 2.680   -4.707  18.372  1.00 4.55  ? 86 THR A O    1 
ATOM 1050 C CB   . THR A 1 86 ? 2.635   -4.895  15.498  1.00 4.07  ? 86 THR A CB   1 
ATOM 1051 O OG1  . THR A 1 86 ? 2.889   -4.562  14.129  1.00 4.29  ? 86 THR A OG1  1 
ATOM 1052 C CG2  . THR A 1 86 ? 1.557   -5.966  15.570  1.00 4.88  ? 86 THR A CG2  1 
ATOM 1053 H H    . THR A 1 86 ? 4.103   -2.819  15.783  1.00 3.58  ? 86 THR A H    1 
ATOM 1054 H HA   . THR A 1 86 ? 1.325   -3.236  15.814  1.00 2.92  ? 86 THR A HA   1 
ATOM 1055 H HB   . THR A 1 86 ? 3.540   -5.287  15.939  1.00 4.25  ? 86 THR A HB   1 
ATOM 1056 H HG1  . THR A 1 86 ? 2.819   -3.612  14.014  1.00 4.44  ? 86 THR A HG1  1 
ATOM 1057 H HG21 . THR A 1 86 ? 0.632   -5.571  15.174  1.00 5.13  ? 86 THR A HG21 1 
ATOM 1058 H HG22 . THR A 1 86 ? 1.862   -6.821  14.985  1.00 5.39  ? 86 THR A HG22 1 
ATOM 1059 H HG23 . THR A 1 86 ? 1.412   -6.263  16.597  1.00 5.06  ? 86 THR A HG23 1 
ATOM 1060 N N    . GLU A 1 87 ? 0.734   -3.583  18.188  1.00 3.76  ? 87 GLU A N    1 
ATOM 1061 C CA   . GLU A 1 87 ? 0.287   -3.881  19.543  1.00 4.37  ? 87 GLU A CA   1 
ATOM 1062 C C    . GLU A 1 87 ? 1.389   -3.599  20.557  1.00 4.99  ? 87 GLU A C    1 
ATOM 1063 O O    . GLU A 1 87 ? 2.066   -4.560  20.979  1.00 5.23  ? 87 GLU A O    1 
ATOM 1064 C CB   . GLU A 1 87 ? -0.158  -5.343  19.638  1.00 4.53  ? 87 GLU A CB   1 
ATOM 1065 C CG   . GLU A 1 87 ? -1.163  -5.604  20.747  1.00 5.01  ? 87 GLU A CG   1 
ATOM 1066 C CD   . GLU A 1 87 ? -0.647  -5.191  22.109  1.00 5.57  ? 87 GLU A CD   1 
ATOM 1067 O OE1  . GLU A 1 87 ? 0.235   -5.892  22.646  1.00 5.83  ? 87 GLU A OE1  1 
ATOM 1068 O OE2  . GLU A 1 87 ? -1.124  -4.166  22.638  1.00 6.06  ? 87 GLU A OE2  1 
ATOM 1069 O OXT  . GLU A 1 87 ? 1.567   -2.420  20.921  1.00 5.60  ? 87 GLU A OXT  1 
ATOM 1070 H H    . GLU A 1 87 ? 0.161   -3.041  17.609  1.00 3.33  ? 87 GLU A H    1 
ATOM 1071 H HA   . GLU A 1 87 ? -0.557  -3.245  19.760  1.00 4.66  ? 87 GLU A HA   1 
ATOM 1072 H HB2  . GLU A 1 87 ? -0.608  -5.631  18.700  1.00 4.50  ? 87 GLU A HB2  1 
ATOM 1073 H HB3  . GLU A 1 87 ? 0.710   -5.961  19.816  1.00 4.80  ? 87 GLU A HB3  1 
ATOM 1074 H HG2  . GLU A 1 87 ? -2.064  -5.046  20.538  1.00 5.26  ? 87 GLU A HG2  1 
ATOM 1075 H HG3  . GLU A 1 87 ? -1.390  -6.659  20.768  1.00 5.15  ? 87 GLU A HG3  1 
# 
